data_1YZK
# 
_entry.id   1YZK 
# 
_audit_conform.dict_name       mmcif_pdbx.dic 
_audit_conform.dict_version    5.389 
_audit_conform.dict_location   http://mmcif.pdb.org/dictionaries/ascii/mmcif_pdbx.dic 
# 
loop_
_database_2.database_id 
_database_2.database_code 
_database_2.pdbx_database_accession 
_database_2.pdbx_DOI 
PDB   1YZK         pdb_00001yzk 10.2210/pdb1yzk/pdb 
RCSB  RCSB032109   ?            ?                   
WWPDB D_1000032109 ?            ?                   
# 
loop_
_pdbx_audit_revision_history.ordinal 
_pdbx_audit_revision_history.data_content_type 
_pdbx_audit_revision_history.major_revision 
_pdbx_audit_revision_history.minor_revision 
_pdbx_audit_revision_history.revision_date 
1 'Structure model' 1 0 2005-07-26 
2 'Structure model' 1 1 2008-04-30 
3 'Structure model' 1 2 2011-07-13 
4 'Structure model' 1 3 2018-01-31 
5 'Structure model' 1 4 2024-02-14 
6 'Structure model' 1 5 2024-04-03 
# 
_pdbx_audit_revision_details.ordinal             1 
_pdbx_audit_revision_details.revision_ordinal    1 
_pdbx_audit_revision_details.data_content_type   'Structure model' 
_pdbx_audit_revision_details.provider            repository 
_pdbx_audit_revision_details.type                'Initial release' 
_pdbx_audit_revision_details.description         ? 
_pdbx_audit_revision_details.details             ? 
# 
loop_
_pdbx_audit_revision_group.ordinal 
_pdbx_audit_revision_group.revision_ordinal 
_pdbx_audit_revision_group.data_content_type 
_pdbx_audit_revision_group.group 
1 2 'Structure model' 'Version format compliance' 
2 3 'Structure model' 'Version format compliance' 
3 4 'Structure model' 'Experimental preparation'  
4 5 'Structure model' 'Data collection'           
5 5 'Structure model' 'Database references'       
6 5 'Structure model' 'Derived calculations'      
7 6 'Structure model' 'Refinement description'    
# 
loop_
_pdbx_audit_revision_category.ordinal 
_pdbx_audit_revision_category.revision_ordinal 
_pdbx_audit_revision_category.data_content_type 
_pdbx_audit_revision_category.category 
1 4 'Structure model' exptl_crystal_grow            
2 5 'Structure model' chem_comp_atom                
3 5 'Structure model' chem_comp_bond                
4 5 'Structure model' database_2                    
5 5 'Structure model' pdbx_struct_conn_angle        
6 5 'Structure model' struct_conn                   
7 5 'Structure model' struct_ref_seq_dif            
8 5 'Structure model' struct_site                   
9 6 'Structure model' pdbx_initial_refinement_model 
# 
loop_
_pdbx_audit_revision_item.ordinal 
_pdbx_audit_revision_item.revision_ordinal 
_pdbx_audit_revision_item.data_content_type 
_pdbx_audit_revision_item.item 
1  4 'Structure model' '_exptl_crystal_grow.temp'                    
2  5 'Structure model' '_database_2.pdbx_DOI'                        
3  5 'Structure model' '_database_2.pdbx_database_accession'         
4  5 'Structure model' '_pdbx_struct_conn_angle.ptnr1_auth_comp_id'  
5  5 'Structure model' '_pdbx_struct_conn_angle.ptnr1_auth_seq_id'   
6  5 'Structure model' '_pdbx_struct_conn_angle.ptnr1_label_asym_id' 
7  5 'Structure model' '_pdbx_struct_conn_angle.ptnr1_label_atom_id' 
8  5 'Structure model' '_pdbx_struct_conn_angle.ptnr1_label_comp_id' 
9  5 'Structure model' '_pdbx_struct_conn_angle.ptnr1_label_seq_id'  
10 5 'Structure model' '_pdbx_struct_conn_angle.ptnr3_auth_comp_id'  
11 5 'Structure model' '_pdbx_struct_conn_angle.ptnr3_auth_seq_id'   
12 5 'Structure model' '_pdbx_struct_conn_angle.ptnr3_label_asym_id' 
13 5 'Structure model' '_pdbx_struct_conn_angle.ptnr3_label_atom_id' 
14 5 'Structure model' '_pdbx_struct_conn_angle.ptnr3_label_comp_id' 
15 5 'Structure model' '_pdbx_struct_conn_angle.ptnr3_label_seq_id'  
16 5 'Structure model' '_pdbx_struct_conn_angle.value'               
17 5 'Structure model' '_struct_conn.pdbx_dist_value'                
18 5 'Structure model' '_struct_conn.ptnr1_auth_comp_id'             
19 5 'Structure model' '_struct_conn.ptnr1_auth_seq_id'              
20 5 'Structure model' '_struct_conn.ptnr1_label_asym_id'            
21 5 'Structure model' '_struct_conn.ptnr1_label_atom_id'            
22 5 'Structure model' '_struct_conn.ptnr1_label_comp_id'            
23 5 'Structure model' '_struct_conn.ptnr1_label_seq_id'             
24 5 'Structure model' '_struct_conn.ptnr2_auth_comp_id'             
25 5 'Structure model' '_struct_conn.ptnr2_auth_seq_id'              
26 5 'Structure model' '_struct_conn.ptnr2_label_asym_id'            
27 5 'Structure model' '_struct_conn.ptnr2_label_atom_id'            
28 5 'Structure model' '_struct_conn.ptnr2_label_comp_id'            
29 5 'Structure model' '_struct_conn.ptnr2_label_seq_id'             
30 5 'Structure model' '_struct_ref_seq_dif.details'                 
31 5 'Structure model' '_struct_site.pdbx_auth_asym_id'              
32 5 'Structure model' '_struct_site.pdbx_auth_comp_id'              
33 5 'Structure model' '_struct_site.pdbx_auth_seq_id'               
# 
_pdbx_database_status.status_code                     REL 
_pdbx_database_status.entry_id                        1YZK 
_pdbx_database_status.recvd_initial_deposition_date   2005-02-28 
_pdbx_database_status.deposit_site                    RCSB 
_pdbx_database_status.process_site                    RCSB 
_pdbx_database_status.status_code_sf                  REL 
_pdbx_database_status.status_code_mr                  ? 
_pdbx_database_status.SG_entry                        ? 
_pdbx_database_status.pdb_format_compatible           Y 
_pdbx_database_status.status_code_cs                  ? 
_pdbx_database_status.methods_development_category    ? 
_pdbx_database_status.status_code_nmr_data            ? 
# 
loop_
_audit_author.name 
_audit_author.pdbx_ordinal 
'Eathiraj, S.'    1 
'Pan, X.'         2 
'Ritacco, C.'     3 
'Lambright, D.G.' 4 
# 
_citation.id                        primary 
_citation.title                     'Structural basis of family-wide Rab GTPase recognition by rabenosyn-5.' 
_citation.journal_abbrev            Nature 
_citation.journal_volume            436 
_citation.page_first                415 
_citation.page_last                 419 
_citation.year                      2005 
_citation.journal_id_ASTM           NATUAS 
_citation.country                   UK 
_citation.journal_id_ISSN           0028-0836 
_citation.journal_id_CSD            0006 
_citation.book_publisher            ? 
_citation.pdbx_database_id_PubMed   16034420 
_citation.pdbx_database_id_DOI      10.1038/nature03798 
# 
loop_
_citation_author.citation_id 
_citation_author.name 
_citation_author.ordinal 
_citation_author.identifier_ORCID 
primary 'Eathiraj, S.'    1 ? 
primary 'Pan, X.'         2 ? 
primary 'Ritacco, C.'     3 ? 
primary 'Lambright, D.G.' 4 ? 
# 
loop_
_entity.id 
_entity.type 
_entity.src_method 
_entity.pdbx_description 
_entity.formula_weight 
_entity.pdbx_number_of_molecules 
_entity.pdbx_ec 
_entity.pdbx_mutation 
_entity.pdbx_fragment 
_entity.details 
1 polymer     man 'Ras-related protein Rab-11A'                 20752.410 1   ? ? ? ? 
2 non-polymer syn 'MAGNESIUM ION'                               24.305    1   ? ? ? ? 
3 non-polymer syn 'PHOSPHOAMINOPHOSPHONIC ACID-GUANYLATE ESTER' 522.196   1   ? ? ? ? 
4 water       nat water                                         18.015    219 ? ? ? ? 
# 
_entity_name_com.entity_id   1 
_entity_name_com.name        'Rab-11, YL8' 
# 
_entity_poly.entity_id                      1 
_entity_poly.type                           'polypeptide(L)' 
_entity_poly.nstd_linkage                   no 
_entity_poly.nstd_monomer                   no 
_entity_poly.pdbx_seq_one_letter_code       
;MGHHHHHHGSLVPRGSYDYLFKVVLIGDSGVGKSNLLSRFTRNEFNLESKSTIGVEFATRSIQVDGKTIKAQIWDTAGQE
RYRAITSAYYRGAVGALLVYDIAKHLTYENVERWLKELRDHADSNIVIMLVGNKSDLRHLRAVPTDEARAFAEKNGLSFI
ETSALDSTNVEAAFQTILTEIYRI
;
_entity_poly.pdbx_seq_one_letter_code_can   
;MGHHHHHHGSLVPRGSYDYLFKVVLIGDSGVGKSNLLSRFTRNEFNLESKSTIGVEFATRSIQVDGKTIKAQIWDTAGQE
RYRAITSAYYRGAVGALLVYDIAKHLTYENVERWLKELRDHADSNIVIMLVGNKSDLRHLRAVPTDEARAFAEKNGLSFI
ETSALDSTNVEAAFQTILTEIYRI
;
_entity_poly.pdbx_strand_id                 A 
_entity_poly.pdbx_target_identifier         ? 
# 
loop_
_pdbx_entity_nonpoly.entity_id 
_pdbx_entity_nonpoly.name 
_pdbx_entity_nonpoly.comp_id 
2 'MAGNESIUM ION'                               MG  
3 'PHOSPHOAMINOPHOSPHONIC ACID-GUANYLATE ESTER' GNP 
4 water                                         HOH 
# 
loop_
_entity_poly_seq.entity_id 
_entity_poly_seq.num 
_entity_poly_seq.mon_id 
_entity_poly_seq.hetero 
1 1   MET n 
1 2   GLY n 
1 3   HIS n 
1 4   HIS n 
1 5   HIS n 
1 6   HIS n 
1 7   HIS n 
1 8   HIS n 
1 9   GLY n 
1 10  SER n 
1 11  LEU n 
1 12  VAL n 
1 13  PRO n 
1 14  ARG n 
1 15  GLY n 
1 16  SER n 
1 17  TYR n 
1 18  ASP n 
1 19  TYR n 
1 20  LEU n 
1 21  PHE n 
1 22  LYS n 
1 23  VAL n 
1 24  VAL n 
1 25  LEU n 
1 26  ILE n 
1 27  GLY n 
1 28  ASP n 
1 29  SER n 
1 30  GLY n 
1 31  VAL n 
1 32  GLY n 
1 33  LYS n 
1 34  SER n 
1 35  ASN n 
1 36  LEU n 
1 37  LEU n 
1 38  SER n 
1 39  ARG n 
1 40  PHE n 
1 41  THR n 
1 42  ARG n 
1 43  ASN n 
1 44  GLU n 
1 45  PHE n 
1 46  ASN n 
1 47  LEU n 
1 48  GLU n 
1 49  SER n 
1 50  LYS n 
1 51  SER n 
1 52  THR n 
1 53  ILE n 
1 54  GLY n 
1 55  VAL n 
1 56  GLU n 
1 57  PHE n 
1 58  ALA n 
1 59  THR n 
1 60  ARG n 
1 61  SER n 
1 62  ILE n 
1 63  GLN n 
1 64  VAL n 
1 65  ASP n 
1 66  GLY n 
1 67  LYS n 
1 68  THR n 
1 69  ILE n 
1 70  LYS n 
1 71  ALA n 
1 72  GLN n 
1 73  ILE n 
1 74  TRP n 
1 75  ASP n 
1 76  THR n 
1 77  ALA n 
1 78  GLY n 
1 79  GLN n 
1 80  GLU n 
1 81  ARG n 
1 82  TYR n 
1 83  ARG n 
1 84  ALA n 
1 85  ILE n 
1 86  THR n 
1 87  SER n 
1 88  ALA n 
1 89  TYR n 
1 90  TYR n 
1 91  ARG n 
1 92  GLY n 
1 93  ALA n 
1 94  VAL n 
1 95  GLY n 
1 96  ALA n 
1 97  LEU n 
1 98  LEU n 
1 99  VAL n 
1 100 TYR n 
1 101 ASP n 
1 102 ILE n 
1 103 ALA n 
1 104 LYS n 
1 105 HIS n 
1 106 LEU n 
1 107 THR n 
1 108 TYR n 
1 109 GLU n 
1 110 ASN n 
1 111 VAL n 
1 112 GLU n 
1 113 ARG n 
1 114 TRP n 
1 115 LEU n 
1 116 LYS n 
1 117 GLU n 
1 118 LEU n 
1 119 ARG n 
1 120 ASP n 
1 121 HIS n 
1 122 ALA n 
1 123 ASP n 
1 124 SER n 
1 125 ASN n 
1 126 ILE n 
1 127 VAL n 
1 128 ILE n 
1 129 MET n 
1 130 LEU n 
1 131 VAL n 
1 132 GLY n 
1 133 ASN n 
1 134 LYS n 
1 135 SER n 
1 136 ASP n 
1 137 LEU n 
1 138 ARG n 
1 139 HIS n 
1 140 LEU n 
1 141 ARG n 
1 142 ALA n 
1 143 VAL n 
1 144 PRO n 
1 145 THR n 
1 146 ASP n 
1 147 GLU n 
1 148 ALA n 
1 149 ARG n 
1 150 ALA n 
1 151 PHE n 
1 152 ALA n 
1 153 GLU n 
1 154 LYS n 
1 155 ASN n 
1 156 GLY n 
1 157 LEU n 
1 158 SER n 
1 159 PHE n 
1 160 ILE n 
1 161 GLU n 
1 162 THR n 
1 163 SER n 
1 164 ALA n 
1 165 LEU n 
1 166 ASP n 
1 167 SER n 
1 168 THR n 
1 169 ASN n 
1 170 VAL n 
1 171 GLU n 
1 172 ALA n 
1 173 ALA n 
1 174 PHE n 
1 175 GLN n 
1 176 THR n 
1 177 ILE n 
1 178 LEU n 
1 179 THR n 
1 180 GLU n 
1 181 ILE n 
1 182 TYR n 
1 183 ARG n 
1 184 ILE n 
# 
_entity_src_gen.entity_id                          1 
_entity_src_gen.pdbx_src_id                        1 
_entity_src_gen.pdbx_alt_source_flag               sample 
_entity_src_gen.pdbx_seq_type                      ? 
_entity_src_gen.pdbx_beg_seq_num                   ? 
_entity_src_gen.pdbx_end_seq_num                   ? 
_entity_src_gen.gene_src_common_name               human 
_entity_src_gen.gene_src_genus                     Homo 
_entity_src_gen.pdbx_gene_src_gene                 'RAB11A, RAB11' 
_entity_src_gen.gene_src_species                   ? 
_entity_src_gen.gene_src_strain                    ? 
_entity_src_gen.gene_src_tissue                    ? 
_entity_src_gen.gene_src_tissue_fraction           ? 
_entity_src_gen.gene_src_details                   ? 
_entity_src_gen.pdbx_gene_src_fragment             ? 
_entity_src_gen.pdbx_gene_src_scientific_name      'Homo sapiens' 
_entity_src_gen.pdbx_gene_src_ncbi_taxonomy_id     9606 
_entity_src_gen.pdbx_gene_src_variant              ? 
_entity_src_gen.pdbx_gene_src_cell_line            ? 
_entity_src_gen.pdbx_gene_src_atcc                 ? 
_entity_src_gen.pdbx_gene_src_organ                ? 
_entity_src_gen.pdbx_gene_src_organelle            ? 
_entity_src_gen.pdbx_gene_src_cell                 ? 
_entity_src_gen.pdbx_gene_src_cellular_location    ? 
_entity_src_gen.host_org_common_name               ? 
_entity_src_gen.pdbx_host_org_scientific_name      'Escherichia coli' 
_entity_src_gen.pdbx_host_org_ncbi_taxonomy_id     562 
_entity_src_gen.host_org_genus                     Escherichia 
_entity_src_gen.pdbx_host_org_gene                 ? 
_entity_src_gen.pdbx_host_org_organ                ? 
_entity_src_gen.host_org_species                   ? 
_entity_src_gen.pdbx_host_org_tissue               ? 
_entity_src_gen.pdbx_host_org_tissue_fraction      ? 
_entity_src_gen.pdbx_host_org_strain               'BL21 (DE3) Codon Plus-RIL Cells' 
_entity_src_gen.pdbx_host_org_variant              ? 
_entity_src_gen.pdbx_host_org_cell_line            ? 
_entity_src_gen.pdbx_host_org_atcc                 ? 
_entity_src_gen.pdbx_host_org_culture_collection   ? 
_entity_src_gen.pdbx_host_org_cell                 ? 
_entity_src_gen.pdbx_host_org_organelle            ? 
_entity_src_gen.pdbx_host_org_cellular_location    ? 
_entity_src_gen.pdbx_host_org_vector_type          plasmid 
_entity_src_gen.pdbx_host_org_vector               ? 
_entity_src_gen.host_org_details                   ? 
_entity_src_gen.expression_system_id               ? 
_entity_src_gen.plasmid_name                       'modified pET15b' 
_entity_src_gen.plasmid_details                    ? 
_entity_src_gen.pdbx_description                   ? 
# 
loop_
_chem_comp.id 
_chem_comp.type 
_chem_comp.mon_nstd_flag 
_chem_comp.name 
_chem_comp.pdbx_synonyms 
_chem_comp.formula 
_chem_comp.formula_weight 
ALA 'L-peptide linking' y ALANINE                                       ? 'C3 H7 N O2'        89.093  
ARG 'L-peptide linking' y ARGININE                                      ? 'C6 H15 N4 O2 1'    175.209 
ASN 'L-peptide linking' y ASPARAGINE                                    ? 'C4 H8 N2 O3'       132.118 
ASP 'L-peptide linking' y 'ASPARTIC ACID'                               ? 'C4 H7 N O4'        133.103 
GLN 'L-peptide linking' y GLUTAMINE                                     ? 'C5 H10 N2 O3'      146.144 
GLU 'L-peptide linking' y 'GLUTAMIC ACID'                               ? 'C5 H9 N O4'        147.129 
GLY 'peptide linking'   y GLYCINE                                       ? 'C2 H5 N O2'        75.067  
GNP non-polymer         . 'PHOSPHOAMINOPHOSPHONIC ACID-GUANYLATE ESTER' ? 'C10 H17 N6 O13 P3' 522.196 
HIS 'L-peptide linking' y HISTIDINE                                     ? 'C6 H10 N3 O2 1'    156.162 
HOH non-polymer         . WATER                                         ? 'H2 O'              18.015  
ILE 'L-peptide linking' y ISOLEUCINE                                    ? 'C6 H13 N O2'       131.173 
LEU 'L-peptide linking' y LEUCINE                                       ? 'C6 H13 N O2'       131.173 
LYS 'L-peptide linking' y LYSINE                                        ? 'C6 H15 N2 O2 1'    147.195 
MET 'L-peptide linking' y METHIONINE                                    ? 'C5 H11 N O2 S'     149.211 
MG  non-polymer         . 'MAGNESIUM ION'                               ? 'Mg 2'              24.305  
PHE 'L-peptide linking' y PHENYLALANINE                                 ? 'C9 H11 N O2'       165.189 
PRO 'L-peptide linking' y PROLINE                                       ? 'C5 H9 N O2'        115.130 
SER 'L-peptide linking' y SERINE                                        ? 'C3 H7 N O3'        105.093 
THR 'L-peptide linking' y THREONINE                                     ? 'C4 H9 N O3'        119.119 
TRP 'L-peptide linking' y TRYPTOPHAN                                    ? 'C11 H12 N2 O2'     204.225 
TYR 'L-peptide linking' y TYROSINE                                      ? 'C9 H11 N O3'       181.189 
VAL 'L-peptide linking' y VALINE                                        ? 'C5 H11 N O2'       117.146 
# 
loop_
_pdbx_poly_seq_scheme.asym_id 
_pdbx_poly_seq_scheme.entity_id 
_pdbx_poly_seq_scheme.seq_id 
_pdbx_poly_seq_scheme.mon_id 
_pdbx_poly_seq_scheme.ndb_seq_num 
_pdbx_poly_seq_scheme.pdb_seq_num 
_pdbx_poly_seq_scheme.auth_seq_num 
_pdbx_poly_seq_scheme.pdb_mon_id 
_pdbx_poly_seq_scheme.auth_mon_id 
_pdbx_poly_seq_scheme.pdb_strand_id 
_pdbx_poly_seq_scheme.pdb_ins_code 
_pdbx_poly_seq_scheme.hetero 
A 1 1   MET 1   -8  ?   ?   ?   A . n 
A 1 2   GLY 2   -7  ?   ?   ?   A . n 
A 1 3   HIS 3   -6  ?   ?   ?   A . n 
A 1 4   HIS 4   -5  ?   ?   ?   A . n 
A 1 5   HIS 5   -4  ?   ?   ?   A . n 
A 1 6   HIS 6   -3  ?   ?   ?   A . n 
A 1 7   HIS 7   -2  ?   ?   ?   A . n 
A 1 8   HIS 8   -1  ?   ?   ?   A . n 
A 1 9   GLY 9   0   ?   ?   ?   A . n 
A 1 10  SER 10  1   ?   ?   ?   A . n 
A 1 11  LEU 11  2   ?   ?   ?   A . n 
A 1 12  VAL 12  3   ?   ?   ?   A . n 
A 1 13  PRO 13  4   ?   ?   ?   A . n 
A 1 14  ARG 14  5   ?   ?   ?   A . n 
A 1 15  GLY 15  6   ?   ?   ?   A . n 
A 1 16  SER 16  7   ?   ?   ?   A . n 
A 1 17  TYR 17  8   8   TYR TYR A . n 
A 1 18  ASP 18  9   9   ASP ASP A . n 
A 1 19  TYR 19  10  10  TYR TYR A . n 
A 1 20  LEU 20  11  11  LEU LEU A . n 
A 1 21  PHE 21  12  12  PHE PHE A . n 
A 1 22  LYS 22  13  13  LYS LYS A . n 
A 1 23  VAL 23  14  14  VAL VAL A . n 
A 1 24  VAL 24  15  15  VAL VAL A . n 
A 1 25  LEU 25  16  16  LEU LEU A . n 
A 1 26  ILE 26  17  17  ILE ILE A . n 
A 1 27  GLY 27  18  18  GLY GLY A . n 
A 1 28  ASP 28  19  19  ASP ASP A . n 
A 1 29  SER 29  20  20  SER SER A . n 
A 1 30  GLY 30  21  21  GLY GLY A . n 
A 1 31  VAL 31  22  22  VAL VAL A . n 
A 1 32  GLY 32  23  23  GLY GLY A . n 
A 1 33  LYS 33  24  24  LYS LYS A . n 
A 1 34  SER 34  25  25  SER SER A . n 
A 1 35  ASN 35  26  26  ASN ASN A . n 
A 1 36  LEU 36  27  27  LEU LEU A . n 
A 1 37  LEU 37  28  28  LEU LEU A . n 
A 1 38  SER 38  29  29  SER SER A . n 
A 1 39  ARG 39  30  30  ARG ARG A . n 
A 1 40  PHE 40  31  31  PHE PHE A . n 
A 1 41  THR 41  32  32  THR THR A . n 
A 1 42  ARG 42  33  33  ARG ARG A . n 
A 1 43  ASN 43  34  34  ASN ASN A . n 
A 1 44  GLU 44  35  35  GLU ALA A . n 
A 1 45  PHE 45  36  36  PHE PHE A . n 
A 1 46  ASN 46  37  37  ASN ASN A . n 
A 1 47  LEU 47  38  38  LEU LEU A . n 
A 1 48  GLU 48  39  39  GLU GLU A . n 
A 1 49  SER 49  40  40  SER SER A . n 
A 1 50  LYS 50  41  41  LYS ALA A . n 
A 1 51  SER 51  42  42  SER SER A . n 
A 1 52  THR 52  43  43  THR THR A . n 
A 1 53  ILE 53  44  44  ILE ILE A . n 
A 1 54  GLY 54  45  45  GLY GLY A . n 
A 1 55  VAL 55  46  46  VAL VAL A . n 
A 1 56  GLU 56  47  47  GLU GLU A . n 
A 1 57  PHE 57  48  48  PHE PHE A . n 
A 1 58  ALA 58  49  49  ALA ALA A . n 
A 1 59  THR 59  50  50  THR THR A . n 
A 1 60  ARG 60  51  51  ARG ARG A . n 
A 1 61  SER 61  52  52  SER SER A . n 
A 1 62  ILE 62  53  53  ILE ILE A . n 
A 1 63  GLN 63  54  54  GLN GLN A . n 
A 1 64  VAL 64  55  55  VAL VAL A . n 
A 1 65  ASP 65  56  56  ASP ASP A . n 
A 1 66  GLY 66  57  57  GLY GLY A . n 
A 1 67  LYS 67  58  58  LYS LYS A . n 
A 1 68  THR 68  59  59  THR THR A . n 
A 1 69  ILE 69  60  60  ILE ILE A . n 
A 1 70  LYS 70  61  61  LYS LYS A . n 
A 1 71  ALA 71  62  62  ALA ALA A . n 
A 1 72  GLN 72  63  63  GLN GLN A . n 
A 1 73  ILE 73  64  64  ILE ILE A . n 
A 1 74  TRP 74  65  65  TRP TRP A . n 
A 1 75  ASP 75  66  66  ASP ASP A . n 
A 1 76  THR 76  67  67  THR THR A . n 
A 1 77  ALA 77  68  68  ALA ALA A . n 
A 1 78  GLY 78  69  69  GLY GLY A . n 
A 1 79  GLN 79  70  70  GLN GLN A . n 
A 1 80  GLU 80  71  71  GLU GLU A . n 
A 1 81  ARG 81  72  72  ARG ARG A . n 
A 1 82  TYR 82  73  73  TYR TYR A . n 
A 1 83  ARG 83  74  74  ARG ARG A . n 
A 1 84  ALA 84  75  75  ALA ALA A . n 
A 1 85  ILE 85  76  76  ILE ILE A . n 
A 1 86  THR 86  77  77  THR THR A . n 
A 1 87  SER 87  78  78  SER SER A . n 
A 1 88  ALA 88  79  79  ALA ALA A . n 
A 1 89  TYR 89  80  80  TYR TYR A . n 
A 1 90  TYR 90  81  81  TYR TYR A . n 
A 1 91  ARG 91  82  82  ARG ARG A . n 
A 1 92  GLY 92  83  83  GLY GLY A . n 
A 1 93  ALA 93  84  84  ALA ALA A . n 
A 1 94  VAL 94  85  85  VAL VAL A . n 
A 1 95  GLY 95  86  86  GLY GLY A . n 
A 1 96  ALA 96  87  87  ALA ALA A . n 
A 1 97  LEU 97  88  88  LEU LEU A . n 
A 1 98  LEU 98  89  89  LEU LEU A . n 
A 1 99  VAL 99  90  90  VAL VAL A . n 
A 1 100 TYR 100 91  91  TYR TYR A . n 
A 1 101 ASP 101 92  92  ASP ASP A . n 
A 1 102 ILE 102 93  93  ILE ILE A . n 
A 1 103 ALA 103 94  94  ALA ALA A . n 
A 1 104 LYS 104 95  95  LYS LYS A . n 
A 1 105 HIS 105 96  96  HIS HIS A . n 
A 1 106 LEU 106 97  97  LEU LEU A . n 
A 1 107 THR 107 98  98  THR THR A . n 
A 1 108 TYR 108 99  99  TYR TYR A . n 
A 1 109 GLU 109 100 100 GLU GLU A . n 
A 1 110 ASN 110 101 101 ASN ASN A . n 
A 1 111 VAL 111 102 102 VAL VAL A . n 
A 1 112 GLU 112 103 103 GLU ALA A . n 
A 1 113 ARG 113 104 104 ARG ARG A . n 
A 1 114 TRP 114 105 105 TRP TRP A . n 
A 1 115 LEU 115 106 106 LEU LEU A . n 
A 1 116 LYS 116 107 107 LYS LYS A . n 
A 1 117 GLU 117 108 108 GLU GLU A . n 
A 1 118 LEU 118 109 109 LEU LEU A . n 
A 1 119 ARG 119 110 110 ARG ARG A . n 
A 1 120 ASP 120 111 111 ASP ASP A . n 
A 1 121 HIS 121 112 112 HIS HIS A . n 
A 1 122 ALA 122 113 113 ALA ALA A . n 
A 1 123 ASP 123 114 114 ASP ASP A . n 
A 1 124 SER 124 115 115 SER SER A . n 
A 1 125 ASN 125 116 116 ASN ASN A . n 
A 1 126 ILE 126 117 117 ILE ILE A . n 
A 1 127 VAL 127 118 118 VAL VAL A . n 
A 1 128 ILE 128 119 119 ILE ILE A . n 
A 1 129 MET 129 120 120 MET MET A . n 
A 1 130 LEU 130 121 121 LEU LEU A . n 
A 1 131 VAL 131 122 122 VAL VAL A . n 
A 1 132 GLY 132 123 123 GLY GLY A . n 
A 1 133 ASN 133 124 124 ASN ASN A . n 
A 1 134 LYS 134 125 125 LYS LYS A . n 
A 1 135 SER 135 126 126 SER SER A . n 
A 1 136 ASP 136 127 127 ASP ASP A . n 
A 1 137 LEU 137 128 128 LEU LEU A . n 
A 1 138 ARG 138 129 129 ARG ALA A . n 
A 1 139 HIS 139 130 130 HIS HIS A . n 
A 1 140 LEU 140 131 131 LEU LEU A . n 
A 1 141 ARG 141 132 132 ARG ARG A . n 
A 1 142 ALA 142 133 133 ALA ALA A . n 
A 1 143 VAL 143 134 134 VAL VAL A . n 
A 1 144 PRO 144 135 135 PRO PRO A . n 
A 1 145 THR 145 136 136 THR THR A . n 
A 1 146 ASP 146 137 137 ASP ASP A . n 
A 1 147 GLU 147 138 138 GLU GLU A . n 
A 1 148 ALA 148 139 139 ALA ALA A . n 
A 1 149 ARG 149 140 140 ARG ARG A . n 
A 1 150 ALA 150 141 141 ALA ALA A . n 
A 1 151 PHE 151 142 142 PHE PHE A . n 
A 1 152 ALA 152 143 143 ALA ALA A . n 
A 1 153 GLU 153 144 144 GLU ALA A . n 
A 1 154 LYS 154 145 145 LYS ALA A . n 
A 1 155 ASN 155 146 146 ASN ASN A . n 
A 1 156 GLY 156 147 147 GLY GLY A . n 
A 1 157 LEU 157 148 148 LEU LEU A . n 
A 1 158 SER 158 149 149 SER SER A . n 
A 1 159 PHE 159 150 150 PHE PHE A . n 
A 1 160 ILE 160 151 151 ILE ILE A . n 
A 1 161 GLU 161 152 152 GLU GLU A . n 
A 1 162 THR 162 153 153 THR THR A . n 
A 1 163 SER 163 154 154 SER SER A . n 
A 1 164 ALA 164 155 155 ALA ALA A . n 
A 1 165 LEU 165 156 156 LEU LEU A . n 
A 1 166 ASP 166 157 157 ASP ASP A . n 
A 1 167 SER 167 158 158 SER SER A . n 
A 1 168 THR 168 159 159 THR THR A . n 
A 1 169 ASN 169 160 160 ASN ASN A . n 
A 1 170 VAL 170 161 161 VAL VAL A . n 
A 1 171 GLU 171 162 162 GLU ALA A . n 
A 1 172 ALA 172 163 163 ALA ALA A . n 
A 1 173 ALA 173 164 164 ALA ALA A . n 
A 1 174 PHE 174 165 165 PHE PHE A . n 
A 1 175 GLN 175 166 166 GLN GLN A . n 
A 1 176 THR 176 167 167 THR THR A . n 
A 1 177 ILE 177 168 168 ILE ILE A . n 
A 1 178 LEU 178 169 169 LEU LEU A . n 
A 1 179 THR 179 170 170 THR THR A . n 
A 1 180 GLU 180 171 171 GLU GLU A . n 
A 1 181 ILE 181 172 172 ILE ILE A . n 
A 1 182 TYR 182 173 173 TYR TYR A . n 
A 1 183 ARG 183 174 174 ARG ARG A . n 
A 1 184 ILE 184 175 175 ILE ILE A . n 
# 
loop_
_pdbx_nonpoly_scheme.asym_id 
_pdbx_nonpoly_scheme.entity_id 
_pdbx_nonpoly_scheme.mon_id 
_pdbx_nonpoly_scheme.ndb_seq_num 
_pdbx_nonpoly_scheme.pdb_seq_num 
_pdbx_nonpoly_scheme.auth_seq_num 
_pdbx_nonpoly_scheme.pdb_mon_id 
_pdbx_nonpoly_scheme.auth_mon_id 
_pdbx_nonpoly_scheme.pdb_strand_id 
_pdbx_nonpoly_scheme.pdb_ins_code 
B 2 MG  1   201 201 MG  MG  A . 
C 3 GNP 1   200 200 GNP GNP A . 
D 4 HOH 1   202 1   HOH HOH A . 
D 4 HOH 2   203 3   HOH HOH A . 
D 4 HOH 3   204 4   HOH HOH A . 
D 4 HOH 4   205 5   HOH HOH A . 
D 4 HOH 5   206 6   HOH HOH A . 
D 4 HOH 6   207 7   HOH HOH A . 
D 4 HOH 7   208 8   HOH HOH A . 
D 4 HOH 8   209 10  HOH HOH A . 
D 4 HOH 9   210 11  HOH HOH A . 
D 4 HOH 10  211 12  HOH HOH A . 
D 4 HOH 11  212 13  HOH HOH A . 
D 4 HOH 12  213 14  HOH HOH A . 
D 4 HOH 13  214 15  HOH HOH A . 
D 4 HOH 14  215 16  HOH HOH A . 
D 4 HOH 15  216 17  HOH HOH A . 
D 4 HOH 16  217 18  HOH HOH A . 
D 4 HOH 17  218 19  HOH HOH A . 
D 4 HOH 18  219 20  HOH HOH A . 
D 4 HOH 19  220 21  HOH HOH A . 
D 4 HOH 20  221 22  HOH HOH A . 
D 4 HOH 21  222 23  HOH HOH A . 
D 4 HOH 22  223 25  HOH HOH A . 
D 4 HOH 23  224 28  HOH HOH A . 
D 4 HOH 24  225 29  HOH HOH A . 
D 4 HOH 25  226 30  HOH HOH A . 
D 4 HOH 26  227 32  HOH HOH A . 
D 4 HOH 27  228 34  HOH HOH A . 
D 4 HOH 28  229 35  HOH HOH A . 
D 4 HOH 29  230 36  HOH HOH A . 
D 4 HOH 30  231 37  HOH HOH A . 
D 4 HOH 31  232 38  HOH HOH A . 
D 4 HOH 32  233 39  HOH HOH A . 
D 4 HOH 33  234 41  HOH HOH A . 
D 4 HOH 34  235 42  HOH HOH A . 
D 4 HOH 35  236 43  HOH HOH A . 
D 4 HOH 36  237 44  HOH HOH A . 
D 4 HOH 37  238 45  HOH HOH A . 
D 4 HOH 38  239 46  HOH HOH A . 
D 4 HOH 39  240 47  HOH HOH A . 
D 4 HOH 40  241 48  HOH HOH A . 
D 4 HOH 41  242 49  HOH HOH A . 
D 4 HOH 42  243 50  HOH HOH A . 
D 4 HOH 43  244 51  HOH HOH A . 
D 4 HOH 44  245 52  HOH HOH A . 
D 4 HOH 45  246 53  HOH HOH A . 
D 4 HOH 46  247 54  HOH HOH A . 
D 4 HOH 47  248 55  HOH HOH A . 
D 4 HOH 48  249 56  HOH HOH A . 
D 4 HOH 49  250 57  HOH HOH A . 
D 4 HOH 50  251 58  HOH HOH A . 
D 4 HOH 51  252 59  HOH HOH A . 
D 4 HOH 52  253 60  HOH HOH A . 
D 4 HOH 53  254 61  HOH HOH A . 
D 4 HOH 54  255 62  HOH HOH A . 
D 4 HOH 55  256 63  HOH HOH A . 
D 4 HOH 56  257 64  HOH HOH A . 
D 4 HOH 57  258 65  HOH HOH A . 
D 4 HOH 58  259 66  HOH HOH A . 
D 4 HOH 59  260 67  HOH HOH A . 
D 4 HOH 60  261 68  HOH HOH A . 
D 4 HOH 61  262 69  HOH HOH A . 
D 4 HOH 62  263 70  HOH HOH A . 
D 4 HOH 63  264 71  HOH HOH A . 
D 4 HOH 64  265 72  HOH HOH A . 
D 4 HOH 65  266 73  HOH HOH A . 
D 4 HOH 66  267 74  HOH HOH A . 
D 4 HOH 67  268 75  HOH HOH A . 
D 4 HOH 68  269 77  HOH HOH A . 
D 4 HOH 69  270 79  HOH HOH A . 
D 4 HOH 70  271 80  HOH HOH A . 
D 4 HOH 71  272 81  HOH HOH A . 
D 4 HOH 72  273 82  HOH HOH A . 
D 4 HOH 73  274 83  HOH HOH A . 
D 4 HOH 74  275 84  HOH HOH A . 
D 4 HOH 75  276 85  HOH HOH A . 
D 4 HOH 76  277 86  HOH HOH A . 
D 4 HOH 77  278 87  HOH HOH A . 
D 4 HOH 78  279 88  HOH HOH A . 
D 4 HOH 79  280 90  HOH HOH A . 
D 4 HOH 80  281 92  HOH HOH A . 
D 4 HOH 81  282 93  HOH HOH A . 
D 4 HOH 82  283 94  HOH HOH A . 
D 4 HOH 83  284 95  HOH HOH A . 
D 4 HOH 84  285 96  HOH HOH A . 
D 4 HOH 85  286 97  HOH HOH A . 
D 4 HOH 86  287 98  HOH HOH A . 
D 4 HOH 87  288 99  HOH HOH A . 
D 4 HOH 88  289 100 HOH HOH A . 
D 4 HOH 89  290 101 HOH HOH A . 
D 4 HOH 90  291 102 HOH HOH A . 
D 4 HOH 91  292 103 HOH HOH A . 
D 4 HOH 92  293 104 HOH HOH A . 
D 4 HOH 93  294 105 HOH HOH A . 
D 4 HOH 94  295 106 HOH HOH A . 
D 4 HOH 95  296 108 HOH HOH A . 
D 4 HOH 96  297 109 HOH HOH A . 
D 4 HOH 97  298 111 HOH HOH A . 
D 4 HOH 98  299 112 HOH HOH A . 
D 4 HOH 99  300 113 HOH HOH A . 
D 4 HOH 100 301 114 HOH HOH A . 
D 4 HOH 101 302 115 HOH HOH A . 
D 4 HOH 102 303 116 HOH HOH A . 
D 4 HOH 103 304 117 HOH HOH A . 
D 4 HOH 104 305 118 HOH HOH A . 
D 4 HOH 105 306 119 HOH HOH A . 
D 4 HOH 106 307 121 HOH HOH A . 
D 4 HOH 107 308 122 HOH HOH A . 
D 4 HOH 108 309 123 HOH HOH A . 
D 4 HOH 109 310 124 HOH HOH A . 
D 4 HOH 110 311 125 HOH HOH A . 
D 4 HOH 111 312 126 HOH HOH A . 
D 4 HOH 112 313 127 HOH HOH A . 
D 4 HOH 113 314 128 HOH HOH A . 
D 4 HOH 114 315 129 HOH HOH A . 
D 4 HOH 115 316 130 HOH HOH A . 
D 4 HOH 116 317 131 HOH HOH A . 
D 4 HOH 117 318 133 HOH HOH A . 
D 4 HOH 118 319 134 HOH HOH A . 
D 4 HOH 119 320 135 HOH HOH A . 
D 4 HOH 120 321 136 HOH HOH A . 
D 4 HOH 121 322 138 HOH HOH A . 
D 4 HOH 122 323 139 HOH HOH A . 
D 4 HOH 123 324 140 HOH HOH A . 
D 4 HOH 124 325 142 HOH HOH A . 
D 4 HOH 125 326 144 HOH HOH A . 
D 4 HOH 126 327 146 HOH HOH A . 
D 4 HOH 127 328 148 HOH HOH A . 
D 4 HOH 128 329 149 HOH HOH A . 
D 4 HOH 129 330 150 HOH HOH A . 
D 4 HOH 130 331 151 HOH HOH A . 
D 4 HOH 131 332 154 HOH HOH A . 
D 4 HOH 132 333 155 HOH HOH A . 
D 4 HOH 133 334 156 HOH HOH A . 
D 4 HOH 134 335 157 HOH HOH A . 
D 4 HOH 135 336 158 HOH HOH A . 
D 4 HOH 136 337 159 HOH HOH A . 
D 4 HOH 137 338 160 HOH HOH A . 
D 4 HOH 138 339 161 HOH HOH A . 
D 4 HOH 139 340 162 HOH HOH A . 
D 4 HOH 140 341 164 HOH HOH A . 
D 4 HOH 141 342 165 HOH HOH A . 
D 4 HOH 142 343 166 HOH HOH A . 
D 4 HOH 143 344 168 HOH HOH A . 
D 4 HOH 144 345 170 HOH HOH A . 
D 4 HOH 145 346 171 HOH HOH A . 
D 4 HOH 146 347 172 HOH HOH A . 
D 4 HOH 147 348 173 HOH HOH A . 
D 4 HOH 148 349 176 HOH HOH A . 
D 4 HOH 149 350 177 HOH HOH A . 
D 4 HOH 150 351 178 HOH HOH A . 
D 4 HOH 151 352 179 HOH HOH A . 
D 4 HOH 152 353 181 HOH HOH A . 
D 4 HOH 153 354 183 HOH HOH A . 
D 4 HOH 154 355 184 HOH HOH A . 
D 4 HOH 155 356 185 HOH HOH A . 
D 4 HOH 156 357 186 HOH HOH A . 
D 4 HOH 157 358 187 HOH HOH A . 
D 4 HOH 158 359 188 HOH HOH A . 
D 4 HOH 159 360 189 HOH HOH A . 
D 4 HOH 160 361 190 HOH HOH A . 
D 4 HOH 161 362 193 HOH HOH A . 
D 4 HOH 162 363 194 HOH HOH A . 
D 4 HOH 163 364 195 HOH HOH A . 
D 4 HOH 164 365 196 HOH HOH A . 
D 4 HOH 165 366 198 HOH HOH A . 
D 4 HOH 166 367 199 HOH HOH A . 
D 4 HOH 167 368 202 HOH HOH A . 
D 4 HOH 168 369 205 HOH HOH A . 
D 4 HOH 169 370 206 HOH HOH A . 
D 4 HOH 170 371 208 HOH HOH A . 
D 4 HOH 171 372 209 HOH HOH A . 
D 4 HOH 172 373 211 HOH HOH A . 
D 4 HOH 173 374 212 HOH HOH A . 
D 4 HOH 174 375 217 HOH HOH A . 
D 4 HOH 175 376 220 HOH HOH A . 
D 4 HOH 176 377 223 HOH HOH A . 
D 4 HOH 177 378 224 HOH HOH A . 
D 4 HOH 178 379 225 HOH HOH A . 
D 4 HOH 179 380 227 HOH HOH A . 
D 4 HOH 180 381 228 HOH HOH A . 
D 4 HOH 181 382 233 HOH HOH A . 
D 4 HOH 182 383 234 HOH HOH A . 
D 4 HOH 183 384 235 HOH HOH A . 
D 4 HOH 184 385 238 HOH HOH A . 
D 4 HOH 185 386 240 HOH HOH A . 
D 4 HOH 186 387 242 HOH HOH A . 
D 4 HOH 187 388 243 HOH HOH A . 
D 4 HOH 188 389 247 HOH HOH A . 
D 4 HOH 189 390 248 HOH HOH A . 
D 4 HOH 190 391 249 HOH HOH A . 
D 4 HOH 191 392 257 HOH HOH A . 
D 4 HOH 192 393 258 HOH HOH A . 
D 4 HOH 193 394 259 HOH HOH A . 
D 4 HOH 194 395 260 HOH HOH A . 
D 4 HOH 195 396 263 HOH HOH A . 
D 4 HOH 196 397 265 HOH HOH A . 
D 4 HOH 197 398 268 HOH HOH A . 
D 4 HOH 198 399 271 HOH HOH A . 
D 4 HOH 199 400 273 HOH HOH A . 
D 4 HOH 200 401 274 HOH HOH A . 
D 4 HOH 201 402 277 HOH HOH A . 
D 4 HOH 202 403 278 HOH HOH A . 
D 4 HOH 203 404 280 HOH HOH A . 
D 4 HOH 204 405 287 HOH HOH A . 
D 4 HOH 205 406 291 HOH HOH A . 
D 4 HOH 206 407 298 HOH HOH A . 
D 4 HOH 207 408 305 HOH HOH A . 
D 4 HOH 208 409 316 HOH HOH A . 
D 4 HOH 209 410 319 HOH HOH A . 
D 4 HOH 210 411 321 HOH HOH A . 
D 4 HOH 211 412 322 HOH HOH A . 
D 4 HOH 212 413 331 HOH HOH A . 
D 4 HOH 213 414 341 HOH HOH A . 
D 4 HOH 214 415 342 HOH HOH A . 
D 4 HOH 215 416 343 HOH HOH A . 
D 4 HOH 216 417 344 HOH HOH A . 
D 4 HOH 217 418 345 HOH HOH A . 
D 4 HOH 218 419 346 HOH HOH A . 
D 4 HOH 219 420 347 HOH HOH A . 
# 
loop_
_pdbx_unobs_or_zero_occ_atoms.id 
_pdbx_unobs_or_zero_occ_atoms.PDB_model_num 
_pdbx_unobs_or_zero_occ_atoms.polymer_flag 
_pdbx_unobs_or_zero_occ_atoms.occupancy_flag 
_pdbx_unobs_or_zero_occ_atoms.auth_asym_id 
_pdbx_unobs_or_zero_occ_atoms.auth_comp_id 
_pdbx_unobs_or_zero_occ_atoms.auth_seq_id 
_pdbx_unobs_or_zero_occ_atoms.PDB_ins_code 
_pdbx_unobs_or_zero_occ_atoms.auth_atom_id 
_pdbx_unobs_or_zero_occ_atoms.label_alt_id 
_pdbx_unobs_or_zero_occ_atoms.label_asym_id 
_pdbx_unobs_or_zero_occ_atoms.label_comp_id 
_pdbx_unobs_or_zero_occ_atoms.label_seq_id 
_pdbx_unobs_or_zero_occ_atoms.label_atom_id 
1  1 Y 1 A GLU 35  ? CG  ? A GLU 44  CG  
2  1 Y 1 A GLU 35  ? CD  ? A GLU 44  CD  
3  1 Y 1 A GLU 35  ? OE1 ? A GLU 44  OE1 
4  1 Y 1 A GLU 35  ? OE2 ? A GLU 44  OE2 
5  1 Y 1 A LYS 41  ? CG  ? A LYS 50  CG  
6  1 Y 1 A LYS 41  ? CD  ? A LYS 50  CD  
7  1 Y 1 A LYS 41  ? CE  ? A LYS 50  CE  
8  1 Y 1 A LYS 41  ? NZ  ? A LYS 50  NZ  
9  1 Y 1 A GLU 103 ? CG  ? A GLU 112 CG  
10 1 Y 1 A GLU 103 ? CD  ? A GLU 112 CD  
11 1 Y 1 A GLU 103 ? OE1 ? A GLU 112 OE1 
12 1 Y 1 A GLU 103 ? OE2 ? A GLU 112 OE2 
13 1 Y 1 A ARG 129 ? CG  ? A ARG 138 CG  
14 1 Y 1 A ARG 129 ? CD  ? A ARG 138 CD  
15 1 Y 1 A ARG 129 ? NE  ? A ARG 138 NE  
16 1 Y 1 A ARG 129 ? CZ  ? A ARG 138 CZ  
17 1 Y 1 A ARG 129 ? NH1 ? A ARG 138 NH1 
18 1 Y 1 A ARG 129 ? NH2 ? A ARG 138 NH2 
19 1 Y 1 A GLU 144 ? CG  ? A GLU 153 CG  
20 1 Y 1 A GLU 144 ? CD  ? A GLU 153 CD  
21 1 Y 1 A GLU 144 ? OE1 ? A GLU 153 OE1 
22 1 Y 1 A GLU 144 ? OE2 ? A GLU 153 OE2 
23 1 Y 1 A LYS 145 ? CG  ? A LYS 154 CG  
24 1 Y 1 A LYS 145 ? CD  ? A LYS 154 CD  
25 1 Y 1 A LYS 145 ? CE  ? A LYS 154 CE  
26 1 Y 1 A LYS 145 ? NZ  ? A LYS 154 NZ  
27 1 Y 1 A GLU 162 ? CG  ? A GLU 171 CG  
28 1 Y 1 A GLU 162 ? CD  ? A GLU 171 CD  
29 1 Y 1 A GLU 162 ? OE1 ? A GLU 171 OE1 
30 1 Y 1 A GLU 162 ? OE2 ? A GLU 171 OE2 
# 
loop_
_software.name 
_software.classification 
_software.version 
_software.citation_id 
_software.pdbx_ordinal 
REFMAC    refinement       5.2.0005 ? 1 
DENZO     'data reduction' .        ? 2 
SCALEPACK 'data scaling'   .        ? 3 
AMoRE     phasing          .        ? 4 
# 
_cell.entry_id           1YZK 
_cell.length_a           73.946 
_cell.length_b           73.946 
_cell.length_c           148.197 
_cell.angle_alpha        90.00 
_cell.angle_beta         90.00 
_cell.angle_gamma        90.00 
_cell.Z_PDB              16 
_cell.pdbx_unique_axis   ? 
# 
_symmetry.entry_id                         1YZK 
_symmetry.space_group_name_H-M             'I 4 2 2' 
_symmetry.pdbx_full_space_group_name_H-M   ? 
_symmetry.cell_setting                     ? 
_symmetry.Int_Tables_number                97 
_symmetry.space_group_name_Hall            ? 
# 
_exptl.entry_id          1YZK 
_exptl.method            'X-RAY DIFFRACTION' 
_exptl.crystals_number   1 
# 
_exptl_crystal.id                    1 
_exptl_crystal.density_meas          ? 
_exptl_crystal.density_Matthews      2.70 
_exptl_crystal.density_percent_sol   54.01 
_exptl_crystal.description           ? 
_exptl_crystal.F_000                 ? 
_exptl_crystal.preparation           ? 
# 
_exptl_crystal_grow.crystal_id      1 
_exptl_crystal_grow.method          'VAPOR DIFFUSION, HANGING DROP' 
_exptl_crystal_grow.temp            277.0 
_exptl_crystal_grow.temp_details    ? 
_exptl_crystal_grow.pH              6.0 
_exptl_crystal_grow.pdbx_details    'NaCl, Glycerol, MES, pH 6.0, VAPOR DIFFUSION, HANGING DROP, temperature 4K' 
_exptl_crystal_grow.pdbx_pH_range   . 
# 
_diffrn.id                     1 
_diffrn.ambient_temp           100 
_diffrn.ambient_temp_details   ? 
_diffrn.crystal_id             1 
# 
_diffrn_detector.diffrn_id              1 
_diffrn_detector.detector               'IMAGE PLATE' 
_diffrn_detector.type                   'MAR scanner 300 mm plate' 
_diffrn_detector.pdbx_collection_date   2003-06-05 
_diffrn_detector.details                ? 
# 
_diffrn_radiation.diffrn_id                        1 
_diffrn_radiation.wavelength_id                    1 
_diffrn_radiation.pdbx_monochromatic_or_laue_m_l   M 
_diffrn_radiation.monochromator                    'confocal blue optic device' 
_diffrn_radiation.pdbx_diffrn_protocol             'SINGLE WAVELENGTH' 
_diffrn_radiation.pdbx_scattering_type             x-ray 
# 
_diffrn_radiation_wavelength.id           1 
_diffrn_radiation_wavelength.wavelength   1.5418 
_diffrn_radiation_wavelength.wt           1.0 
# 
_diffrn_source.diffrn_id                   1 
_diffrn_source.source                      'ROTATING ANODE' 
_diffrn_source.type                        'RIGAKU RUH3R' 
_diffrn_source.pdbx_synchrotron_site       ? 
_diffrn_source.pdbx_synchrotron_beamline   ? 
_diffrn_source.pdbx_wavelength             1.5418 
_diffrn_source.pdbx_wavelength_list        ? 
# 
_reflns.entry_id                     1YZK 
_reflns.observed_criterion_sigma_F   0 
_reflns.observed_criterion_sigma_I   0 
_reflns.d_resolution_high            2.0 
_reflns.d_resolution_low             50 
_reflns.number_all                   ? 
_reflns.number_obs                   14293 
_reflns.percent_possible_obs         99.8 
_reflns.pdbx_Rmerge_I_obs            ? 
_reflns.pdbx_Rsym_value              0.058 
_reflns.pdbx_netI_over_sigmaI        31.6 
_reflns.B_iso_Wilson_estimate        34.1 
_reflns.pdbx_redundancy              7 
_reflns.R_free_details               ? 
_reflns.limit_h_max                  ? 
_reflns.limit_h_min                  ? 
_reflns.limit_k_max                  ? 
_reflns.limit_k_min                  ? 
_reflns.limit_l_max                  ? 
_reflns.limit_l_min                  ? 
_reflns.observed_criterion_F_max     ? 
_reflns.observed_criterion_F_min     ? 
_reflns.pdbx_chi_squared             ? 
_reflns.pdbx_scaling_rejects         ? 
_reflns.pdbx_diffrn_id               1 
_reflns.pdbx_ordinal                 1 
# 
_reflns_shell.d_res_high             2.0 
_reflns_shell.d_res_low              2.06 
_reflns_shell.percent_possible_all   99.8 
_reflns_shell.Rmerge_I_obs           ? 
_reflns_shell.pdbx_Rsym_value        0.252 
_reflns_shell.meanI_over_sigI_obs    7.6 
_reflns_shell.pdbx_redundancy        7 
_reflns_shell.percent_possible_obs   ? 
_reflns_shell.number_unique_all      1139 
_reflns_shell.number_measured_all    ? 
_reflns_shell.number_measured_obs    ? 
_reflns_shell.number_unique_obs      ? 
_reflns_shell.pdbx_chi_squared       ? 
_reflns_shell.pdbx_diffrn_id         ? 
_reflns_shell.pdbx_ordinal           1 
# 
_refine.entry_id                                 1YZK 
_refine.ls_number_reflns_obs                     12992 
_refine.ls_number_reflns_all                     14295 
_refine.pdbx_ls_sigma_I                          0 
_refine.pdbx_ls_sigma_F                          0 
_refine.pdbx_data_cutoff_high_absF               ? 
_refine.pdbx_data_cutoff_low_absF                ? 
_refine.pdbx_data_cutoff_high_rms_absF           ? 
_refine.ls_d_res_low                             6.00 
_refine.ls_d_res_high                            2.00 
_refine.ls_percent_reflns_obs                    99.81 
_refine.ls_R_factor_obs                          0.18006 
_refine.ls_R_factor_all                          0.197 
_refine.ls_R_factor_R_work                       0.17753 
_refine.ls_R_factor_R_free                       0.22829 
_refine.ls_R_factor_R_free_error                 ? 
_refine.ls_R_factor_R_free_error_details         ? 
_refine.ls_percent_reflns_R_free                 5.1 
_refine.ls_number_reflns_R_free                  697 
_refine.ls_number_parameters                     ? 
_refine.ls_number_restraints                     ? 
_refine.occupancy_min                            ? 
_refine.occupancy_max                            ? 
_refine.correlation_coeff_Fo_to_Fc               0.958 
_refine.correlation_coeff_Fo_to_Fc_free          0.932 
_refine.B_iso_mean                               22.315 
_refine.aniso_B[1][1]                            -0.30 
_refine.aniso_B[2][2]                            -0.30 
_refine.aniso_B[3][3]                            0.60 
_refine.aniso_B[1][2]                            0.00 
_refine.aniso_B[1][3]                            0.00 
_refine.aniso_B[2][3]                            0.00 
_refine.solvent_model_details                    'BABINET MODEL WITH MASK' 
_refine.solvent_model_param_ksol                 ? 
_refine.solvent_model_param_bsol                 ? 
_refine.pdbx_solvent_vdw_probe_radii             1.20 
_refine.pdbx_solvent_ion_probe_radii             0.80 
_refine.pdbx_solvent_shrinkage_radii             0.80 
_refine.pdbx_ls_cross_valid_method               THROUGHOUT 
_refine.details                                  'HYDROGENS HAVE BEEN ADDED IN THE RIDING POSITIONS' 
_refine.pdbx_starting_model                      'Polyalanine Rab5c' 
_refine.pdbx_method_to_determine_struct          'MOLECULAR REPLACEMENT' 
_refine.pdbx_isotropic_thermal_model             ? 
_refine.pdbx_stereochemistry_target_values       'MAXIMUM LIKELIHOOD' 
_refine.pdbx_stereochem_target_val_spec_case     ? 
_refine.pdbx_R_Free_selection_details            RANDOM 
_refine.pdbx_overall_ESU_R                       0.174 
_refine.pdbx_overall_ESU_R_Free                  0.161 
_refine.overall_SU_ML                            0.105 
_refine.overall_SU_B                             3.692 
_refine.ls_redundancy_reflns_obs                 ? 
_refine.B_iso_min                                ? 
_refine.B_iso_max                                ? 
_refine.overall_SU_R_Cruickshank_DPI             ? 
_refine.overall_SU_R_free                        ? 
_refine.ls_wR_factor_R_free                      ? 
_refine.ls_wR_factor_R_work                      ? 
_refine.overall_FOM_free_R_set                   ? 
_refine.overall_FOM_work_R_set                   ? 
_refine.pdbx_refine_id                           'X-RAY DIFFRACTION' 
_refine.pdbx_diffrn_id                           1 
_refine.pdbx_TLS_residual_ADP_flag               ? 
_refine.pdbx_overall_phase_error                 ? 
_refine.pdbx_overall_SU_R_free_Cruickshank_DPI   ? 
_refine.pdbx_overall_SU_R_Blow_DPI               ? 
_refine.pdbx_overall_SU_R_free_Blow_DPI          ? 
# 
_refine_hist.pdbx_refine_id                   'X-RAY DIFFRACTION' 
_refine_hist.cycle_id                         LAST 
_refine_hist.pdbx_number_atoms_protein        1309 
_refine_hist.pdbx_number_atoms_nucleic_acid   0 
_refine_hist.pdbx_number_atoms_ligand         33 
_refine_hist.number_atoms_solvent             219 
_refine_hist.number_atoms_total               1561 
_refine_hist.d_res_high                       2.00 
_refine_hist.d_res_low                        6.00 
# 
loop_
_refine_ls_restr.type 
_refine_ls_restr.dev_ideal 
_refine_ls_restr.dev_ideal_target 
_refine_ls_restr.weight 
_refine_ls_restr.number 
_refine_ls_restr.pdbx_refine_id 
_refine_ls_restr.pdbx_restraint_function 
r_bond_refined_d             0.008  0.022  ? 1365 'X-RAY DIFFRACTION' ? 
r_bond_other_d               0.001  0.020  ? 1241 'X-RAY DIFFRACTION' ? 
r_angle_refined_deg          1.067  1.970  ? 1859 'X-RAY DIFFRACTION' ? 
r_angle_other_deg            0.723  3.000  ? 2855 'X-RAY DIFFRACTION' ? 
r_dihedral_angle_1_deg       5.213  5.000  ? 167  'X-RAY DIFFRACTION' ? 
r_dihedral_angle_2_deg       32.010 23.115 ? 61   'X-RAY DIFFRACTION' ? 
r_dihedral_angle_3_deg       11.381 15.000 ? 220  'X-RAY DIFFRACTION' ? 
r_dihedral_angle_4_deg       13.849 15.000 ? 11   'X-RAY DIFFRACTION' ? 
r_chiral_restr               0.056  0.200  ? 215  'X-RAY DIFFRACTION' ? 
r_gen_planes_refined         0.003  0.020  ? 1508 'X-RAY DIFFRACTION' ? 
r_gen_planes_other           0.001  0.020  ? 293  'X-RAY DIFFRACTION' ? 
r_nbd_refined                0.200  0.200  ? 268  'X-RAY DIFFRACTION' ? 
r_nbd_other                  0.170  0.200  ? 1240 'X-RAY DIFFRACTION' ? 
r_nbtor_refined              0.174  0.200  ? 665  'X-RAY DIFFRACTION' ? 
r_nbtor_other                0.077  0.200  ? 797  'X-RAY DIFFRACTION' ? 
r_xyhbond_nbd_refined        0.155  0.200  ? 152  'X-RAY DIFFRACTION' ? 
r_xyhbond_nbd_other          ?      ?      ? ?    'X-RAY DIFFRACTION' ? 
r_metal_ion_refined          0.062  0.200  ? 1    'X-RAY DIFFRACTION' ? 
r_metal_ion_other            ?      ?      ? ?    'X-RAY DIFFRACTION' ? 
r_symmetry_vdw_refined       0.139  0.200  ? 1    'X-RAY DIFFRACTION' ? 
r_symmetry_vdw_other         0.294  0.200  ? 33   'X-RAY DIFFRACTION' ? 
r_symmetry_hbond_refined     0.188  0.200  ? 34   'X-RAY DIFFRACTION' ? 
r_symmetry_hbond_other       ?      ?      ? ?    'X-RAY DIFFRACTION' ? 
r_symmetry_metal_ion_refined ?      ?      ? ?    'X-RAY DIFFRACTION' ? 
r_symmetry_metal_ion_other   ?      ?      ? ?    'X-RAY DIFFRACTION' ? 
r_mcbond_it                  0.686  1.500  ? 1084 'X-RAY DIFFRACTION' ? 
r_mcbond_other               0.081  1.500  ? 347  'X-RAY DIFFRACTION' ? 
r_mcangle_it                 0.723  2.000  ? 1328 'X-RAY DIFFRACTION' ? 
r_scbond_it                  1.196  3.000  ? 644  'X-RAY DIFFRACTION' ? 
r_scangle_it                 1.782  4.500  ? 531  'X-RAY DIFFRACTION' ? 
r_rigid_bond_restr           ?      ?      ? ?    'X-RAY DIFFRACTION' ? 
r_sphericity_free            ?      ?      ? ?    'X-RAY DIFFRACTION' ? 
r_sphericity_bonded          ?      ?      ? ?    'X-RAY DIFFRACTION' ? 
# 
_refine_ls_shell.pdbx_total_number_of_bins_used   20 
_refine_ls_shell.d_res_high                       2.000 
_refine_ls_shell.d_res_low                        2.046 
_refine_ls_shell.number_reflns_R_work             837 
_refine_ls_shell.R_factor_R_work                  0.234 
_refine_ls_shell.percent_reflns_obs               97.14 
_refine_ls_shell.R_factor_R_free                  0.272 
_refine_ls_shell.R_factor_R_free_error            ? 
_refine_ls_shell.percent_reflns_R_free            ? 
_refine_ls_shell.number_reflns_R_free             45 
_refine_ls_shell.number_reflns_obs                ? 
_refine_ls_shell.redundancy_reflns_obs            ? 
_refine_ls_shell.number_reflns_all                ? 
_refine_ls_shell.pdbx_refine_id                   'X-RAY DIFFRACTION' 
_refine_ls_shell.R_factor_all                     ? 
# 
_struct.entry_id                  1YZK 
_struct.title                     'GppNHp bound Rab11 GTPase' 
_struct.pdbx_model_details        ? 
_struct.pdbx_CASP_flag            ? 
_struct.pdbx_model_type_details   ? 
# 
_struct_keywords.entry_id        1YZK 
_struct_keywords.pdbx_keywords   'PROTEIN TRANSPORT' 
_struct_keywords.text            'Rab GTPase, Rab11, Vesicular trafficking, protein transport' 
# 
loop_
_struct_asym.id 
_struct_asym.pdbx_blank_PDB_chainid_flag 
_struct_asym.pdbx_modified 
_struct_asym.entity_id 
_struct_asym.details 
A N N 1 ? 
B N N 2 ? 
C N N 3 ? 
D N N 4 ? 
# 
_struct_ref.id                         1 
_struct_ref.db_name                    UNP 
_struct_ref.db_code                    RB11A_HUMAN 
_struct_ref.pdbx_db_accession          P62491 
_struct_ref.entity_id                  1 
_struct_ref.pdbx_seq_one_letter_code   
;YDYLFKVVLIGDSGVGKSNLLSRFTRNEFNLESKSTIGVEFATRSIQVDGKTIKAQIWDTAGQERYRAITSAYYRGAVGA
LLVYDIAKHLTYENVERWLKELRDHADSNIVIMLVGNKSDLRHLRAVPTDEARAFAEKNGLSFIETSALDSTNVEAAFQT
ILTEIYRI
;
_struct_ref.pdbx_align_begin           8 
_struct_ref.pdbx_db_isoform            ? 
# 
_struct_ref_seq.align_id                      1 
_struct_ref_seq.ref_id                        1 
_struct_ref_seq.pdbx_PDB_id_code              1YZK 
_struct_ref_seq.pdbx_strand_id                A 
_struct_ref_seq.seq_align_beg                 17 
_struct_ref_seq.pdbx_seq_align_beg_ins_code   ? 
_struct_ref_seq.seq_align_end                 184 
_struct_ref_seq.pdbx_seq_align_end_ins_code   ? 
_struct_ref_seq.pdbx_db_accession             P62491 
_struct_ref_seq.db_align_beg                  8 
_struct_ref_seq.pdbx_db_align_beg_ins_code    ? 
_struct_ref_seq.db_align_end                  175 
_struct_ref_seq.pdbx_db_align_end_ins_code    ? 
_struct_ref_seq.pdbx_auth_seq_align_beg       8 
_struct_ref_seq.pdbx_auth_seq_align_end       175 
# 
loop_
_struct_ref_seq_dif.align_id 
_struct_ref_seq_dif.pdbx_pdb_id_code 
_struct_ref_seq_dif.mon_id 
_struct_ref_seq_dif.pdbx_pdb_strand_id 
_struct_ref_seq_dif.seq_num 
_struct_ref_seq_dif.pdbx_pdb_ins_code 
_struct_ref_seq_dif.pdbx_seq_db_name 
_struct_ref_seq_dif.pdbx_seq_db_accession_code 
_struct_ref_seq_dif.db_mon_id 
_struct_ref_seq_dif.pdbx_seq_db_seq_num 
_struct_ref_seq_dif.details 
_struct_ref_seq_dif.pdbx_auth_seq_num 
_struct_ref_seq_dif.pdbx_ordinal 
1 1YZK MET A 1  ? UNP P62491 ? ? 'cloning artifact' -8 1  
1 1YZK GLY A 2  ? UNP P62491 ? ? 'cloning artifact' -7 2  
1 1YZK HIS A 3  ? UNP P62491 ? ? 'cloning artifact' -6 3  
1 1YZK HIS A 4  ? UNP P62491 ? ? 'cloning artifact' -5 4  
1 1YZK HIS A 5  ? UNP P62491 ? ? 'cloning artifact' -4 5  
1 1YZK HIS A 6  ? UNP P62491 ? ? 'cloning artifact' -3 6  
1 1YZK HIS A 7  ? UNP P62491 ? ? 'cloning artifact' -2 7  
1 1YZK HIS A 8  ? UNP P62491 ? ? 'cloning artifact' -1 8  
1 1YZK GLY A 9  ? UNP P62491 ? ? 'cloning artifact' 0  9  
1 1YZK SER A 10 ? UNP P62491 ? ? 'cloning artifact' 1  10 
1 1YZK LEU A 11 ? UNP P62491 ? ? 'cloning artifact' 2  11 
1 1YZK VAL A 12 ? UNP P62491 ? ? 'cloning artifact' 3  12 
1 1YZK PRO A 13 ? UNP P62491 ? ? 'cloning artifact' 4  13 
1 1YZK ARG A 14 ? UNP P62491 ? ? 'cloning artifact' 5  14 
1 1YZK GLY A 15 ? UNP P62491 ? ? 'cloning artifact' 6  15 
1 1YZK SER A 16 ? UNP P62491 ? ? 'cloning artifact' 7  16 
# 
_pdbx_struct_assembly.id                   1 
_pdbx_struct_assembly.details              author_defined_assembly 
_pdbx_struct_assembly.method_details       ? 
_pdbx_struct_assembly.oligomeric_details   monomeric 
_pdbx_struct_assembly.oligomeric_count     1 
# 
_pdbx_struct_assembly_gen.assembly_id       1 
_pdbx_struct_assembly_gen.oper_expression   1 
_pdbx_struct_assembly_gen.asym_id_list      A,B,C,D 
# 
_pdbx_struct_oper_list.id                   1 
_pdbx_struct_oper_list.type                 'identity operation' 
_pdbx_struct_oper_list.name                 1_555 
_pdbx_struct_oper_list.symmetry_operation   x,y,z 
_pdbx_struct_oper_list.matrix[1][1]         1.0000000000 
_pdbx_struct_oper_list.matrix[1][2]         0.0000000000 
_pdbx_struct_oper_list.matrix[1][3]         0.0000000000 
_pdbx_struct_oper_list.vector[1]            0.0000000000 
_pdbx_struct_oper_list.matrix[2][1]         0.0000000000 
_pdbx_struct_oper_list.matrix[2][2]         1.0000000000 
_pdbx_struct_oper_list.matrix[2][3]         0.0000000000 
_pdbx_struct_oper_list.vector[2]            0.0000000000 
_pdbx_struct_oper_list.matrix[3][1]         0.0000000000 
_pdbx_struct_oper_list.matrix[3][2]         0.0000000000 
_pdbx_struct_oper_list.matrix[3][3]         1.0000000000 
_pdbx_struct_oper_list.vector[3]            0.0000000000 
# 
_struct_biol.id                    1 
_struct_biol.pdbx_parent_biol_id   ? 
_struct_biol.details               ? 
# 
loop_
_struct_conf.conf_type_id 
_struct_conf.id 
_struct_conf.pdbx_PDB_helix_id 
_struct_conf.beg_label_comp_id 
_struct_conf.beg_label_asym_id 
_struct_conf.beg_label_seq_id 
_struct_conf.pdbx_beg_PDB_ins_code 
_struct_conf.end_label_comp_id 
_struct_conf.end_label_asym_id 
_struct_conf.end_label_seq_id 
_struct_conf.pdbx_end_PDB_ins_code 
_struct_conf.beg_auth_comp_id 
_struct_conf.beg_auth_asym_id 
_struct_conf.beg_auth_seq_id 
_struct_conf.end_auth_comp_id 
_struct_conf.end_auth_asym_id 
_struct_conf.end_auth_seq_id 
_struct_conf.pdbx_PDB_helix_class 
_struct_conf.details 
_struct_conf.pdbx_PDB_helix_length 
HELX_P HELX_P1 1 GLY A 32  ? ASN A 43  ? GLY A 23  ASN A 34  1 ? 12 
HELX_P HELX_P2 2 THR A 86  ? ARG A 91  ? THR A 77  ARG A 82  1 ? 6  
HELX_P HELX_P3 3 LYS A 104 ? ASN A 110 ? LYS A 95  ASN A 101 1 ? 7  
HELX_P HELX_P4 4 ASN A 110 ? ALA A 122 ? ASN A 101 ALA A 113 1 ? 13 
HELX_P HELX_P5 5 LYS A 134 ? ARG A 141 ? LYS A 125 ARG A 132 5 ? 8  
HELX_P HELX_P6 6 PRO A 144 ? ASN A 155 ? PRO A 135 ASN A 146 1 ? 12 
HELX_P HELX_P7 7 ASN A 169 ? ILE A 184 ? ASN A 160 ILE A 175 1 ? 16 
# 
_struct_conf_type.id          HELX_P 
_struct_conf_type.criteria    ? 
_struct_conf_type.reference   ? 
# 
loop_
_struct_conn.id 
_struct_conn.conn_type_id 
_struct_conn.pdbx_leaving_atom_flag 
_struct_conn.pdbx_PDB_id 
_struct_conn.ptnr1_label_asym_id 
_struct_conn.ptnr1_label_comp_id 
_struct_conn.ptnr1_label_seq_id 
_struct_conn.ptnr1_label_atom_id 
_struct_conn.pdbx_ptnr1_label_alt_id 
_struct_conn.pdbx_ptnr1_PDB_ins_code 
_struct_conn.pdbx_ptnr1_standard_comp_id 
_struct_conn.ptnr1_symmetry 
_struct_conn.ptnr2_label_asym_id 
_struct_conn.ptnr2_label_comp_id 
_struct_conn.ptnr2_label_seq_id 
_struct_conn.ptnr2_label_atom_id 
_struct_conn.pdbx_ptnr2_label_alt_id 
_struct_conn.pdbx_ptnr2_PDB_ins_code 
_struct_conn.ptnr1_auth_asym_id 
_struct_conn.ptnr1_auth_comp_id 
_struct_conn.ptnr1_auth_seq_id 
_struct_conn.ptnr2_auth_asym_id 
_struct_conn.ptnr2_auth_comp_id 
_struct_conn.ptnr2_auth_seq_id 
_struct_conn.ptnr2_symmetry 
_struct_conn.pdbx_ptnr3_label_atom_id 
_struct_conn.pdbx_ptnr3_label_seq_id 
_struct_conn.pdbx_ptnr3_label_comp_id 
_struct_conn.pdbx_ptnr3_label_asym_id 
_struct_conn.pdbx_ptnr3_label_alt_id 
_struct_conn.pdbx_ptnr3_PDB_ins_code 
_struct_conn.details 
_struct_conn.pdbx_dist_value 
_struct_conn.pdbx_value_order 
_struct_conn.pdbx_role 
metalc1 metalc ? ? A SER 34 OG  ? ? ? 1_555 B MG  . MG ? ? A SER 25  A MG  201 1_555 ? ? ? ? ? ? ? 2.111 ? ? 
metalc2 metalc ? ? A THR 52 OG1 ? ? ? 1_555 B MG  . MG ? ? A THR 43  A MG  201 1_555 ? ? ? ? ? ? ? 2.167 ? ? 
metalc3 metalc ? ? C GNP .  O2G ? ? ? 1_555 B MG  . MG ? ? A GNP 200 A MG  201 1_555 ? ? ? ? ? ? ? 1.928 ? ? 
metalc4 metalc ? ? C GNP .  O2B ? ? ? 1_555 B MG  . MG ? ? A GNP 200 A MG  201 1_555 ? ? ? ? ? ? ? 1.998 ? ? 
metalc5 metalc ? ? B MG  .  MG  ? ? ? 1_555 D HOH . O  ? ? A MG  201 A HOH 216 1_555 ? ? ? ? ? ? ? 2.102 ? ? 
metalc6 metalc ? ? B MG  .  MG  ? ? ? 1_555 D HOH . O  ? ? A MG  201 A HOH 231 1_555 ? ? ? ? ? ? ? 2.164 ? ? 
# 
_struct_conn_type.id          metalc 
_struct_conn_type.criteria    ? 
_struct_conn_type.reference   ? 
# 
loop_
_pdbx_struct_conn_angle.id 
_pdbx_struct_conn_angle.ptnr1_label_atom_id 
_pdbx_struct_conn_angle.ptnr1_label_alt_id 
_pdbx_struct_conn_angle.ptnr1_label_asym_id 
_pdbx_struct_conn_angle.ptnr1_label_comp_id 
_pdbx_struct_conn_angle.ptnr1_label_seq_id 
_pdbx_struct_conn_angle.ptnr1_auth_atom_id 
_pdbx_struct_conn_angle.ptnr1_auth_asym_id 
_pdbx_struct_conn_angle.ptnr1_auth_comp_id 
_pdbx_struct_conn_angle.ptnr1_auth_seq_id 
_pdbx_struct_conn_angle.ptnr1_PDB_ins_code 
_pdbx_struct_conn_angle.ptnr1_symmetry 
_pdbx_struct_conn_angle.ptnr2_label_atom_id 
_pdbx_struct_conn_angle.ptnr2_label_alt_id 
_pdbx_struct_conn_angle.ptnr2_label_asym_id 
_pdbx_struct_conn_angle.ptnr2_label_comp_id 
_pdbx_struct_conn_angle.ptnr2_label_seq_id 
_pdbx_struct_conn_angle.ptnr2_auth_atom_id 
_pdbx_struct_conn_angle.ptnr2_auth_asym_id 
_pdbx_struct_conn_angle.ptnr2_auth_comp_id 
_pdbx_struct_conn_angle.ptnr2_auth_seq_id 
_pdbx_struct_conn_angle.ptnr2_PDB_ins_code 
_pdbx_struct_conn_angle.ptnr2_symmetry 
_pdbx_struct_conn_angle.ptnr3_label_atom_id 
_pdbx_struct_conn_angle.ptnr3_label_alt_id 
_pdbx_struct_conn_angle.ptnr3_label_asym_id 
_pdbx_struct_conn_angle.ptnr3_label_comp_id 
_pdbx_struct_conn_angle.ptnr3_label_seq_id 
_pdbx_struct_conn_angle.ptnr3_auth_atom_id 
_pdbx_struct_conn_angle.ptnr3_auth_asym_id 
_pdbx_struct_conn_angle.ptnr3_auth_comp_id 
_pdbx_struct_conn_angle.ptnr3_auth_seq_id 
_pdbx_struct_conn_angle.ptnr3_PDB_ins_code 
_pdbx_struct_conn_angle.ptnr3_symmetry 
_pdbx_struct_conn_angle.value 
_pdbx_struct_conn_angle.value_esd 
1  OG  ? A SER 34 ? A SER 25  ? 1_555 MG ? B MG . ? A MG 201 ? 1_555 OG1 ? A THR 52 ? A THR 43  ? 1_555 77.4  ? 
2  OG  ? A SER 34 ? A SER 25  ? 1_555 MG ? B MG . ? A MG 201 ? 1_555 O2G ? C GNP .  ? A GNP 200 ? 1_555 169.8 ? 
3  OG1 ? A THR 52 ? A THR 43  ? 1_555 MG ? B MG . ? A MG 201 ? 1_555 O2G ? C GNP .  ? A GNP 200 ? 1_555 92.4  ? 
4  OG  ? A SER 34 ? A SER 25  ? 1_555 MG ? B MG . ? A MG 201 ? 1_555 O2B ? C GNP .  ? A GNP 200 ? 1_555 89.6  ? 
5  OG1 ? A THR 52 ? A THR 43  ? 1_555 MG ? B MG . ? A MG 201 ? 1_555 O2B ? C GNP .  ? A GNP 200 ? 1_555 167.0 ? 
6  O2G ? C GNP .  ? A GNP 200 ? 1_555 MG ? B MG . ? A MG 201 ? 1_555 O2B ? C GNP .  ? A GNP 200 ? 1_555 100.7 ? 
7  OG  ? A SER 34 ? A SER 25  ? 1_555 MG ? B MG . ? A MG 201 ? 1_555 O   ? D HOH .  ? A HOH 216 ? 1_555 90.0  ? 
8  OG1 ? A THR 52 ? A THR 43  ? 1_555 MG ? B MG . ? A MG 201 ? 1_555 O   ? D HOH .  ? A HOH 216 ? 1_555 86.0  ? 
9  O2G ? C GNP .  ? A GNP 200 ? 1_555 MG ? B MG . ? A MG 201 ? 1_555 O   ? D HOH .  ? A HOH 216 ? 1_555 89.3  ? 
10 O2B ? C GNP .  ? A GNP 200 ? 1_555 MG ? B MG . ? A MG 201 ? 1_555 O   ? D HOH .  ? A HOH 216 ? 1_555 94.4  ? 
11 OG  ? A SER 34 ? A SER 25  ? 1_555 MG ? B MG . ? A MG 201 ? 1_555 O   ? D HOH .  ? A HOH 231 ? 1_555 86.7  ? 
12 OG1 ? A THR 52 ? A THR 43  ? 1_555 MG ? B MG . ? A MG 201 ? 1_555 O   ? D HOH .  ? A HOH 231 ? 1_555 91.9  ? 
13 O2G ? C GNP .  ? A GNP 200 ? 1_555 MG ? B MG . ? A MG 201 ? 1_555 O   ? D HOH .  ? A HOH 231 ? 1_555 93.7  ? 
14 O2B ? C GNP .  ? A GNP 200 ? 1_555 MG ? B MG . ? A MG 201 ? 1_555 O   ? D HOH .  ? A HOH 231 ? 1_555 87.0  ? 
15 O   ? D HOH .  ? A HOH 216 ? 1_555 MG ? B MG . ? A MG 201 ? 1_555 O   ? D HOH .  ? A HOH 231 ? 1_555 176.4 ? 
# 
_struct_sheet.id               A 
_struct_sheet.type             ? 
_struct_sheet.number_strands   6 
_struct_sheet.details          ? 
# 
loop_
_struct_sheet_order.sheet_id 
_struct_sheet_order.range_id_1 
_struct_sheet_order.range_id_2 
_struct_sheet_order.offset 
_struct_sheet_order.sense 
A 1 2 ? anti-parallel 
A 2 3 ? parallel      
A 3 4 ? parallel      
A 4 5 ? parallel      
A 5 6 ? parallel      
# 
loop_
_struct_sheet_range.sheet_id 
_struct_sheet_range.id 
_struct_sheet_range.beg_label_comp_id 
_struct_sheet_range.beg_label_asym_id 
_struct_sheet_range.beg_label_seq_id 
_struct_sheet_range.pdbx_beg_PDB_ins_code 
_struct_sheet_range.end_label_comp_id 
_struct_sheet_range.end_label_asym_id 
_struct_sheet_range.end_label_seq_id 
_struct_sheet_range.pdbx_end_PDB_ins_code 
_struct_sheet_range.beg_auth_comp_id 
_struct_sheet_range.beg_auth_asym_id 
_struct_sheet_range.beg_auth_seq_id 
_struct_sheet_range.end_auth_comp_id 
_struct_sheet_range.end_auth_asym_id 
_struct_sheet_range.end_auth_seq_id 
A 1 VAL A 55  ? VAL A 64  ? VAL A 46  VAL A 55  
A 2 LYS A 67  ? THR A 76  ? LYS A 58  THR A 67  
A 3 TYR A 19  ? ILE A 26  ? TYR A 10  ILE A 17  
A 4 ALA A 93  ? ASP A 101 ? ALA A 84  ASP A 92  
A 5 VAL A 127 ? ASN A 133 ? VAL A 118 ASN A 124 
A 6 SER A 158 ? GLU A 161 ? SER A 149 GLU A 152 
# 
loop_
_pdbx_struct_sheet_hbond.sheet_id 
_pdbx_struct_sheet_hbond.range_id_1 
_pdbx_struct_sheet_hbond.range_id_2 
_pdbx_struct_sheet_hbond.range_1_label_atom_id 
_pdbx_struct_sheet_hbond.range_1_label_comp_id 
_pdbx_struct_sheet_hbond.range_1_label_asym_id 
_pdbx_struct_sheet_hbond.range_1_label_seq_id 
_pdbx_struct_sheet_hbond.range_1_PDB_ins_code 
_pdbx_struct_sheet_hbond.range_1_auth_atom_id 
_pdbx_struct_sheet_hbond.range_1_auth_comp_id 
_pdbx_struct_sheet_hbond.range_1_auth_asym_id 
_pdbx_struct_sheet_hbond.range_1_auth_seq_id 
_pdbx_struct_sheet_hbond.range_2_label_atom_id 
_pdbx_struct_sheet_hbond.range_2_label_comp_id 
_pdbx_struct_sheet_hbond.range_2_label_asym_id 
_pdbx_struct_sheet_hbond.range_2_label_seq_id 
_pdbx_struct_sheet_hbond.range_2_PDB_ins_code 
_pdbx_struct_sheet_hbond.range_2_auth_atom_id 
_pdbx_struct_sheet_hbond.range_2_auth_comp_id 
_pdbx_struct_sheet_hbond.range_2_auth_asym_id 
_pdbx_struct_sheet_hbond.range_2_auth_seq_id 
A 1 2 N ILE A 62  ? N ILE A 53  O ILE A 69  ? O ILE A 60  
A 2 3 O TRP A 74  ? O TRP A 65  N VAL A 23  ? N VAL A 14  
A 3 4 N ILE A 26  ? N ILE A 17  O VAL A 99  ? O VAL A 90  
A 4 5 N LEU A 98  ? N LEU A 89  O VAL A 131 ? O VAL A 122 
A 5 6 N LEU A 130 ? N LEU A 121 O SER A 158 ? O SER A 149 
# 
loop_
_struct_site.id 
_struct_site.pdbx_evidence_code 
_struct_site.pdbx_auth_asym_id 
_struct_site.pdbx_auth_comp_id 
_struct_site.pdbx_auth_seq_id 
_struct_site.pdbx_auth_ins_code 
_struct_site.pdbx_num_residues 
_struct_site.details 
AC1 Software A MG  201 ? 5  'BINDING SITE FOR RESIDUE MG A 201'  
AC2 Software A GNP 200 ? 31 'BINDING SITE FOR RESIDUE GNP A 200' 
# 
loop_
_struct_site_gen.id 
_struct_site_gen.site_id 
_struct_site_gen.pdbx_num_res 
_struct_site_gen.label_comp_id 
_struct_site_gen.label_asym_id 
_struct_site_gen.label_seq_id 
_struct_site_gen.pdbx_auth_ins_code 
_struct_site_gen.auth_comp_id 
_struct_site_gen.auth_asym_id 
_struct_site_gen.auth_seq_id 
_struct_site_gen.label_atom_id 
_struct_site_gen.label_alt_id 
_struct_site_gen.symmetry 
_struct_site_gen.details 
1  AC1 5  SER A 34  ? SER A 25  . ? 1_555 ? 
2  AC1 5  THR A 52  ? THR A 43  . ? 1_555 ? 
3  AC1 5  GNP C .   ? GNP A 200 . ? 1_555 ? 
4  AC1 5  HOH D .   ? HOH A 216 . ? 1_555 ? 
5  AC1 5  HOH D .   ? HOH A 231 . ? 1_555 ? 
6  AC2 31 SER A 29  ? SER A 20  . ? 1_555 ? 
7  AC2 31 GLY A 30  ? GLY A 21  . ? 1_555 ? 
8  AC2 31 VAL A 31  ? VAL A 22  . ? 1_555 ? 
9  AC2 31 GLY A 32  ? GLY A 23  . ? 1_555 ? 
10 AC2 31 LYS A 33  ? LYS A 24  . ? 1_555 ? 
11 AC2 31 SER A 34  ? SER A 25  . ? 1_555 ? 
12 AC2 31 ASN A 35  ? ASN A 26  . ? 1_555 ? 
13 AC2 31 PHE A 45  ? PHE A 36  . ? 1_555 ? 
14 AC2 31 ASN A 46  ? ASN A 37  . ? 1_555 ? 
15 AC2 31 LEU A 47  ? LEU A 38  . ? 1_555 ? 
16 AC2 31 SER A 49  ? SER A 40  . ? 1_555 ? 
17 AC2 31 SER A 51  ? SER A 42  . ? 1_555 ? 
18 AC2 31 THR A 52  ? THR A 43  . ? 1_555 ? 
19 AC2 31 ALA A 77  ? ALA A 68  . ? 1_555 ? 
20 AC2 31 GLY A 78  ? GLY A 69  . ? 1_555 ? 
21 AC2 31 ASN A 133 ? ASN A 124 . ? 1_555 ? 
22 AC2 31 LYS A 134 ? LYS A 125 . ? 1_555 ? 
23 AC2 31 ASP A 136 ? ASP A 127 . ? 1_555 ? 
24 AC2 31 LEU A 137 ? LEU A 128 . ? 1_555 ? 
25 AC2 31 SER A 163 ? SER A 154 . ? 1_555 ? 
26 AC2 31 ALA A 164 ? ALA A 155 . ? 1_555 ? 
27 AC2 31 LEU A 165 ? LEU A 156 . ? 1_555 ? 
28 AC2 31 MG  B .   ? MG  A 201 . ? 1_555 ? 
29 AC2 31 HOH D .   ? HOH A 216 . ? 1_555 ? 
30 AC2 31 HOH D .   ? HOH A 218 . ? 1_555 ? 
31 AC2 31 HOH D .   ? HOH A 231 . ? 1_555 ? 
32 AC2 31 HOH D .   ? HOH A 258 . ? 1_555 ? 
33 AC2 31 HOH D .   ? HOH A 273 . ? 1_555 ? 
34 AC2 31 HOH D .   ? HOH A 305 . ? 1_555 ? 
35 AC2 31 HOH D .   ? HOH A 359 . ? 7_555 ? 
36 AC2 31 HOH D .   ? HOH A 399 . ? 1_555 ? 
# 
_pdbx_validate_symm_contact.id                1 
_pdbx_validate_symm_contact.PDB_model_num     1 
_pdbx_validate_symm_contact.auth_atom_id_1    O 
_pdbx_validate_symm_contact.auth_asym_id_1    A 
_pdbx_validate_symm_contact.auth_comp_id_1    HOH 
_pdbx_validate_symm_contact.auth_seq_id_1     255 
_pdbx_validate_symm_contact.PDB_ins_code_1    ? 
_pdbx_validate_symm_contact.label_alt_id_1    ? 
_pdbx_validate_symm_contact.site_symmetry_1   1_555 
_pdbx_validate_symm_contact.auth_atom_id_2    O 
_pdbx_validate_symm_contact.auth_asym_id_2    A 
_pdbx_validate_symm_contact.auth_comp_id_2    HOH 
_pdbx_validate_symm_contact.auth_seq_id_2     268 
_pdbx_validate_symm_contact.PDB_ins_code_2    ? 
_pdbx_validate_symm_contact.label_alt_id_2    ? 
_pdbx_validate_symm_contact.site_symmetry_2   5_555 
_pdbx_validate_symm_contact.dist              2.19 
# 
loop_
_pdbx_validate_torsion.id 
_pdbx_validate_torsion.PDB_model_num 
_pdbx_validate_torsion.auth_comp_id 
_pdbx_validate_torsion.auth_asym_id 
_pdbx_validate_torsion.auth_seq_id 
_pdbx_validate_torsion.PDB_ins_code 
_pdbx_validate_torsion.label_alt_id 
_pdbx_validate_torsion.phi 
_pdbx_validate_torsion.psi 
1 1 LYS A 125 ? ? 72.21  37.82 
2 1 LEU A 128 ? ? -93.13 35.57 
3 1 SER A 158 ? ? 79.15  -5.94 
# 
loop_
_pdbx_unobs_or_zero_occ_residues.id 
_pdbx_unobs_or_zero_occ_residues.PDB_model_num 
_pdbx_unobs_or_zero_occ_residues.polymer_flag 
_pdbx_unobs_or_zero_occ_residues.occupancy_flag 
_pdbx_unobs_or_zero_occ_residues.auth_asym_id 
_pdbx_unobs_or_zero_occ_residues.auth_comp_id 
_pdbx_unobs_or_zero_occ_residues.auth_seq_id 
_pdbx_unobs_or_zero_occ_residues.PDB_ins_code 
_pdbx_unobs_or_zero_occ_residues.label_asym_id 
_pdbx_unobs_or_zero_occ_residues.label_comp_id 
_pdbx_unobs_or_zero_occ_residues.label_seq_id 
1  1 Y 1 A MET -8 ? A MET 1  
2  1 Y 1 A GLY -7 ? A GLY 2  
3  1 Y 1 A HIS -6 ? A HIS 3  
4  1 Y 1 A HIS -5 ? A HIS 4  
5  1 Y 1 A HIS -4 ? A HIS 5  
6  1 Y 1 A HIS -3 ? A HIS 6  
7  1 Y 1 A HIS -2 ? A HIS 7  
8  1 Y 1 A HIS -1 ? A HIS 8  
9  1 Y 1 A GLY 0  ? A GLY 9  
10 1 Y 1 A SER 1  ? A SER 10 
11 1 Y 1 A LEU 2  ? A LEU 11 
12 1 Y 1 A VAL 3  ? A VAL 12 
13 1 Y 1 A PRO 4  ? A PRO 13 
14 1 Y 1 A ARG 5  ? A ARG 14 
15 1 Y 1 A GLY 6  ? A GLY 15 
16 1 Y 1 A SER 7  ? A SER 16 
# 
loop_
_chem_comp_atom.comp_id 
_chem_comp_atom.atom_id 
_chem_comp_atom.type_symbol 
_chem_comp_atom.pdbx_aromatic_flag 
_chem_comp_atom.pdbx_stereo_config 
_chem_comp_atom.pdbx_ordinal 
ALA N      N  N N 1   
ALA CA     C  N S 2   
ALA C      C  N N 3   
ALA O      O  N N 4   
ALA CB     C  N N 5   
ALA OXT    O  N N 6   
ALA H      H  N N 7   
ALA H2     H  N N 8   
ALA HA     H  N N 9   
ALA HB1    H  N N 10  
ALA HB2    H  N N 11  
ALA HB3    H  N N 12  
ALA HXT    H  N N 13  
ARG N      N  N N 14  
ARG CA     C  N S 15  
ARG C      C  N N 16  
ARG O      O  N N 17  
ARG CB     C  N N 18  
ARG CG     C  N N 19  
ARG CD     C  N N 20  
ARG NE     N  N N 21  
ARG CZ     C  N N 22  
ARG NH1    N  N N 23  
ARG NH2    N  N N 24  
ARG OXT    O  N N 25  
ARG H      H  N N 26  
ARG H2     H  N N 27  
ARG HA     H  N N 28  
ARG HB2    H  N N 29  
ARG HB3    H  N N 30  
ARG HG2    H  N N 31  
ARG HG3    H  N N 32  
ARG HD2    H  N N 33  
ARG HD3    H  N N 34  
ARG HE     H  N N 35  
ARG HH11   H  N N 36  
ARG HH12   H  N N 37  
ARG HH21   H  N N 38  
ARG HH22   H  N N 39  
ARG HXT    H  N N 40  
ASN N      N  N N 41  
ASN CA     C  N S 42  
ASN C      C  N N 43  
ASN O      O  N N 44  
ASN CB     C  N N 45  
ASN CG     C  N N 46  
ASN OD1    O  N N 47  
ASN ND2    N  N N 48  
ASN OXT    O  N N 49  
ASN H      H  N N 50  
ASN H2     H  N N 51  
ASN HA     H  N N 52  
ASN HB2    H  N N 53  
ASN HB3    H  N N 54  
ASN HD21   H  N N 55  
ASN HD22   H  N N 56  
ASN HXT    H  N N 57  
ASP N      N  N N 58  
ASP CA     C  N S 59  
ASP C      C  N N 60  
ASP O      O  N N 61  
ASP CB     C  N N 62  
ASP CG     C  N N 63  
ASP OD1    O  N N 64  
ASP OD2    O  N N 65  
ASP OXT    O  N N 66  
ASP H      H  N N 67  
ASP H2     H  N N 68  
ASP HA     H  N N 69  
ASP HB2    H  N N 70  
ASP HB3    H  N N 71  
ASP HD2    H  N N 72  
ASP HXT    H  N N 73  
GLN N      N  N N 74  
GLN CA     C  N S 75  
GLN C      C  N N 76  
GLN O      O  N N 77  
GLN CB     C  N N 78  
GLN CG     C  N N 79  
GLN CD     C  N N 80  
GLN OE1    O  N N 81  
GLN NE2    N  N N 82  
GLN OXT    O  N N 83  
GLN H      H  N N 84  
GLN H2     H  N N 85  
GLN HA     H  N N 86  
GLN HB2    H  N N 87  
GLN HB3    H  N N 88  
GLN HG2    H  N N 89  
GLN HG3    H  N N 90  
GLN HE21   H  N N 91  
GLN HE22   H  N N 92  
GLN HXT    H  N N 93  
GLU N      N  N N 94  
GLU CA     C  N S 95  
GLU C      C  N N 96  
GLU O      O  N N 97  
GLU CB     C  N N 98  
GLU CG     C  N N 99  
GLU CD     C  N N 100 
GLU OE1    O  N N 101 
GLU OE2    O  N N 102 
GLU OXT    O  N N 103 
GLU H      H  N N 104 
GLU H2     H  N N 105 
GLU HA     H  N N 106 
GLU HB2    H  N N 107 
GLU HB3    H  N N 108 
GLU HG2    H  N N 109 
GLU HG3    H  N N 110 
GLU HE2    H  N N 111 
GLU HXT    H  N N 112 
GLY N      N  N N 113 
GLY CA     C  N N 114 
GLY C      C  N N 115 
GLY O      O  N N 116 
GLY OXT    O  N N 117 
GLY H      H  N N 118 
GLY H2     H  N N 119 
GLY HA2    H  N N 120 
GLY HA3    H  N N 121 
GLY HXT    H  N N 122 
GNP PG     P  N N 123 
GNP O1G    O  N N 124 
GNP O2G    O  N N 125 
GNP O3G    O  N N 126 
GNP N3B    N  N N 127 
GNP PB     P  N R 128 
GNP O1B    O  N N 129 
GNP O2B    O  N N 130 
GNP O3A    O  N N 131 
GNP PA     P  N S 132 
GNP O1A    O  N N 133 
GNP O2A    O  N N 134 
GNP "O5'"  O  N N 135 
GNP "C5'"  C  N N 136 
GNP "C4'"  C  N R 137 
GNP "O4'"  O  N N 138 
GNP "C3'"  C  N S 139 
GNP "O3'"  O  N N 140 
GNP "C2'"  C  N R 141 
GNP "O2'"  O  N N 142 
GNP "C1'"  C  N R 143 
GNP N9     N  Y N 144 
GNP C8     C  Y N 145 
GNP N7     N  Y N 146 
GNP C5     C  Y N 147 
GNP C6     C  Y N 148 
GNP O6     O  N N 149 
GNP N1     N  Y N 150 
GNP C2     C  Y N 151 
GNP N2     N  N N 152 
GNP N3     N  Y N 153 
GNP C4     C  Y N 154 
GNP HOG2   H  N N 155 
GNP HOG3   H  N N 156 
GNP HNB3   H  N N 157 
GNP HOB2   H  N N 158 
GNP HOA2   H  N N 159 
GNP "H5'2" H  N N 160 
GNP "H5'1" H  N N 161 
GNP "H4'"  H  N N 162 
GNP "H3'"  H  N N 163 
GNP "HO3'" H  N N 164 
GNP "H2'"  H  N N 165 
GNP "HO2'" H  N N 166 
GNP "H1'"  H  N N 167 
GNP H8     H  N N 168 
GNP HN1    H  N N 169 
GNP HN21   H  N N 170 
GNP HN22   H  N N 171 
HIS N      N  N N 172 
HIS CA     C  N S 173 
HIS C      C  N N 174 
HIS O      O  N N 175 
HIS CB     C  N N 176 
HIS CG     C  Y N 177 
HIS ND1    N  Y N 178 
HIS CD2    C  Y N 179 
HIS CE1    C  Y N 180 
HIS NE2    N  Y N 181 
HIS OXT    O  N N 182 
HIS H      H  N N 183 
HIS H2     H  N N 184 
HIS HA     H  N N 185 
HIS HB2    H  N N 186 
HIS HB3    H  N N 187 
HIS HD1    H  N N 188 
HIS HD2    H  N N 189 
HIS HE1    H  N N 190 
HIS HE2    H  N N 191 
HIS HXT    H  N N 192 
HOH O      O  N N 193 
HOH H1     H  N N 194 
HOH H2     H  N N 195 
ILE N      N  N N 196 
ILE CA     C  N S 197 
ILE C      C  N N 198 
ILE O      O  N N 199 
ILE CB     C  N S 200 
ILE CG1    C  N N 201 
ILE CG2    C  N N 202 
ILE CD1    C  N N 203 
ILE OXT    O  N N 204 
ILE H      H  N N 205 
ILE H2     H  N N 206 
ILE HA     H  N N 207 
ILE HB     H  N N 208 
ILE HG12   H  N N 209 
ILE HG13   H  N N 210 
ILE HG21   H  N N 211 
ILE HG22   H  N N 212 
ILE HG23   H  N N 213 
ILE HD11   H  N N 214 
ILE HD12   H  N N 215 
ILE HD13   H  N N 216 
ILE HXT    H  N N 217 
LEU N      N  N N 218 
LEU CA     C  N S 219 
LEU C      C  N N 220 
LEU O      O  N N 221 
LEU CB     C  N N 222 
LEU CG     C  N N 223 
LEU CD1    C  N N 224 
LEU CD2    C  N N 225 
LEU OXT    O  N N 226 
LEU H      H  N N 227 
LEU H2     H  N N 228 
LEU HA     H  N N 229 
LEU HB2    H  N N 230 
LEU HB3    H  N N 231 
LEU HG     H  N N 232 
LEU HD11   H  N N 233 
LEU HD12   H  N N 234 
LEU HD13   H  N N 235 
LEU HD21   H  N N 236 
LEU HD22   H  N N 237 
LEU HD23   H  N N 238 
LEU HXT    H  N N 239 
LYS N      N  N N 240 
LYS CA     C  N S 241 
LYS C      C  N N 242 
LYS O      O  N N 243 
LYS CB     C  N N 244 
LYS CG     C  N N 245 
LYS CD     C  N N 246 
LYS CE     C  N N 247 
LYS NZ     N  N N 248 
LYS OXT    O  N N 249 
LYS H      H  N N 250 
LYS H2     H  N N 251 
LYS HA     H  N N 252 
LYS HB2    H  N N 253 
LYS HB3    H  N N 254 
LYS HG2    H  N N 255 
LYS HG3    H  N N 256 
LYS HD2    H  N N 257 
LYS HD3    H  N N 258 
LYS HE2    H  N N 259 
LYS HE3    H  N N 260 
LYS HZ1    H  N N 261 
LYS HZ2    H  N N 262 
LYS HZ3    H  N N 263 
LYS HXT    H  N N 264 
MET N      N  N N 265 
MET CA     C  N S 266 
MET C      C  N N 267 
MET O      O  N N 268 
MET CB     C  N N 269 
MET CG     C  N N 270 
MET SD     S  N N 271 
MET CE     C  N N 272 
MET OXT    O  N N 273 
MET H      H  N N 274 
MET H2     H  N N 275 
MET HA     H  N N 276 
MET HB2    H  N N 277 
MET HB3    H  N N 278 
MET HG2    H  N N 279 
MET HG3    H  N N 280 
MET HE1    H  N N 281 
MET HE2    H  N N 282 
MET HE3    H  N N 283 
MET HXT    H  N N 284 
MG  MG     MG N N 285 
PHE N      N  N N 286 
PHE CA     C  N S 287 
PHE C      C  N N 288 
PHE O      O  N N 289 
PHE CB     C  N N 290 
PHE CG     C  Y N 291 
PHE CD1    C  Y N 292 
PHE CD2    C  Y N 293 
PHE CE1    C  Y N 294 
PHE CE2    C  Y N 295 
PHE CZ     C  Y N 296 
PHE OXT    O  N N 297 
PHE H      H  N N 298 
PHE H2     H  N N 299 
PHE HA     H  N N 300 
PHE HB2    H  N N 301 
PHE HB3    H  N N 302 
PHE HD1    H  N N 303 
PHE HD2    H  N N 304 
PHE HE1    H  N N 305 
PHE HE2    H  N N 306 
PHE HZ     H  N N 307 
PHE HXT    H  N N 308 
PRO N      N  N N 309 
PRO CA     C  N S 310 
PRO C      C  N N 311 
PRO O      O  N N 312 
PRO CB     C  N N 313 
PRO CG     C  N N 314 
PRO CD     C  N N 315 
PRO OXT    O  N N 316 
PRO H      H  N N 317 
PRO HA     H  N N 318 
PRO HB2    H  N N 319 
PRO HB3    H  N N 320 
PRO HG2    H  N N 321 
PRO HG3    H  N N 322 
PRO HD2    H  N N 323 
PRO HD3    H  N N 324 
PRO HXT    H  N N 325 
SER N      N  N N 326 
SER CA     C  N S 327 
SER C      C  N N 328 
SER O      O  N N 329 
SER CB     C  N N 330 
SER OG     O  N N 331 
SER OXT    O  N N 332 
SER H      H  N N 333 
SER H2     H  N N 334 
SER HA     H  N N 335 
SER HB2    H  N N 336 
SER HB3    H  N N 337 
SER HG     H  N N 338 
SER HXT    H  N N 339 
THR N      N  N N 340 
THR CA     C  N S 341 
THR C      C  N N 342 
THR O      O  N N 343 
THR CB     C  N R 344 
THR OG1    O  N N 345 
THR CG2    C  N N 346 
THR OXT    O  N N 347 
THR H      H  N N 348 
THR H2     H  N N 349 
THR HA     H  N N 350 
THR HB     H  N N 351 
THR HG1    H  N N 352 
THR HG21   H  N N 353 
THR HG22   H  N N 354 
THR HG23   H  N N 355 
THR HXT    H  N N 356 
TRP N      N  N N 357 
TRP CA     C  N S 358 
TRP C      C  N N 359 
TRP O      O  N N 360 
TRP CB     C  N N 361 
TRP CG     C  Y N 362 
TRP CD1    C  Y N 363 
TRP CD2    C  Y N 364 
TRP NE1    N  Y N 365 
TRP CE2    C  Y N 366 
TRP CE3    C  Y N 367 
TRP CZ2    C  Y N 368 
TRP CZ3    C  Y N 369 
TRP CH2    C  Y N 370 
TRP OXT    O  N N 371 
TRP H      H  N N 372 
TRP H2     H  N N 373 
TRP HA     H  N N 374 
TRP HB2    H  N N 375 
TRP HB3    H  N N 376 
TRP HD1    H  N N 377 
TRP HE1    H  N N 378 
TRP HE3    H  N N 379 
TRP HZ2    H  N N 380 
TRP HZ3    H  N N 381 
TRP HH2    H  N N 382 
TRP HXT    H  N N 383 
TYR N      N  N N 384 
TYR CA     C  N S 385 
TYR C      C  N N 386 
TYR O      O  N N 387 
TYR CB     C  N N 388 
TYR CG     C  Y N 389 
TYR CD1    C  Y N 390 
TYR CD2    C  Y N 391 
TYR CE1    C  Y N 392 
TYR CE2    C  Y N 393 
TYR CZ     C  Y N 394 
TYR OH     O  N N 395 
TYR OXT    O  N N 396 
TYR H      H  N N 397 
TYR H2     H  N N 398 
TYR HA     H  N N 399 
TYR HB2    H  N N 400 
TYR HB3    H  N N 401 
TYR HD1    H  N N 402 
TYR HD2    H  N N 403 
TYR HE1    H  N N 404 
TYR HE2    H  N N 405 
TYR HH     H  N N 406 
TYR HXT    H  N N 407 
VAL N      N  N N 408 
VAL CA     C  N S 409 
VAL C      C  N N 410 
VAL O      O  N N 411 
VAL CB     C  N N 412 
VAL CG1    C  N N 413 
VAL CG2    C  N N 414 
VAL OXT    O  N N 415 
VAL H      H  N N 416 
VAL H2     H  N N 417 
VAL HA     H  N N 418 
VAL HB     H  N N 419 
VAL HG11   H  N N 420 
VAL HG12   H  N N 421 
VAL HG13   H  N N 422 
VAL HG21   H  N N 423 
VAL HG22   H  N N 424 
VAL HG23   H  N N 425 
VAL HXT    H  N N 426 
# 
loop_
_chem_comp_bond.comp_id 
_chem_comp_bond.atom_id_1 
_chem_comp_bond.atom_id_2 
_chem_comp_bond.value_order 
_chem_comp_bond.pdbx_aromatic_flag 
_chem_comp_bond.pdbx_stereo_config 
_chem_comp_bond.pdbx_ordinal 
ALA N     CA     sing N N 1   
ALA N     H      sing N N 2   
ALA N     H2     sing N N 3   
ALA CA    C      sing N N 4   
ALA CA    CB     sing N N 5   
ALA CA    HA     sing N N 6   
ALA C     O      doub N N 7   
ALA C     OXT    sing N N 8   
ALA CB    HB1    sing N N 9   
ALA CB    HB2    sing N N 10  
ALA CB    HB3    sing N N 11  
ALA OXT   HXT    sing N N 12  
ARG N     CA     sing N N 13  
ARG N     H      sing N N 14  
ARG N     H2     sing N N 15  
ARG CA    C      sing N N 16  
ARG CA    CB     sing N N 17  
ARG CA    HA     sing N N 18  
ARG C     O      doub N N 19  
ARG C     OXT    sing N N 20  
ARG CB    CG     sing N N 21  
ARG CB    HB2    sing N N 22  
ARG CB    HB3    sing N N 23  
ARG CG    CD     sing N N 24  
ARG CG    HG2    sing N N 25  
ARG CG    HG3    sing N N 26  
ARG CD    NE     sing N N 27  
ARG CD    HD2    sing N N 28  
ARG CD    HD3    sing N N 29  
ARG NE    CZ     sing N N 30  
ARG NE    HE     sing N N 31  
ARG CZ    NH1    sing N N 32  
ARG CZ    NH2    doub N N 33  
ARG NH1   HH11   sing N N 34  
ARG NH1   HH12   sing N N 35  
ARG NH2   HH21   sing N N 36  
ARG NH2   HH22   sing N N 37  
ARG OXT   HXT    sing N N 38  
ASN N     CA     sing N N 39  
ASN N     H      sing N N 40  
ASN N     H2     sing N N 41  
ASN CA    C      sing N N 42  
ASN CA    CB     sing N N 43  
ASN CA    HA     sing N N 44  
ASN C     O      doub N N 45  
ASN C     OXT    sing N N 46  
ASN CB    CG     sing N N 47  
ASN CB    HB2    sing N N 48  
ASN CB    HB3    sing N N 49  
ASN CG    OD1    doub N N 50  
ASN CG    ND2    sing N N 51  
ASN ND2   HD21   sing N N 52  
ASN ND2   HD22   sing N N 53  
ASN OXT   HXT    sing N N 54  
ASP N     CA     sing N N 55  
ASP N     H      sing N N 56  
ASP N     H2     sing N N 57  
ASP CA    C      sing N N 58  
ASP CA    CB     sing N N 59  
ASP CA    HA     sing N N 60  
ASP C     O      doub N N 61  
ASP C     OXT    sing N N 62  
ASP CB    CG     sing N N 63  
ASP CB    HB2    sing N N 64  
ASP CB    HB3    sing N N 65  
ASP CG    OD1    doub N N 66  
ASP CG    OD2    sing N N 67  
ASP OD2   HD2    sing N N 68  
ASP OXT   HXT    sing N N 69  
GLN N     CA     sing N N 70  
GLN N     H      sing N N 71  
GLN N     H2     sing N N 72  
GLN CA    C      sing N N 73  
GLN CA    CB     sing N N 74  
GLN CA    HA     sing N N 75  
GLN C     O      doub N N 76  
GLN C     OXT    sing N N 77  
GLN CB    CG     sing N N 78  
GLN CB    HB2    sing N N 79  
GLN CB    HB3    sing N N 80  
GLN CG    CD     sing N N 81  
GLN CG    HG2    sing N N 82  
GLN CG    HG3    sing N N 83  
GLN CD    OE1    doub N N 84  
GLN CD    NE2    sing N N 85  
GLN NE2   HE21   sing N N 86  
GLN NE2   HE22   sing N N 87  
GLN OXT   HXT    sing N N 88  
GLU N     CA     sing N N 89  
GLU N     H      sing N N 90  
GLU N     H2     sing N N 91  
GLU CA    C      sing N N 92  
GLU CA    CB     sing N N 93  
GLU CA    HA     sing N N 94  
GLU C     O      doub N N 95  
GLU C     OXT    sing N N 96  
GLU CB    CG     sing N N 97  
GLU CB    HB2    sing N N 98  
GLU CB    HB3    sing N N 99  
GLU CG    CD     sing N N 100 
GLU CG    HG2    sing N N 101 
GLU CG    HG3    sing N N 102 
GLU CD    OE1    doub N N 103 
GLU CD    OE2    sing N N 104 
GLU OE2   HE2    sing N N 105 
GLU OXT   HXT    sing N N 106 
GLY N     CA     sing N N 107 
GLY N     H      sing N N 108 
GLY N     H2     sing N N 109 
GLY CA    C      sing N N 110 
GLY CA    HA2    sing N N 111 
GLY CA    HA3    sing N N 112 
GLY C     O      doub N N 113 
GLY C     OXT    sing N N 114 
GLY OXT   HXT    sing N N 115 
GNP PG    O1G    doub N N 116 
GNP PG    O2G    sing N N 117 
GNP PG    O3G    sing N N 118 
GNP PG    N3B    sing N N 119 
GNP O2G   HOG2   sing N N 120 
GNP O3G   HOG3   sing N N 121 
GNP N3B   PB     sing N N 122 
GNP N3B   HNB3   sing N N 123 
GNP PB    O1B    doub N N 124 
GNP PB    O2B    sing N N 125 
GNP PB    O3A    sing N N 126 
GNP O2B   HOB2   sing N N 127 
GNP O3A   PA     sing N N 128 
GNP PA    O1A    doub N N 129 
GNP PA    O2A    sing N N 130 
GNP PA    "O5'"  sing N N 131 
GNP O2A   HOA2   sing N N 132 
GNP "O5'" "C5'"  sing N N 133 
GNP "C5'" "C4'"  sing N N 134 
GNP "C5'" "H5'2" sing N N 135 
GNP "C5'" "H5'1" sing N N 136 
GNP "C4'" "O4'"  sing N N 137 
GNP "C4'" "C3'"  sing N N 138 
GNP "C4'" "H4'"  sing N N 139 
GNP "O4'" "C1'"  sing N N 140 
GNP "C3'" "O3'"  sing N N 141 
GNP "C3'" "C2'"  sing N N 142 
GNP "C3'" "H3'"  sing N N 143 
GNP "O3'" "HO3'" sing N N 144 
GNP "C2'" "O2'"  sing N N 145 
GNP "C2'" "C1'"  sing N N 146 
GNP "C2'" "H2'"  sing N N 147 
GNP "O2'" "HO2'" sing N N 148 
GNP "C1'" N9     sing N N 149 
GNP "C1'" "H1'"  sing N N 150 
GNP N9    C8     sing Y N 151 
GNP N9    C4     sing Y N 152 
GNP C8    N7     doub Y N 153 
GNP C8    H8     sing N N 154 
GNP N7    C5     sing Y N 155 
GNP C5    C6     sing Y N 156 
GNP C5    C4     doub Y N 157 
GNP C6    O6     doub N N 158 
GNP C6    N1     sing Y N 159 
GNP N1    C2     sing Y N 160 
GNP N1    HN1    sing N N 161 
GNP C2    N2     sing N N 162 
GNP C2    N3     doub Y N 163 
GNP N2    HN21   sing N N 164 
GNP N2    HN22   sing N N 165 
GNP N3    C4     sing Y N 166 
HIS N     CA     sing N N 167 
HIS N     H      sing N N 168 
HIS N     H2     sing N N 169 
HIS CA    C      sing N N 170 
HIS CA    CB     sing N N 171 
HIS CA    HA     sing N N 172 
HIS C     O      doub N N 173 
HIS C     OXT    sing N N 174 
HIS CB    CG     sing N N 175 
HIS CB    HB2    sing N N 176 
HIS CB    HB3    sing N N 177 
HIS CG    ND1    sing Y N 178 
HIS CG    CD2    doub Y N 179 
HIS ND1   CE1    doub Y N 180 
HIS ND1   HD1    sing N N 181 
HIS CD2   NE2    sing Y N 182 
HIS CD2   HD2    sing N N 183 
HIS CE1   NE2    sing Y N 184 
HIS CE1   HE1    sing N N 185 
HIS NE2   HE2    sing N N 186 
HIS OXT   HXT    sing N N 187 
HOH O     H1     sing N N 188 
HOH O     H2     sing N N 189 
ILE N     CA     sing N N 190 
ILE N     H      sing N N 191 
ILE N     H2     sing N N 192 
ILE CA    C      sing N N 193 
ILE CA    CB     sing N N 194 
ILE CA    HA     sing N N 195 
ILE C     O      doub N N 196 
ILE C     OXT    sing N N 197 
ILE CB    CG1    sing N N 198 
ILE CB    CG2    sing N N 199 
ILE CB    HB     sing N N 200 
ILE CG1   CD1    sing N N 201 
ILE CG1   HG12   sing N N 202 
ILE CG1   HG13   sing N N 203 
ILE CG2   HG21   sing N N 204 
ILE CG2   HG22   sing N N 205 
ILE CG2   HG23   sing N N 206 
ILE CD1   HD11   sing N N 207 
ILE CD1   HD12   sing N N 208 
ILE CD1   HD13   sing N N 209 
ILE OXT   HXT    sing N N 210 
LEU N     CA     sing N N 211 
LEU N     H      sing N N 212 
LEU N     H2     sing N N 213 
LEU CA    C      sing N N 214 
LEU CA    CB     sing N N 215 
LEU CA    HA     sing N N 216 
LEU C     O      doub N N 217 
LEU C     OXT    sing N N 218 
LEU CB    CG     sing N N 219 
LEU CB    HB2    sing N N 220 
LEU CB    HB3    sing N N 221 
LEU CG    CD1    sing N N 222 
LEU CG    CD2    sing N N 223 
LEU CG    HG     sing N N 224 
LEU CD1   HD11   sing N N 225 
LEU CD1   HD12   sing N N 226 
LEU CD1   HD13   sing N N 227 
LEU CD2   HD21   sing N N 228 
LEU CD2   HD22   sing N N 229 
LEU CD2   HD23   sing N N 230 
LEU OXT   HXT    sing N N 231 
LYS N     CA     sing N N 232 
LYS N     H      sing N N 233 
LYS N     H2     sing N N 234 
LYS CA    C      sing N N 235 
LYS CA    CB     sing N N 236 
LYS CA    HA     sing N N 237 
LYS C     O      doub N N 238 
LYS C     OXT    sing N N 239 
LYS CB    CG     sing N N 240 
LYS CB    HB2    sing N N 241 
LYS CB    HB3    sing N N 242 
LYS CG    CD     sing N N 243 
LYS CG    HG2    sing N N 244 
LYS CG    HG3    sing N N 245 
LYS CD    CE     sing N N 246 
LYS CD    HD2    sing N N 247 
LYS CD    HD3    sing N N 248 
LYS CE    NZ     sing N N 249 
LYS CE    HE2    sing N N 250 
LYS CE    HE3    sing N N 251 
LYS NZ    HZ1    sing N N 252 
LYS NZ    HZ2    sing N N 253 
LYS NZ    HZ3    sing N N 254 
LYS OXT   HXT    sing N N 255 
MET N     CA     sing N N 256 
MET N     H      sing N N 257 
MET N     H2     sing N N 258 
MET CA    C      sing N N 259 
MET CA    CB     sing N N 260 
MET CA    HA     sing N N 261 
MET C     O      doub N N 262 
MET C     OXT    sing N N 263 
MET CB    CG     sing N N 264 
MET CB    HB2    sing N N 265 
MET CB    HB3    sing N N 266 
MET CG    SD     sing N N 267 
MET CG    HG2    sing N N 268 
MET CG    HG3    sing N N 269 
MET SD    CE     sing N N 270 
MET CE    HE1    sing N N 271 
MET CE    HE2    sing N N 272 
MET CE    HE3    sing N N 273 
MET OXT   HXT    sing N N 274 
PHE N     CA     sing N N 275 
PHE N     H      sing N N 276 
PHE N     H2     sing N N 277 
PHE CA    C      sing N N 278 
PHE CA    CB     sing N N 279 
PHE CA    HA     sing N N 280 
PHE C     O      doub N N 281 
PHE C     OXT    sing N N 282 
PHE CB    CG     sing N N 283 
PHE CB    HB2    sing N N 284 
PHE CB    HB3    sing N N 285 
PHE CG    CD1    doub Y N 286 
PHE CG    CD2    sing Y N 287 
PHE CD1   CE1    sing Y N 288 
PHE CD1   HD1    sing N N 289 
PHE CD2   CE2    doub Y N 290 
PHE CD2   HD2    sing N N 291 
PHE CE1   CZ     doub Y N 292 
PHE CE1   HE1    sing N N 293 
PHE CE2   CZ     sing Y N 294 
PHE CE2   HE2    sing N N 295 
PHE CZ    HZ     sing N N 296 
PHE OXT   HXT    sing N N 297 
PRO N     CA     sing N N 298 
PRO N     CD     sing N N 299 
PRO N     H      sing N N 300 
PRO CA    C      sing N N 301 
PRO CA    CB     sing N N 302 
PRO CA    HA     sing N N 303 
PRO C     O      doub N N 304 
PRO C     OXT    sing N N 305 
PRO CB    CG     sing N N 306 
PRO CB    HB2    sing N N 307 
PRO CB    HB3    sing N N 308 
PRO CG    CD     sing N N 309 
PRO CG    HG2    sing N N 310 
PRO CG    HG3    sing N N 311 
PRO CD    HD2    sing N N 312 
PRO CD    HD3    sing N N 313 
PRO OXT   HXT    sing N N 314 
SER N     CA     sing N N 315 
SER N     H      sing N N 316 
SER N     H2     sing N N 317 
SER CA    C      sing N N 318 
SER CA    CB     sing N N 319 
SER CA    HA     sing N N 320 
SER C     O      doub N N 321 
SER C     OXT    sing N N 322 
SER CB    OG     sing N N 323 
SER CB    HB2    sing N N 324 
SER CB    HB3    sing N N 325 
SER OG    HG     sing N N 326 
SER OXT   HXT    sing N N 327 
THR N     CA     sing N N 328 
THR N     H      sing N N 329 
THR N     H2     sing N N 330 
THR CA    C      sing N N 331 
THR CA    CB     sing N N 332 
THR CA    HA     sing N N 333 
THR C     O      doub N N 334 
THR C     OXT    sing N N 335 
THR CB    OG1    sing N N 336 
THR CB    CG2    sing N N 337 
THR CB    HB     sing N N 338 
THR OG1   HG1    sing N N 339 
THR CG2   HG21   sing N N 340 
THR CG2   HG22   sing N N 341 
THR CG2   HG23   sing N N 342 
THR OXT   HXT    sing N N 343 
TRP N     CA     sing N N 344 
TRP N     H      sing N N 345 
TRP N     H2     sing N N 346 
TRP CA    C      sing N N 347 
TRP CA    CB     sing N N 348 
TRP CA    HA     sing N N 349 
TRP C     O      doub N N 350 
TRP C     OXT    sing N N 351 
TRP CB    CG     sing N N 352 
TRP CB    HB2    sing N N 353 
TRP CB    HB3    sing N N 354 
TRP CG    CD1    doub Y N 355 
TRP CG    CD2    sing Y N 356 
TRP CD1   NE1    sing Y N 357 
TRP CD1   HD1    sing N N 358 
TRP CD2   CE2    doub Y N 359 
TRP CD2   CE3    sing Y N 360 
TRP NE1   CE2    sing Y N 361 
TRP NE1   HE1    sing N N 362 
TRP CE2   CZ2    sing Y N 363 
TRP CE3   CZ3    doub Y N 364 
TRP CE3   HE3    sing N N 365 
TRP CZ2   CH2    doub Y N 366 
TRP CZ2   HZ2    sing N N 367 
TRP CZ3   CH2    sing Y N 368 
TRP CZ3   HZ3    sing N N 369 
TRP CH2   HH2    sing N N 370 
TRP OXT   HXT    sing N N 371 
TYR N     CA     sing N N 372 
TYR N     H      sing N N 373 
TYR N     H2     sing N N 374 
TYR CA    C      sing N N 375 
TYR CA    CB     sing N N 376 
TYR CA    HA     sing N N 377 
TYR C     O      doub N N 378 
TYR C     OXT    sing N N 379 
TYR CB    CG     sing N N 380 
TYR CB    HB2    sing N N 381 
TYR CB    HB3    sing N N 382 
TYR CG    CD1    doub Y N 383 
TYR CG    CD2    sing Y N 384 
TYR CD1   CE1    sing Y N 385 
TYR CD1   HD1    sing N N 386 
TYR CD2   CE2    doub Y N 387 
TYR CD2   HD2    sing N N 388 
TYR CE1   CZ     doub Y N 389 
TYR CE1   HE1    sing N N 390 
TYR CE2   CZ     sing Y N 391 
TYR CE2   HE2    sing N N 392 
TYR CZ    OH     sing N N 393 
TYR OH    HH     sing N N 394 
TYR OXT   HXT    sing N N 395 
VAL N     CA     sing N N 396 
VAL N     H      sing N N 397 
VAL N     H2     sing N N 398 
VAL CA    C      sing N N 399 
VAL CA    CB     sing N N 400 
VAL CA    HA     sing N N 401 
VAL C     O      doub N N 402 
VAL C     OXT    sing N N 403 
VAL CB    CG1    sing N N 404 
VAL CB    CG2    sing N N 405 
VAL CB    HB     sing N N 406 
VAL CG1   HG11   sing N N 407 
VAL CG1   HG12   sing N N 408 
VAL CG1   HG13   sing N N 409 
VAL CG2   HG21   sing N N 410 
VAL CG2   HG22   sing N N 411 
VAL CG2   HG23   sing N N 412 
VAL OXT   HXT    sing N N 413 
# 
_pdbx_initial_refinement_model.accession_code   ? 
_pdbx_initial_refinement_model.id               1 
_pdbx_initial_refinement_model.entity_id_list   ? 
_pdbx_initial_refinement_model.type             'experimental model' 
_pdbx_initial_refinement_model.source_name      Other 
_pdbx_initial_refinement_model.details          'Polyalanine Rab5c' 
# 
_atom_sites.entry_id                    1YZK 
_atom_sites.fract_transf_matrix[1][1]   0.00884414 
_atom_sites.fract_transf_matrix[1][2]   0.00004486 
_atom_sites.fract_transf_matrix[1][3]   0.01022990 
_atom_sites.fract_transf_matrix[2][1]   0.01022907 
_atom_sites.fract_transf_matrix[2][2]   0.00014258 
_atom_sites.fract_transf_matrix[2][3]   -0.00884405 
_atom_sites.fract_transf_matrix[3][1]   -0.00006846 
_atom_sites.fract_transf_matrix[3][2]   0.00674759 
_atom_sites.fract_transf_matrix[3][3]   0.00002960 
_atom_sites.fract_transf_vector[1]      0.153913 
_atom_sites.fract_transf_vector[2]      0.313454 
_atom_sites.fract_transf_vector[3]      0.104448 
# 
loop_
_atom_type.symbol 
C  
MG 
N  
O  
P  
S  
# 
loop_
_atom_site.group_PDB 
_atom_site.id 
_atom_site.type_symbol 
_atom_site.label_atom_id 
_atom_site.label_alt_id 
_atom_site.label_comp_id 
_atom_site.label_asym_id 
_atom_site.label_entity_id 
_atom_site.label_seq_id 
_atom_site.pdbx_PDB_ins_code 
_atom_site.Cartn_x 
_atom_site.Cartn_y 
_atom_site.Cartn_z 
_atom_site.occupancy 
_atom_site.B_iso_or_equiv 
_atom_site.pdbx_formal_charge 
_atom_site.auth_seq_id 
_atom_site.auth_comp_id 
_atom_site.auth_asym_id 
_atom_site.auth_atom_id 
_atom_site.pdbx_PDB_model_num 
ATOM   1    N  N     . TYR A 1 17  ? -14.198 16.636  -8.612  1.00 32.64  ? 8   TYR A N     1 
ATOM   2    C  CA    . TYR A 1 17  ? -12.727 16.416  -8.490  1.00 32.49  ? 8   TYR A CA    1 
ATOM   3    C  C     . TYR A 1 17  ? -11.967 16.831  -9.749  1.00 32.19  ? 8   TYR A C     1 
ATOM   4    O  O     . TYR A 1 17  ? -12.530 16.869  -10.841 1.00 32.48  ? 8   TYR A O     1 
ATOM   5    C  CB    . TYR A 1 17  ? -12.433 14.949  -8.166  1.00 33.12  ? 8   TYR A CB    1 
ATOM   6    C  CG    . TYR A 1 17  ? -12.797 13.984  -9.266  1.00 33.33  ? 8   TYR A CG    1 
ATOM   7    C  CD1   . TYR A 1 17  ? -11.933 13.759  -10.330 1.00 33.52  ? 8   TYR A CD1   1 
ATOM   8    C  CD2   . TYR A 1 17  ? -13.998 13.283  -9.236  1.00 34.03  ? 8   TYR A CD2   1 
ATOM   9    C  CE1   . TYR A 1 17  ? -12.250 12.870  -11.338 1.00 33.85  ? 8   TYR A CE1   1 
ATOM   10   C  CE2   . TYR A 1 17  ? -14.326 12.388  -10.244 1.00 34.15  ? 8   TYR A CE2   1 
ATOM   11   C  CZ    . TYR A 1 17  ? -13.444 12.189  -11.291 1.00 33.89  ? 8   TYR A CZ    1 
ATOM   12   O  OH    . TYR A 1 17  ? -13.749 11.309  -12.296 1.00 34.24  ? 8   TYR A OH    1 
ATOM   13   N  N     . ASP A 1 18  ? -10.679 17.106  -9.584  1.00 31.65  ? 9   ASP A N     1 
ATOM   14   C  CA    . ASP A 1 18  ? -9.824  17.563  -10.675 1.00 31.40  ? 9   ASP A CA    1 
ATOM   15   C  C     . ASP A 1 18  ? -9.076  16.429  -11.379 1.00 31.17  ? 9   ASP A C     1 
ATOM   16   O  O     . ASP A 1 18  ? -8.884  16.474  -12.599 1.00 31.05  ? 9   ASP A O     1 
ATOM   17   C  CB    . ASP A 1 18  ? -8.837  18.599  -10.136 1.00 31.55  ? 9   ASP A CB    1 
ATOM   18   C  CG    . ASP A 1 18  ? -9.545  19.821  -9.579  1.00 31.92  ? 9   ASP A CG    1 
ATOM   19   O  OD1   . ASP A 1 18  ? -9.377  20.134  -8.383  1.00 30.83  ? 9   ASP A OD1   1 
ATOM   20   O  OD2   . ASP A 1 18  ? -10.314 20.438  -10.342 1.00 32.19  ? 9   ASP A OD2   1 
ATOM   21   N  N     . TYR A 1 19  ? -8.643  15.434  -10.605 1.00 30.59  ? 10  TYR A N     1 
ATOM   22   C  CA    . TYR A 1 19  ? -7.965  14.251  -11.139 1.00 30.12  ? 10  TYR A CA    1 
ATOM   23   C  C     . TYR A 1 19  ? -8.426  12.991  -10.403 1.00 29.22  ? 10  TYR A C     1 
ATOM   24   O  O     . TYR A 1 19  ? -8.728  13.039  -9.209  1.00 28.79  ? 10  TYR A O     1 
ATOM   25   C  CB    . TYR A 1 19  ? -6.444  14.392  -10.999 1.00 31.21  ? 10  TYR A CB    1 
ATOM   26   C  CG    . TYR A 1 19  ? -5.872  15.582  -11.724 1.00 31.81  ? 10  TYR A CG    1 
ATOM   27   C  CD1   . TYR A 1 19  ? -5.723  16.810  -11.081 1.00 32.76  ? 10  TYR A CD1   1 
ATOM   28   C  CD2   . TYR A 1 19  ? -5.493  15.491  -13.060 1.00 32.99  ? 10  TYR A CD2   1 
ATOM   29   C  CE1   . TYR A 1 19  ? -5.213  17.910  -11.748 1.00 32.69  ? 10  TYR A CE1   1 
ATOM   30   C  CE2   . TYR A 1 19  ? -4.972  16.590  -13.738 1.00 33.01  ? 10  TYR A CE2   1 
ATOM   31   C  CZ    . TYR A 1 19  ? -4.837  17.795  -13.074 1.00 32.59  ? 10  TYR A CZ    1 
ATOM   32   O  OH    . TYR A 1 19  ? -4.322  18.885  -13.740 1.00 33.61  ? 10  TYR A OH    1 
ATOM   33   N  N     . LEU A 1 20  ? -8.482  11.871  -11.125 1.00 28.16  ? 11  LEU A N     1 
ATOM   34   C  CA    . LEU A 1 20  ? -8.741  10.552  -10.528 1.00 27.50  ? 11  LEU A CA    1 
ATOM   35   C  C     . LEU A 1 20  ? -7.453  9.740   -10.612 1.00 26.23  ? 11  LEU A C     1 
ATOM   36   O  O     . LEU A 1 20  ? -6.966  9.495   -11.705 1.00 25.77  ? 11  LEU A O     1 
ATOM   37   C  CB    . LEU A 1 20  ? -9.870  9.836   -11.278 1.00 27.62  ? 11  LEU A CB    1 
ATOM   38   C  CG    . LEU A 1 20  ? -10.269 8.419   -10.837 1.00 28.19  ? 11  LEU A CG    1 
ATOM   39   C  CD1   . LEU A 1 20  ? -11.012 8.434   -9.534  1.00 29.80  ? 11  LEU A CD1   1 
ATOM   40   C  CD2   . LEU A 1 20  ? -11.141 7.769   -11.885 1.00 28.92  ? 11  LEU A CD2   1 
ATOM   41   N  N     . PHE A 1 21  ? -6.894  9.350   -9.465  1.00 25.18  ? 12  PHE A N     1 
ATOM   42   C  CA    . PHE A 1 21  ? -5.676  8.526   -9.419  1.00 24.50  ? 12  PHE A CA    1 
ATOM   43   C  C     . PHE A 1 21  ? -6.002  7.115   -8.894  1.00 23.32  ? 12  PHE A C     1 
ATOM   44   O  O     . PHE A 1 21  ? -6.478  6.969   -7.766  1.00 22.93  ? 12  PHE A O     1 
ATOM   45   C  CB    . PHE A 1 21  ? -4.618  9.133   -8.481  1.00 24.72  ? 12  PHE A CB    1 
ATOM   46   C  CG    . PHE A 1 21  ? -3.966  10.419  -8.969  1.00 24.69  ? 12  PHE A CG    1 
ATOM   47   C  CD1   . PHE A 1 21  ? -3.192  11.163  -8.082  1.00 25.23  ? 12  PHE A CD1   1 
ATOM   48   C  CD2   . PHE A 1 21  ? -4.102  10.886  -10.271 1.00 25.17  ? 12  PHE A CD2   1 
ATOM   49   C  CE1   . PHE A 1 21  ? -2.564  12.341  -8.479  1.00 25.64  ? 12  PHE A CE1   1 
ATOM   50   C  CE2   . PHE A 1 21  ? -3.476  12.071  -10.674 1.00 25.80  ? 12  PHE A CE2   1 
ATOM   51   C  CZ    . PHE A 1 21  ? -2.712  12.797  -9.776  1.00 25.29  ? 12  PHE A CZ    1 
ATOM   52   N  N     . LYS A 1 22  ? -5.731  6.086   -9.698  1.00 21.82  ? 13  LYS A N     1 
ATOM   53   C  CA    . LYS A 1 22  ? -5.875  4.694   -9.246  1.00 21.06  ? 13  LYS A CA    1 
ATOM   54   C  C     . LYS A 1 22  ? -4.596  4.271   -8.523  1.00 20.44  ? 13  LYS A C     1 
ATOM   55   O  O     . LYS A 1 22  ? -3.496  4.417   -9.060  1.00 19.78  ? 13  LYS A O     1 
ATOM   56   C  CB    . LYS A 1 22  ? -6.163  3.750   -10.421 1.00 20.87  ? 13  LYS A CB    1 
ATOM   57   C  CG    . LYS A 1 22  ? -6.124  2.251   -10.062 1.00 20.44  ? 13  LYS A CG    1 
ATOM   58   C  CD    . LYS A 1 22  ? -6.587  1.381   -11.231 1.00 19.86  ? 13  LYS A CD    1 
ATOM   59   C  CE    . LYS A 1 22  ? -6.338  -0.111  -10.984 1.00 19.04  ? 13  LYS A CE    1 
ATOM   60   N  NZ    . LYS A 1 22  ? -6.889  -0.976  -12.093 1.00 18.01  ? 13  LYS A NZ    1 
ATOM   61   N  N     . VAL A 1 23  ? -4.756  3.758   -7.304  1.00 20.08  ? 14  VAL A N     1 
ATOM   62   C  CA    . VAL A 1 23  ? -3.645  3.278   -6.478  1.00 20.01  ? 14  VAL A CA    1 
ATOM   63   C  C     . VAL A 1 23  ? -3.990  1.855   -6.006  1.00 19.75  ? 14  VAL A C     1 
ATOM   64   O  O     . VAL A 1 23  ? -5.090  1.611   -5.511  1.00 19.87  ? 14  VAL A O     1 
ATOM   65   C  CB    . VAL A 1 23  ? -3.403  4.206   -5.262  1.00 20.37  ? 14  VAL A CB    1 
ATOM   66   C  CG1   . VAL A 1 23  ? -2.341  3.631   -4.308  1.00 20.63  ? 14  VAL A CG1   1 
ATOM   67   C  CG2   . VAL A 1 23  ? -2.995  5.609   -5.719  1.00 20.58  ? 14  VAL A CG2   1 
ATOM   68   N  N     . VAL A 1 24  ? -3.062  0.919   -6.180  1.00 19.05  ? 15  VAL A N     1 
ATOM   69   C  CA    . VAL A 1 24  ? -3.276  -0.471  -5.761  1.00 18.58  ? 15  VAL A CA    1 
ATOM   70   C  C     . VAL A 1 24  ? -2.566  -0.789  -4.442  1.00 18.15  ? 15  VAL A C     1 
ATOM   71   O  O     . VAL A 1 24  ? -1.476  -0.277  -4.164  1.00 17.78  ? 15  VAL A O     1 
ATOM   72   C  CB    . VAL A 1 24  ? -2.809  -1.513  -6.836  1.00 18.55  ? 15  VAL A CB    1 
ATOM   73   C  CG1   . VAL A 1 24  ? -3.613  -1.377  -8.107  1.00 18.81  ? 15  VAL A CG1   1 
ATOM   74   C  CG2   . VAL A 1 24  ? -1.313  -1.411  -7.132  1.00 18.87  ? 15  VAL A CG2   1 
ATOM   75   N  N     . LEU A 1 25  ? -3.199  -1.646  -3.647  1.00 17.50  ? 16  LEU A N     1 
ATOM   76   C  CA    . LEU A 1 25  ? -2.576  -2.250  -2.487  1.00 17.70  ? 16  LEU A CA    1 
ATOM   77   C  C     . LEU A 1 25  ? -2.072  -3.638  -2.863  1.00 17.25  ? 16  LEU A C     1 
ATOM   78   O  O     . LEU A 1 25  ? -2.810  -4.427  -3.445  1.00 16.78  ? 16  LEU A O     1 
ATOM   79   C  CB    . LEU A 1 25  ? -3.589  -2.370  -1.351  1.00 17.75  ? 16  LEU A CB    1 
ATOM   80   C  CG    . LEU A 1 25  ? -3.918  -1.050  -0.651  1.00 19.34  ? 16  LEU A CG    1 
ATOM   81   C  CD1   . LEU A 1 25  ? -5.316  -1.110  -0.032  1.00 20.48  ? 16  LEU A CD1   1 
ATOM   82   C  CD2   . LEU A 1 25  ? -2.856  -0.736  0.400   1.00 20.41  ? 16  LEU A CD2   1 
ATOM   83   N  N     . ILE A 1 26  ? -0.808  -3.904  -2.546  1.00 17.17  ? 17  ILE A N     1 
ATOM   84   C  CA    . ILE A 1 26  ? -0.190  -5.220  -2.702  1.00 17.18  ? 17  ILE A CA    1 
ATOM   85   C  C     . ILE A 1 26  ? 0.677   -5.522  -1.489  1.00 16.97  ? 17  ILE A C     1 
ATOM   86   O  O     . ILE A 1 26  ? 0.984   -4.628  -0.699  1.00 16.73  ? 17  ILE A O     1 
ATOM   87   C  CB    . ILE A 1 26  ? 0.674   -5.317  -3.980  1.00 16.91  ? 17  ILE A CB    1 
ATOM   88   C  CG1   . ILE A 1 26  ? 1.785   -4.257  -3.980  1.00 17.63  ? 17  ILE A CG1   1 
ATOM   89   C  CG2   . ILE A 1 26  ? -0.209  -5.153  -5.224  1.00 17.30  ? 17  ILE A CG2   1 
ATOM   90   C  CD1   . ILE A 1 26  ? 2.775   -4.392  -5.138  1.00 18.00  ? 17  ILE A CD1   1 
ATOM   91   N  N     . GLY A 1 27  ? 1.052   -6.787  -1.338  1.00 16.79  ? 18  GLY A N     1 
ATOM   92   C  CA    . GLY A 1 27  ? 1.739   -7.247  -0.136  1.00 17.31  ? 18  GLY A CA    1 
ATOM   93   C  C     . GLY A 1 27  ? 1.150   -8.567  0.318   1.00 17.27  ? 18  GLY A C     1 
ATOM   94   O  O     . GLY A 1 27  ? 0.027   -8.906  -0.047  1.00 17.16  ? 18  GLY A O     1 
ATOM   95   N  N     . ASP A 1 28  ? 1.908   -9.298  1.131   1.00 18.05  ? 19  ASP A N     1 
ATOM   96   C  CA    . ASP A 1 28  ? 1.524   -10.640 1.587   1.00 18.22  ? 19  ASP A CA    1 
ATOM   97   C  C     . ASP A 1 28  ? 0.176   -10.668 2.310   1.00 18.43  ? 19  ASP A C     1 
ATOM   98   O  O     . ASP A 1 28  ? -0.264  -9.661  2.868   1.00 18.32  ? 19  ASP A O     1 
ATOM   99   C  CB    . ASP A 1 28  ? 2.593   -11.211 2.526   1.00 18.08  ? 19  ASP A CB    1 
ATOM   100  C  CG    . ASP A 1 28  ? 3.858   -11.652 1.811   1.00 18.41  ? 19  ASP A CG    1 
ATOM   101  O  OD1   . ASP A 1 28  ? 4.003   -11.459 0.585   1.00 17.43  ? 19  ASP A OD1   1 
ATOM   102  O  OD2   . ASP A 1 28  ? 4.734   -12.215 2.502   1.00 18.72  ? 19  ASP A OD2   1 
ATOM   103  N  N     . SER A 1 29  ? -0.466  -11.837 2.326   1.00 19.18  ? 20  SER A N     1 
ATOM   104  C  CA    . SER A 1 29  ? -1.690  -12.017 3.107   1.00 19.82  ? 20  SER A CA    1 
ATOM   105  C  C     . SER A 1 29  ? -1.408  -11.679 4.561   1.00 19.81  ? 20  SER A C     1 
ATOM   106  O  O     . SER A 1 29  ? -0.391  -12.093 5.110   1.00 19.97  ? 20  SER A O     1 
ATOM   107  C  CB    . SER A 1 29  ? -2.206  -13.457 3.044   1.00 20.65  ? 20  SER A CB    1 
ATOM   108  O  OG    . SER A 1 29  ? -2.275  -13.925 1.710   1.00 23.49  ? 20  SER A OG    1 
ATOM   109  N  N     . GLY A 1 30  ? -2.289  -10.890 5.159   1.00 19.81  ? 21  GLY A N     1 
ATOM   110  C  CA    . GLY A 1 30  ? -2.276  -10.647 6.591   1.00 19.96  ? 21  GLY A CA    1 
ATOM   111  C  C     . GLY A 1 30  ? -1.556  -9.383  7.012   1.00 19.88  ? 21  GLY A C     1 
ATOM   112  O  O     . GLY A 1 30  ? -1.591  -9.034  8.188   1.00 20.49  ? 21  GLY A O     1 
ATOM   113  N  N     . VAL A 1 31  ? -0.908  -8.696  6.069   1.00 19.72  ? 22  VAL A N     1 
ATOM   114  C  CA    . VAL A 1 31  ? -0.113  -7.501  6.401   1.00 19.47  ? 22  VAL A CA    1 
ATOM   115  C  C     . VAL A 1 31  ? -0.956  -6.268  6.748   1.00 19.42  ? 22  VAL A C     1 
ATOM   116  O  O     . VAL A 1 31  ? -0.458  -5.333  7.379   1.00 19.94  ? 22  VAL A O     1 
ATOM   117  C  CB    . VAL A 1 31  ? 0.884   -7.114  5.275   1.00 19.46  ? 22  VAL A CB    1 
ATOM   118  C  CG1   . VAL A 1 31  ? 1.834   -8.258  4.987   1.00 19.35  ? 22  VAL A CG1   1 
ATOM   119  C  CG2   . VAL A 1 31  ? 0.148   -6.639  3.999   1.00 18.94  ? 22  VAL A CG2   1 
ATOM   120  N  N     . GLY A 1 32  ? -2.218  -6.261  6.326   1.00 19.23  ? 23  GLY A N     1 
ATOM   121  C  CA    . GLY A 1 32  ? -3.160  -5.204  6.700   1.00 19.21  ? 23  GLY A CA    1 
ATOM   122  C  C     . GLY A 1 32  ? -3.687  -4.336  5.567   1.00 19.20  ? 23  GLY A C     1 
ATOM   123  O  O     . GLY A 1 32  ? -4.171  -3.235  5.817   1.00 18.78  ? 23  GLY A O     1 
ATOM   124  N  N     . LYS A 1 33  ? -3.605  -4.828  4.329   1.00 19.11  ? 24  LYS A N     1 
ATOM   125  C  CA    . LYS A 1 33  ? -4.028  -4.066  3.153   1.00 19.54  ? 24  LYS A CA    1 
ATOM   126  C  C     . LYS A 1 33  ? -5.490  -3.610  3.227   1.00 19.76  ? 24  LYS A C     1 
ATOM   127  O  O     . LYS A 1 33  ? -5.793  -2.441  3.012   1.00 19.98  ? 24  LYS A O     1 
ATOM   128  C  CB    . LYS A 1 33  ? -3.812  -4.896  1.881   1.00 19.38  ? 24  LYS A CB    1 
ATOM   129  C  CG    . LYS A 1 33  ? -2.333  -5.170  1.550   1.00 18.93  ? 24  LYS A CG    1 
ATOM   130  C  CD    . LYS A 1 33  ? -2.164  -5.998  0.261   1.00 19.12  ? 24  LYS A CD    1 
ATOM   131  C  CE    . LYS A 1 33  ? -2.895  -7.337  0.262   1.00 18.51  ? 24  LYS A CE    1 
ATOM   132  N  NZ    . LYS A 1 33  ? -2.534  -8.203  1.429   1.00 17.73  ? 24  LYS A NZ    1 
ATOM   133  N  N     . SER A 1 34  ? -6.390  -4.536  3.532   1.00 20.11  ? 25  SER A N     1 
ATOM   134  C  CA    . SER A 1 34  ? -7.820  -4.233  3.566   1.00 20.58  ? 25  SER A CA    1 
ATOM   135  C  C     . SER A 1 34  ? -8.194  -3.243  4.672   1.00 21.00  ? 25  SER A C     1 
ATOM   136  O  O     . SER A 1 34  ? -9.098  -2.428  4.503   1.00 20.99  ? 25  SER A O     1 
ATOM   137  C  CB    . SER A 1 34  ? -8.621  -5.523  3.705   1.00 20.73  ? 25  SER A CB    1 
ATOM   138  O  OG    . SER A 1 34  ? -8.382  -6.335  2.582   1.00 20.40  ? 25  SER A OG    1 
ATOM   139  N  N     . ASN A 1 35  ? -7.477  -3.297  5.789   1.00 21.36  ? 26  ASN A N     1 
ATOM   140  C  CA    . ASN A 1 35  ? -7.684  -2.342  6.879   1.00 21.62  ? 26  ASN A CA    1 
ATOM   141  C  C     . ASN A 1 35  ? -7.051  -0.982  6.622   1.00 22.01  ? 26  ASN A C     1 
ATOM   142  O  O     . ASN A 1 35  ? -7.529  0.029   7.135   1.00 21.75  ? 26  ASN A O     1 
ATOM   143  C  CB    . ASN A 1 35  ? -7.215  -2.932  8.208   1.00 22.04  ? 26  ASN A CB    1 
ATOM   144  C  CG    . ASN A 1 35  ? -8.260  -3.842  8.823   1.00 22.79  ? 26  ASN A CG    1 
ATOM   145  O  OD1   . ASN A 1 35  ? -8.146  -5.075  8.796   1.00 24.28  ? 26  ASN A OD1   1 
ATOM   146  N  ND2   . ASN A 1 35  ? -9.313  -3.236  9.335   1.00 21.05  ? 26  ASN A ND2   1 
ATOM   147  N  N     . LEU A 1 36  ? -5.983  -0.943  5.824   1.00 22.22  ? 27  LEU A N     1 
ATOM   148  C  CA    . LEU A 1 36  ? -5.453  0.337   5.359   1.00 22.63  ? 27  LEU A CA    1 
ATOM   149  C  C     . LEU A 1 36  ? -6.483  1.017   4.461   1.00 22.93  ? 27  LEU A C     1 
ATOM   150  O  O     . LEU A 1 36  ? -6.693  2.233   4.573   1.00 23.13  ? 27  LEU A O     1 
ATOM   151  C  CB    . LEU A 1 36  ? -4.108  0.170   4.642   1.00 22.54  ? 27  LEU A CB    1 
ATOM   152  C  CG    . LEU A 1 36  ? -2.918  -0.066  5.576   1.00 21.73  ? 27  LEU A CG    1 
ATOM   153  C  CD1   . LEU A 1 36  ? -1.693  -0.527  4.790   1.00 20.95  ? 27  LEU A CD1   1 
ATOM   154  C  CD2   . LEU A 1 36  ? -2.600  1.187   6.386   1.00 21.59  ? 27  LEU A CD2   1 
ATOM   155  N  N     . LEU A 1 37  ? -7.131  0.230   3.599   1.00 23.47  ? 28  LEU A N     1 
ATOM   156  C  CA    . LEU A 1 37  ? -8.201  0.722   2.727   1.00 24.07  ? 28  LEU A CA    1 
ATOM   157  C  C     . LEU A 1 37  ? -9.405  1.234   3.528   1.00 24.52  ? 28  LEU A C     1 
ATOM   158  O  O     . LEU A 1 37  ? -9.875  2.347   3.299   1.00 24.43  ? 28  LEU A O     1 
ATOM   159  C  CB    . LEU A 1 37  ? -8.665  -0.370  1.751   1.00 24.07  ? 28  LEU A CB    1 
ATOM   160  C  CG    . LEU A 1 37  ? -9.864  -0.032  0.848   1.00 24.22  ? 28  LEU A CG    1 
ATOM   161  C  CD1   . LEU A 1 37  ? -9.577  1.209   0.027   1.00 25.78  ? 28  LEU A CD1   1 
ATOM   162  C  CD2   . LEU A 1 37  ? -10.233 -1.200  -0.055  1.00 24.74  ? 28  LEU A CD2   1 
ATOM   163  N  N     . SER A 1 38  ? -9.907  0.423   4.457   1.00 24.92  ? 29  SER A N     1 
ATOM   164  C  CA    . SER A 1 38  ? -11.088 0.814   5.233   1.00 25.48  ? 29  SER A CA    1 
ATOM   165  C  C     . SER A 1 38  ? -10.801 2.013   6.152   1.00 26.13  ? 29  SER A C     1 
ATOM   166  O  O     . SER A 1 38  ? -11.651 2.894   6.308   1.00 26.40  ? 29  SER A O     1 
ATOM   167  C  CB    . SER A 1 38  ? -11.647 -0.371  6.029   1.00 25.24  ? 29  SER A CB    1 
ATOM   168  O  OG    . SER A 1 38  ? -10.688 -0.888  6.921   1.00 24.93  ? 29  SER A OG    1 
ATOM   169  N  N     . ARG A 1 39  ? -9.607  2.059   6.741   1.00 26.88  ? 30  ARG A N     1 
ATOM   170  C  CA    . ARG A 1 39  ? -9.233  3.180   7.596   1.00 27.28  ? 30  ARG A CA    1 
ATOM   171  C  C     . ARG A 1 39  ? -9.192  4.491   6.801   1.00 27.93  ? 30  ARG A C     1 
ATOM   172  O  O     . ARG A 1 39  ? -9.721  5.512   7.244   1.00 28.08  ? 30  ARG A O     1 
ATOM   173  C  CB    . ARG A 1 39  ? -7.886  2.915   8.282   1.00 27.61  ? 30  ARG A CB    1 
ATOM   174  C  CG    . ARG A 1 39  ? -7.406  4.020   9.232   1.00 28.05  ? 30  ARG A CG    1 
ATOM   175  C  CD    . ARG A 1 39  ? -8.394  4.309   10.371  1.00 29.38  ? 30  ARG A CD    1 
ATOM   176  N  NE    . ARG A 1 39  ? -8.372  3.290   11.418  1.00 29.88  ? 30  ARG A NE    1 
ATOM   177  C  CZ    . ARG A 1 39  ? -9.126  3.326   12.519  1.00 30.36  ? 30  ARG A CZ    1 
ATOM   178  N  NH1   . ARG A 1 39  ? -9.990  4.309   12.713  1.00 30.86  ? 30  ARG A NH1   1 
ATOM   179  N  NH2   . ARG A 1 39  ? -9.031  2.366   13.429  1.00 31.56  ? 30  ARG A NH2   1 
ATOM   180  N  N     . PHE A 1 40  ? -8.583  4.456   5.621   1.00 28.08  ? 31  PHE A N     1 
ATOM   181  C  CA    . PHE A 1 40  ? -8.446  5.656   4.804   1.00 28.40  ? 31  PHE A CA    1 
ATOM   182  C  C     . PHE A 1 40  ? -9.780  6.118   4.209   1.00 28.73  ? 31  PHE A C     1 
ATOM   183  O  O     . PHE A 1 40  ? -10.104 7.298   4.274   1.00 28.46  ? 31  PHE A O     1 
ATOM   184  C  CB    . PHE A 1 40  ? -7.409  5.439   3.695   1.00 28.21  ? 31  PHE A CB    1 
ATOM   185  C  CG    . PHE A 1 40  ? -7.258  6.615   2.769   1.00 28.01  ? 31  PHE A CG    1 
ATOM   186  C  CD1   . PHE A 1 40  ? -6.782  7.832   3.246   1.00 27.86  ? 31  PHE A CD1   1 
ATOM   187  C  CD2   . PHE A 1 40  ? -7.599  6.511   1.422   1.00 27.57  ? 31  PHE A CD2   1 
ATOM   188  C  CE1   . PHE A 1 40  ? -6.636  8.932   2.395   1.00 28.05  ? 31  PHE A CE1   1 
ATOM   189  C  CE2   . PHE A 1 40  ? -7.461  7.602   0.564   1.00 27.96  ? 31  PHE A CE2   1 
ATOM   190  C  CZ    . PHE A 1 40  ? -6.978  8.820   1.055   1.00 27.88  ? 31  PHE A CZ    1 
ATOM   191  N  N     . THR A 1 41  ? -10.558 5.197   3.648   1.00 29.18  ? 32  THR A N     1 
ATOM   192  C  CA    . THR A 1 41  ? -11.774 5.575   2.918   1.00 30.00  ? 32  THR A CA    1 
ATOM   193  C  C     . THR A 1 41  ? -13.034 5.694   3.791   1.00 30.74  ? 32  THR A C     1 
ATOM   194  O  O     . THR A 1 41  ? -13.946 6.447   3.450   1.00 30.64  ? 32  THR A O     1 
ATOM   195  C  CB    . THR A 1 41  ? -12.072 4.601   1.754   1.00 29.81  ? 32  THR A CB    1 
ATOM   196  O  OG1   . THR A 1 41  ? -12.320 3.287   2.266   1.00 28.70  ? 32  THR A OG1   1 
ATOM   197  C  CG2   . THR A 1 41  ? -10.907 4.558   0.774   1.00 29.34  ? 32  THR A CG2   1 
ATOM   198  N  N     . ARG A 1 42  ? -13.092 4.951   4.895   1.00 31.73  ? 33  ARG A N     1 
ATOM   199  C  CA    . ARG A 1 42  ? -14.282 4.939   5.760   1.00 32.39  ? 33  ARG A CA    1 
ATOM   200  C  C     . ARG A 1 42  ? -13.998 5.199   7.239   1.00 32.54  ? 33  ARG A C     1 
ATOM   201  O  O     . ARG A 1 42  ? -14.930 5.201   8.043   1.00 32.70  ? 33  ARG A O     1 
ATOM   202  C  CB    . ARG A 1 42  ? -14.994 3.589   5.660   1.00 32.65  ? 33  ARG A CB    1 
ATOM   203  C  CG    . ARG A 1 42  ? -15.209 3.081   4.255   1.00 34.14  ? 33  ARG A CG    1 
ATOM   204  C  CD    . ARG A 1 42  ? -16.231 1.961   4.237   1.00 34.99  ? 33  ARG A CD    1 
ATOM   205  N  NE    . ARG A 1 42  ? -15.870 0.852   5.126   1.00 37.74  ? 33  ARG A NE    1 
ATOM   206  C  CZ    . ARG A 1 42  ? -15.128 -0.205  4.784   1.00 38.66  ? 33  ARG A CZ    1 
ATOM   207  N  NH1   . ARG A 1 42  ? -14.624 -0.333  3.557   1.00 39.76  ? 33  ARG A NH1   1 
ATOM   208  N  NH2   . ARG A 1 42  ? -14.883 -1.150  5.689   1.00 39.08  ? 33  ARG A NH2   1 
ATOM   209  N  N     . ASN A 1 43  ? -12.728 5.392   7.600   1.00 32.62  ? 34  ASN A N     1 
ATOM   210  C  CA    . ASN A 1 43  ? -12.317 5.498   8.999   1.00 32.49  ? 34  ASN A CA    1 
ATOM   211  C  C     . ASN A 1 43  ? -12.747 4.283   9.837   1.00 32.41  ? 34  ASN A C     1 
ATOM   212  O  O     . ASN A 1 43  ? -13.086 4.420   11.011  1.00 32.59  ? 34  ASN A O     1 
ATOM   213  C  CB    . ASN A 1 43  ? -12.853 6.799   9.611   1.00 32.89  ? 34  ASN A CB    1 
ATOM   214  C  CG    . ASN A 1 43  ? -12.209 7.135   10.938  1.00 33.58  ? 34  ASN A CG    1 
ATOM   215  O  OD1   . ASN A 1 43  ? -12.840 7.754   11.801  1.00 38.14  ? 34  ASN A OD1   1 
ATOM   216  N  ND2   . ASN A 1 43  ? -10.955 6.729   11.119  1.00 33.58  ? 34  ASN A ND2   1 
ATOM   217  N  N     . GLU A 1 44  ? -12.718 3.099   9.224   1.00 32.04  ? 35  GLU A N     1 
ATOM   218  C  CA    . GLU A 1 44  ? -13.117 1.856   9.880   1.00 31.74  ? 35  GLU A CA    1 
ATOM   219  C  C     . GLU A 1 44  ? -11.947 0.871   9.961   1.00 31.68  ? 35  GLU A C     1 
ATOM   220  O  O     . GLU A 1 44  ? -11.068 0.845   9.088   1.00 31.39  ? 35  GLU A O     1 
ATOM   221  C  CB    . GLU A 1 44  ? -14.276 1.225   9.136   1.00 31.86  ? 35  GLU A CB    1 
ATOM   222  N  N     . PHE A 1 45  ? -11.953 0.070   11.022  1.00 31.15  ? 36  PHE A N     1 
ATOM   223  C  CA    . PHE A 1 45  ? -10.951 -0.959  11.255  1.00 30.93  ? 36  PHE A CA    1 
ATOM   224  C  C     . PHE A 1 45  ? -11.648 -2.186  11.841  1.00 31.03  ? 36  PHE A C     1 
ATOM   225  O  O     . PHE A 1 45  ? -12.645 -2.063  12.559  1.00 30.96  ? 36  PHE A O     1 
ATOM   226  C  CB    . PHE A 1 45  ? -9.874  -0.430  12.200  1.00 30.52  ? 36  PHE A CB    1 
ATOM   227  C  CG    . PHE A 1 45  ? -8.767  -1.409  12.484  1.00 30.47  ? 36  PHE A CG    1 
ATOM   228  C  CD1   . PHE A 1 45  ? -7.733  -1.597  11.570  1.00 29.51  ? 36  PHE A CD1   1 
ATOM   229  C  CD2   . PHE A 1 45  ? -8.747  -2.133  13.672  1.00 29.54  ? 36  PHE A CD2   1 
ATOM   230  C  CE1   . PHE A 1 45  ? -6.709  -2.497  11.825  1.00 29.58  ? 36  PHE A CE1   1 
ATOM   231  C  CE2   . PHE A 1 45  ? -7.724  -3.036  13.940  1.00 29.58  ? 36  PHE A CE2   1 
ATOM   232  C  CZ    . PHE A 1 45  ? -6.701  -3.219  13.013  1.00 30.04  ? 36  PHE A CZ    1 
ATOM   233  N  N     . ASN A 1 46  ? -11.130 -3.366  11.519  1.00 30.90  ? 37  ASN A N     1 
ATOM   234  C  CA    . ASN A 1 46  ? -11.728 -4.620  11.934  1.00 30.95  ? 37  ASN A CA    1 
ATOM   235  C  C     . ASN A 1 46  ? -10.609 -5.565  12.333  1.00 30.89  ? 37  ASN A C     1 
ATOM   236  O  O     . ASN A 1 46  ? -9.764  -5.925  11.508  1.00 30.45  ? 37  ASN A O     1 
ATOM   237  C  CB    . ASN A 1 46  ? -12.562 -5.205  10.786  1.00 31.22  ? 37  ASN A CB    1 
ATOM   238  C  CG    . ASN A 1 46  ? -13.403 -6.415  11.196  1.00 31.81  ? 37  ASN A CG    1 
ATOM   239  O  OD1   . ASN A 1 46  ? -14.032 -7.053  10.344  1.00 34.63  ? 37  ASN A OD1   1 
ATOM   240  N  ND2   . ASN A 1 46  ? -13.434 -6.728  12.486  1.00 32.89  ? 37  ASN A ND2   1 
ATOM   241  N  N     . LEU A 1 47  ? -10.586 -5.936  13.614  1.00 30.71  ? 38  LEU A N     1 
ATOM   242  C  CA    . LEU A 1 47  ? -9.639  -6.932  14.108  1.00 30.90  ? 38  LEU A CA    1 
ATOM   243  C  C     . LEU A 1 47  ? -9.938  -8.325  13.560  1.00 30.82  ? 38  LEU A C     1 
ATOM   244  O  O     . LEU A 1 47  ? -9.043  -9.153  13.461  1.00 30.87  ? 38  LEU A O     1 
ATOM   245  C  CB    . LEU A 1 47  ? -9.614  -6.955  15.641  1.00 30.88  ? 38  LEU A CB    1 
ATOM   246  C  CG    . LEU A 1 47  ? -8.850  -5.807  16.301  1.00 31.16  ? 38  LEU A CG    1 
ATOM   247  C  CD1   . LEU A 1 47  ? -9.166  -5.723  17.787  1.00 31.96  ? 38  LEU A CD1   1 
ATOM   248  C  CD2   . LEU A 1 47  ? -7.343  -5.953  16.089  1.00 31.21  ? 38  LEU A CD2   1 
ATOM   249  N  N     . GLU A 1 48  ? -11.197 -8.566  13.202  1.00 31.23  ? 39  GLU A N     1 
ATOM   250  C  CA    . GLU A 1 48  ? -11.675 -9.866  12.737  1.00 31.62  ? 39  GLU A CA    1 
ATOM   251  C  C     . GLU A 1 48  ? -11.906 -9.921  11.227  1.00 32.02  ? 39  GLU A C     1 
ATOM   252  O  O     . GLU A 1 48  ? -12.830 -10.600 10.761  1.00 32.67  ? 39  GLU A O     1 
ATOM   253  C  CB    . GLU A 1 48  ? -12.996 -10.201 13.444  1.00 32.18  ? 39  GLU A CB    1 
ATOM   254  C  CG    . GLU A 1 48  ? -12.887 -10.307 14.957  1.00 33.35  ? 39  GLU A CG    1 
ATOM   255  C  CD    . GLU A 1 48  ? -12.066 -11.497 15.388  1.00 35.02  ? 39  GLU A CD    1 
ATOM   256  O  OE1   . GLU A 1 48  ? -12.379 -12.618 14.938  1.00 37.03  ? 39  GLU A OE1   1 
ATOM   257  O  OE2   . GLU A 1 48  ? -11.116 -11.312 16.178  1.00 36.99  ? 39  GLU A OE2   1 
ATOM   258  N  N     . SER A 1 49  ? -11.076 -9.222  10.454  1.00 31.90  ? 40  SER A N     1 
ATOM   259  C  CA    . SER A 1 49  ? -11.230 -9.212  9.000   1.00 31.39  ? 40  SER A CA    1 
ATOM   260  C  C     . SER A 1 49  ? -10.709 -10.511 8.394   1.00 31.10  ? 40  SER A C     1 
ATOM   261  O  O     . SER A 1 49  ? -9.745  -11.099 8.891   1.00 31.29  ? 40  SER A O     1 
ATOM   262  C  CB    . SER A 1 49  ? -10.516 -8.008  8.377   1.00 31.77  ? 40  SER A CB    1 
ATOM   263  O  OG    . SER A 1 49  ? -9.134  -8.022  8.678   1.00 32.41  ? 40  SER A OG    1 
ATOM   264  N  N     . LYS A 1 50  ? -11.370 -10.955 7.327   1.00 30.31  ? 41  LYS A N     1 
ATOM   265  C  CA    . LYS A 1 50  ? -11.025 -12.188 6.631   1.00 29.52  ? 41  LYS A CA    1 
ATOM   266  C  C     . LYS A 1 50  ? -10.227 -11.870 5.371   1.00 28.86  ? 41  LYS A C     1 
ATOM   267  O  O     . LYS A 1 50  ? -10.251 -10.739 4.888   1.00 28.38  ? 41  LYS A O     1 
ATOM   268  C  CB    . LYS A 1 50  ? -12.295 -12.933 6.258   1.00 29.75  ? 41  LYS A CB    1 
ATOM   269  N  N     . SER A 1 51  ? -9.534  -12.874 4.840   1.00 27.96  ? 42  SER A N     1 
ATOM   270  C  CA    . SER A 1 51  ? -8.818  -12.728 3.574   1.00 27.71  ? 42  SER A CA    1 
ATOM   271  C  C     . SER A 1 51  ? -9.772  -12.251 2.476   1.00 26.93  ? 42  SER A C     1 
ATOM   272  O  O     . SER A 1 51  ? -10.906 -12.733 2.362   1.00 26.14  ? 42  SER A O     1 
ATOM   273  C  CB    . SER A 1 51  ? -8.153  -14.041 3.164   1.00 27.78  ? 42  SER A CB    1 
ATOM   274  O  OG    . SER A 1 51  ? -7.158  -13.806 2.185   1.00 29.56  ? 42  SER A OG    1 
ATOM   275  N  N     . THR A 1 52  ? -9.298  -11.296 1.679   1.00 26.23  ? 43  THR A N     1 
ATOM   276  C  CA    . THR A 1 52  ? -10.121 -10.624 0.683   1.00 26.16  ? 43  THR A CA    1 
ATOM   277  C  C     . THR A 1 52  ? -10.555 -11.577 -0.426  1.00 26.09  ? 43  THR A C     1 
ATOM   278  O  O     . THR A 1 52  ? -9.765  -12.393 -0.891  1.00 26.00  ? 43  THR A O     1 
ATOM   279  C  CB    . THR A 1 52  ? -9.367  -9.408  0.101   1.00 25.73  ? 43  THR A CB    1 
ATOM   280  O  OG1   . THR A 1 52  ? -9.093  -8.487  1.161   1.00 24.22  ? 43  THR A OG1   1 
ATOM   281  C  CG2   . THR A 1 52  ? -10.171 -8.701  -0.988  1.00 25.76  ? 43  THR A CG2   1 
ATOM   282  N  N     . ILE A 1 53  ? -11.827 -11.483 -0.811  1.00 26.37  ? 44  ILE A N     1 
ATOM   283  C  CA    . ILE A 1 53  ? -12.386 -12.267 -1.913  1.00 26.61  ? 44  ILE A CA    1 
ATOM   284  C  C     . ILE A 1 53  ? -12.403 -11.436 -3.193  1.00 26.28  ? 44  ILE A C     1 
ATOM   285  O  O     . ILE A 1 53  ? -12.948 -10.332 -3.219  1.00 26.93  ? 44  ILE A O     1 
ATOM   286  C  CB    . ILE A 1 53  ? -13.826 -12.743 -1.604  1.00 26.66  ? 44  ILE A CB    1 
ATOM   287  C  CG1   . ILE A 1 53  ? -13.813 -13.749 -0.450  1.00 27.63  ? 44  ILE A CG1   1 
ATOM   288  C  CG2   . ILE A 1 53  ? -14.464 -13.374 -2.848  1.00 26.73  ? 44  ILE A CG2   1 
ATOM   289  C  CD1   . ILE A 1 53  ? -15.208 -14.059 0.121   1.00 27.87  ? 44  ILE A CD1   1 
ATOM   290  N  N     . GLY A 1 54  ? -11.806 -11.978 -4.250  1.00 26.13  ? 45  GLY A N     1 
ATOM   291  C  CA    . GLY A 1 54  ? -11.743 -11.308 -5.542  1.00 25.84  ? 45  GLY A CA    1 
ATOM   292  C  C     . GLY A 1 54  ? -11.013 -9.979  -5.455  1.00 25.67  ? 45  GLY A C     1 
ATOM   293  O  O     . GLY A 1 54  ? -9.933  -9.885  -4.856  1.00 25.79  ? 45  GLY A O     1 
ATOM   294  N  N     . VAL A 1 55  ? -11.615 -8.951  -6.044  1.00 25.15  ? 46  VAL A N     1 
ATOM   295  C  CA    . VAL A 1 55  ? -11.027 -7.624  -6.091  1.00 25.07  ? 46  VAL A CA    1 
ATOM   296  C  C     . VAL A 1 55  ? -12.038 -6.619  -5.569  1.00 25.06  ? 46  VAL A C     1 
ATOM   297  O  O     . VAL A 1 55  ? -13.232 -6.704  -5.880  1.00 24.73  ? 46  VAL A O     1 
ATOM   298  C  CB    . VAL A 1 55  ? -10.593 -7.243  -7.538  1.00 24.99  ? 46  VAL A CB    1 
ATOM   299  C  CG1   . VAL A 1 55  ? -10.121 -5.789  -7.613  1.00 24.32  ? 46  VAL A CG1   1 
ATOM   300  C  CG2   . VAL A 1 55  ? -9.497  -8.177  -8.024  1.00 24.93  ? 46  VAL A CG2   1 
ATOM   301  N  N     . GLU A 1 56  ? -11.546 -5.670  -4.778  1.00 25.15  ? 47  GLU A N     1 
ATOM   302  C  CA    . GLU A 1 56  ? -12.360 -4.588  -4.255  1.00 25.68  ? 47  GLU A CA    1 
ATOM   303  C  C     . GLU A 1 56  ? -11.702 -3.244  -4.535  1.00 25.32  ? 47  GLU A C     1 
ATOM   304  O  O     . GLU A 1 56  ? -10.488 -3.165  -4.723  1.00 24.85  ? 47  GLU A O     1 
ATOM   305  C  CB    . GLU A 1 56  ? -12.558 -4.773  -2.754  1.00 25.73  ? 47  GLU A CB    1 
ATOM   306  C  CG    . GLU A 1 56  ? -13.128 -6.149  -2.406  1.00 27.10  ? 47  GLU A CG    1 
ATOM   307  C  CD    . GLU A 1 56  ? -13.578 -6.260  -0.968  1.00 27.81  ? 47  GLU A CD    1 
ATOM   308  O  OE1   . GLU A 1 56  ? -14.329 -7.208  -0.666  1.00 30.90  ? 47  GLU A OE1   1 
ATOM   309  O  OE2   . GLU A 1 56  ? -13.171 -5.410  -0.142  1.00 31.49  ? 47  GLU A OE2   1 
ATOM   310  N  N     . PHE A 1 57  ? -12.514 -2.196  -4.594  1.00 25.35  ? 48  PHE A N     1 
ATOM   311  C  CA    . PHE A 1 57  ? -11.989 -0.840  -4.562  1.00 25.63  ? 48  PHE A CA    1 
ATOM   312  C  C     . PHE A 1 57  ? -12.938 0.133   -3.893  1.00 26.03  ? 48  PHE A C     1 
ATOM   313  O  O     . PHE A 1 57  ? -14.138 -0.130  -3.753  1.00 25.78  ? 48  PHE A O     1 
ATOM   314  C  CB    . PHE A 1 57  ? -11.562 -0.344  -5.953  1.00 25.60  ? 48  PHE A CB    1 
ATOM   315  C  CG    . PHE A 1 57  ? -12.668 -0.295  -6.983  1.00 25.64  ? 48  PHE A CG    1 
ATOM   316  C  CD1   . PHE A 1 57  ? -13.448 0.850   -7.141  1.00 26.20  ? 48  PHE A CD1   1 
ATOM   317  C  CD2   . PHE A 1 57  ? -12.886 -1.367  -7.840  1.00 26.02  ? 48  PHE A CD2   1 
ATOM   318  C  CE1   . PHE A 1 57  ? -14.453 0.908   -8.118  1.00 26.09  ? 48  PHE A CE1   1 
ATOM   319  C  CE2   . PHE A 1 57  ? -13.884 -1.313  -8.821  1.00 25.95  ? 48  PHE A CE2   1 
ATOM   320  C  CZ    . PHE A 1 57  ? -14.667 -0.174  -8.956  1.00 25.98  ? 48  PHE A CZ    1 
ATOM   321  N  N     . ALA A 1 58  ? -12.372 1.250   -3.455  1.00 26.26  ? 49  ALA A N     1 
ATOM   322  C  CA    . ALA A 1 58  ? -13.116 2.283   -2.754  1.00 26.83  ? 49  ALA A CA    1 
ATOM   323  C  C     . ALA A 1 58  ? -12.449 3.616   -3.034  1.00 27.18  ? 49  ALA A C     1 
ATOM   324  O  O     . ALA A 1 58  ? -11.286 3.666   -3.442  1.00 26.52  ? 49  ALA A O     1 
ATOM   325  C  CB    . ALA A 1 58  ? -13.144 1.998   -1.251  1.00 26.73  ? 49  ALA A CB    1 
ATOM   326  N  N     . THR A 1 59  ? -13.186 4.692   -2.810  1.00 27.80  ? 50  THR A N     1 
ATOM   327  C  CA    . THR A 1 59  ? -12.705 6.016   -3.156  1.00 28.54  ? 50  THR A CA    1 
ATOM   328  C  C     . THR A 1 59  ? -12.712 6.967   -1.976  1.00 29.07  ? 50  THR A C     1 
ATOM   329  O  O     . THR A 1 59  ? -13.440 6.779   -0.990  1.00 29.39  ? 50  THR A O     1 
ATOM   330  C  CB    . THR A 1 59  ? -13.545 6.641   -4.288  1.00 28.52  ? 50  THR A CB    1 
ATOM   331  O  OG1   . THR A 1 59  ? -14.929 6.642   -3.916  1.00 29.27  ? 50  THR A OG1   1 
ATOM   332  C  CG2   . THR A 1 59  ? -13.372 5.862   -5.579  1.00 28.83  ? 50  THR A CG2   1 
ATOM   333  N  N     . ARG A 1 60  ? -11.862 7.977   -2.082  1.00 29.53  ? 51  ARG A N     1 
ATOM   334  C  CA    . ARG A 1 60  ? -11.916 9.130   -1.200  1.00 29.89  ? 51  ARG A CA    1 
ATOM   335  C  C     . ARG A 1 60  ? -11.240 10.293  -1.892  1.00 29.98  ? 51  ARG A C     1 
ATOM   336  O  O     . ARG A 1 60  ? -10.183 10.130  -2.507  1.00 29.63  ? 51  ARG A O     1 
ATOM   337  C  CB    . ARG A 1 60  ? -11.220 8.866   0.132   1.00 30.17  ? 51  ARG A CB    1 
ATOM   338  C  CG    . ARG A 1 60  ? -11.191 10.107  1.013   1.00 30.45  ? 51  ARG A CG    1 
ATOM   339  C  CD    . ARG A 1 60  ? -10.709 9.828   2.398   1.00 31.23  ? 51  ARG A CD    1 
ATOM   340  N  NE    . ARG A 1 60  ? -10.261 11.058  3.045   1.00 32.44  ? 51  ARG A NE    1 
ATOM   341  C  CZ    . ARG A 1 60  ? -9.530  11.103  4.156   1.00 33.76  ? 51  ARG A CZ    1 
ATOM   342  N  NH1   . ARG A 1 60  ? -9.145  9.986   4.763   1.00 33.48  ? 51  ARG A NH1   1 
ATOM   343  N  NH2   . ARG A 1 60  ? -9.169  12.279  4.660   1.00 34.45  ? 51  ARG A NH2   1 
ATOM   344  N  N     . SER A 1 61  ? -11.850 11.467  -1.782  1.00 30.00  ? 52  SER A N     1 
ATOM   345  C  CA    . SER A 1 61  ? -11.257 12.678  -2.318  1.00 30.48  ? 52  SER A CA    1 
ATOM   346  C  C     . SER A 1 61  ? -10.413 13.377  -1.258  1.00 30.62  ? 52  SER A C     1 
ATOM   347  O  O     . SER A 1 61  ? -10.790 13.439  -0.087  1.00 31.07  ? 52  SER A O     1 
ATOM   348  C  CB    . SER A 1 61  ? -12.345 13.600  -2.855  1.00 30.51  ? 52  SER A CB    1 
ATOM   349  O  OG    . SER A 1 61  ? -13.038 12.934  -3.899  1.00 31.48  ? 52  SER A OG    1 
ATOM   350  N  N     . ILE A 1 62  ? -9.251  13.872  -1.668  1.00 30.67  ? 53  ILE A N     1 
ATOM   351  C  CA    . ILE A 1 62  ? -8.363  14.607  -0.775  1.00 30.84  ? 53  ILE A CA    1 
ATOM   352  C  C     . ILE A 1 62  ? -7.743  15.769  -1.528  1.00 30.66  ? 53  ILE A C     1 
ATOM   353  O  O     . ILE A 1 62  ? -7.696  15.763  -2.760  1.00 30.30  ? 53  ILE A O     1 
ATOM   354  C  CB    . ILE A 1 62  ? -7.228  13.724  -0.189  1.00 31.04  ? 53  ILE A CB    1 
ATOM   355  C  CG1   . ILE A 1 62  ? -6.381  13.088  -1.295  1.00 31.19  ? 53  ILE A CG1   1 
ATOM   356  C  CG2   . ILE A 1 62  ? -7.791  12.641  0.728   1.00 31.97  ? 53  ILE A CG2   1 
ATOM   357  C  CD1   . ILE A 1 62  ? -4.908  12.997  -0.921  1.00 31.51  ? 53  ILE A CD1   1 
ATOM   358  N  N     . GLN A 1 63  ? -7.265  16.760  -0.784  1.00 30.59  ? 54  GLN A N     1 
ATOM   359  C  CA    . GLN A 1 63  ? -6.606  17.911  -1.386  1.00 30.57  ? 54  GLN A CA    1 
ATOM   360  C  C     . GLN A 1 63  ? -5.114  17.639  -1.557  1.00 30.26  ? 54  GLN A C     1 
ATOM   361  O  O     . GLN A 1 63  ? -4.443  17.184  -0.628  1.00 29.77  ? 54  GLN A O     1 
ATOM   362  C  CB    . GLN A 1 63  ? -6.847  19.178  -0.557  1.00 30.78  ? 54  GLN A CB    1 
ATOM   363  C  CG    . GLN A 1 63  ? -8.328  19.574  -0.466  1.00 31.86  ? 54  GLN A CG    1 
ATOM   364  C  CD    . GLN A 1 63  ? -8.926  19.932  -1.817  1.00 33.29  ? 54  GLN A CD    1 
ATOM   365  O  OE1   . GLN A 1 63  ? -8.442  20.836  -2.498  1.00 35.50  ? 54  GLN A OE1   1 
ATOM   366  N  NE2   . GLN A 1 63  ? -9.983  19.225  -2.212  1.00 33.45  ? 54  GLN A NE2   1 
ATOM   367  N  N     . VAL A 1 64  ? -4.617  17.904  -2.763  1.00 30.13  ? 55  VAL A N     1 
ATOM   368  C  CA    . VAL A 1 64  ? -3.196  17.790  -3.082  1.00 30.29  ? 55  VAL A CA    1 
ATOM   369  C  C     . VAL A 1 64  ? -2.783  19.004  -3.907  1.00 30.49  ? 55  VAL A C     1 
ATOM   370  O  O     . VAL A 1 64  ? -3.263  19.189  -5.029  1.00 30.28  ? 55  VAL A O     1 
ATOM   371  C  CB    . VAL A 1 64  ? -2.907  16.486  -3.865  1.00 30.22  ? 55  VAL A CB    1 
ATOM   372  C  CG1   . VAL A 1 64  ? -1.483  16.462  -4.416  1.00 29.92  ? 55  VAL A CG1   1 
ATOM   373  C  CG2   . VAL A 1 64  ? -3.177  15.271  -2.977  1.00 30.20  ? 55  VAL A CG2   1 
ATOM   374  N  N     . ASP A 1 65  ? -1.905  19.832  -3.341  1.00 30.66  ? 56  ASP A N     1 
ATOM   375  C  CA    . ASP A 1 65  ? -1.418  21.045  -4.008  1.00 30.78  ? 56  ASP A CA    1 
ATOM   376  C  C     . ASP A 1 65  ? -2.544  21.905  -4.577  1.00 30.77  ? 56  ASP A C     1 
ATOM   377  O  O     . ASP A 1 65  ? -2.481  22.352  -5.728  1.00 31.09  ? 56  ASP A O     1 
ATOM   378  C  CB    . ASP A 1 65  ? -0.414  20.677  -5.107  1.00 30.75  ? 56  ASP A CB    1 
ATOM   379  C  CG    . ASP A 1 65  ? 0.811   19.990  -4.560  1.00 30.87  ? 56  ASP A CG    1 
ATOM   380  O  OD1   . ASP A 1 65  ? 0.922   19.891  -3.327  1.00 29.76  ? 56  ASP A OD1   1 
ATOM   381  O  OD2   . ASP A 1 65  ? 1.666   19.551  -5.359  1.00 31.79  ? 56  ASP A OD2   1 
ATOM   382  N  N     . GLY A 1 66  ? -3.570  22.135  -3.761  1.00 30.84  ? 57  GLY A N     1 
ATOM   383  C  CA    . GLY A 1 66  ? -4.710  22.965  -4.154  1.00 30.87  ? 57  GLY A CA    1 
ATOM   384  C  C     . GLY A 1 66  ? -5.715  22.322  -5.097  1.00 31.02  ? 57  GLY A C     1 
ATOM   385  O  O     . GLY A 1 66  ? -6.664  22.981  -5.530  1.00 31.33  ? 57  GLY A O     1 
ATOM   386  N  N     . LYS A 1 67  ? -5.513  21.047  -5.424  1.00 30.87  ? 58  LYS A N     1 
ATOM   387  C  CA    . LYS A 1 67  ? -6.402  20.317  -6.328  1.00 30.68  ? 58  LYS A CA    1 
ATOM   388  C  C     . LYS A 1 67  ? -7.134  19.214  -5.575  1.00 30.27  ? 58  LYS A C     1 
ATOM   389  O  O     . LYS A 1 67  ? -6.634  18.701  -4.574  1.00 30.21  ? 58  LYS A O     1 
ATOM   390  C  CB    . LYS A 1 67  ? -5.603  19.705  -7.483  1.00 30.95  ? 58  LYS A CB    1 
ATOM   391  C  CG    . LYS A 1 67  ? -5.002  20.718  -8.447  1.00 32.23  ? 58  LYS A CG    1 
ATOM   392  C  CD    . LYS A 1 67  ? -6.077  21.478  -9.211  1.00 32.88  ? 58  LYS A CD    1 
ATOM   393  C  CE    . LYS A 1 67  ? -5.487  22.345  -10.317 1.00 33.84  ? 58  LYS A CE    1 
ATOM   394  N  NZ    . LYS A 1 67  ? -6.558  23.105  -11.036 1.00 34.84  ? 58  LYS A NZ    1 
ATOM   395  N  N     . THR A 1 68  ? -8.322  18.858  -6.058  1.00 29.72  ? 59  THR A N     1 
ATOM   396  C  CA    . THR A 1 68  ? -9.088  17.768  -5.471  1.00 29.65  ? 59  THR A CA    1 
ATOM   397  C  C     . THR A 1 68  ? -8.768  16.476  -6.225  1.00 29.40  ? 59  THR A C     1 
ATOM   398  O  O     . THR A 1 68  ? -9.045  16.350  -7.415  1.00 29.39  ? 59  THR A O     1 
ATOM   399  C  CB    . THR A 1 68  ? -10.601 18.050  -5.484  1.00 29.76  ? 59  THR A CB    1 
ATOM   400  O  OG1   . THR A 1 68  ? -10.865 19.262  -4.764  1.00 29.72  ? 59  THR A OG1   1 
ATOM   401  C  CG2   . THR A 1 68  ? -11.373 16.905  -4.830  1.00 29.76  ? 59  THR A CG2   1 
ATOM   402  N  N     . ILE A 1 69  ? -8.150  15.538  -5.516  1.00 28.91  ? 60  ILE A N     1 
ATOM   403  C  CA    . ILE A 1 69  ? -7.766  14.254  -6.086  1.00 28.79  ? 60  ILE A CA    1 
ATOM   404  C  C     . ILE A 1 69  ? -8.712  13.198  -5.562  1.00 28.35  ? 60  ILE A C     1 
ATOM   405  O  O     . ILE A 1 69  ? -8.766  12.962  -4.353  1.00 28.16  ? 60  ILE A O     1 
ATOM   406  C  CB    . ILE A 1 69  ? -6.320  13.868  -5.681  1.00 28.86  ? 60  ILE A CB    1 
ATOM   407  C  CG1   . ILE A 1 69  ? -5.339  14.987  -6.028  1.00 29.17  ? 60  ILE A CG1   1 
ATOM   408  C  CG2   . ILE A 1 69  ? -5.900  12.544  -6.340  1.00 29.00  ? 60  ILE A CG2   1 
ATOM   409  C  CD1   . ILE A 1 69  ? -5.338  15.404  -7.476  1.00 29.46  ? 60  ILE A CD1   1 
ATOM   410  N  N     . LYS A 1 70  ? -9.468  12.586  -6.470  1.00 28.16  ? 61  LYS A N     1 
ATOM   411  C  CA    . LYS A 1 70  ? -10.254 11.407  -6.155  1.00 27.73  ? 61  LYS A CA    1 
ATOM   412  C  C     . LYS A 1 70  ? -9.331  10.188  -6.214  1.00 27.13  ? 61  LYS A C     1 
ATOM   413  O  O     . LYS A 1 70  ? -8.868  9.794   -7.289  1.00 26.71  ? 61  LYS A O     1 
ATOM   414  C  CB    . LYS A 1 70  ? -11.417 11.254  -7.129  1.00 27.88  ? 61  LYS A CB    1 
ATOM   415  C  CG    . LYS A 1 70  ? -12.354 10.116  -6.781  1.00 28.83  ? 61  LYS A CG    1 
ATOM   416  C  CD    . LYS A 1 70  ? -13.630 10.168  -7.609  1.00 29.03  ? 61  LYS A CD    1 
ATOM   417  C  CE    . LYS A 1 70  ? -14.434 8.903   -7.444  1.00 30.29  ? 61  LYS A CE    1 
ATOM   418  N  NZ    . LYS A 1 70  ? -15.808 9.049   -8.008  1.00 31.88  ? 61  LYS A NZ    1 
ATOM   419  N  N     . ALA A 1 71  ? -9.043  9.622   -5.045  1.00 26.19  ? 62  ALA A N     1 
ATOM   420  C  CA    . ALA A 1 71  ? -8.170  8.462   -4.939  1.00 25.67  ? 62  ALA A CA    1 
ATOM   421  C  C     . ALA A 1 71  ? -9.032  7.217   -5.045  1.00 25.23  ? 62  ALA A C     1 
ATOM   422  O  O     . ALA A 1 71  ? -9.952  7.019   -4.241  1.00 24.99  ? 62  ALA A O     1 
ATOM   423  C  CB    . ALA A 1 71  ? -7.425  8.488   -3.625  1.00 25.72  ? 62  ALA A CB    1 
ATOM   424  N  N     . GLN A 1 72  ? -8.753  6.395   -6.055  1.00 24.22  ? 63  GLN A N     1 
ATOM   425  C  CA    . GLN A 1 72  ? -9.445  5.127   -6.236  1.00 23.91  ? 63  GLN A CA    1 
ATOM   426  C  C     . GLN A 1 72  ? -8.493  3.991   -5.854  1.00 23.72  ? 63  GLN A C     1 
ATOM   427  O  O     . GLN A 1 72  ? -7.564  3.666   -6.600  1.00 23.56  ? 63  GLN A O     1 
ATOM   428  C  CB    . GLN A 1 72  ? -9.916  4.984   -7.680  1.00 23.63  ? 63  GLN A CB    1 
ATOM   429  C  CG    . GLN A 1 72  ? -10.881 3.831   -7.916  1.00 23.64  ? 63  GLN A CG    1 
ATOM   430  C  CD    . GLN A 1 72  ? -11.069 3.546   -9.391  1.00 23.99  ? 63  GLN A CD    1 
ATOM   431  O  OE1   . GLN A 1 72  ? -10.124 3.152   -10.085 1.00 22.23  ? 63  GLN A OE1   1 
ATOM   432  N  NE2   . GLN A 1 72  ? -12.290 3.748   -9.884  1.00 24.79  ? 63  GLN A NE2   1 
ATOM   433  N  N     . ILE A 1 73  ? -8.738  3.400   -4.685  1.00 23.09  ? 64  ILE A N     1 
ATOM   434  C  CA    . ILE A 1 73  ? -7.792  2.484   -4.054  1.00 22.79  ? 64  ILE A CA    1 
ATOM   435  C  C     . ILE A 1 73  ? -8.277  1.059   -4.272  1.00 22.46  ? 64  ILE A C     1 
ATOM   436  O  O     . ILE A 1 73  ? -9.397  0.730   -3.885  1.00 22.22  ? 64  ILE A O     1 
ATOM   437  C  CB    . ILE A 1 73  ? -7.664  2.750   -2.524  1.00 22.81  ? 64  ILE A CB    1 
ATOM   438  C  CG1   . ILE A 1 73  ? -7.470  4.245   -2.218  1.00 23.21  ? 64  ILE A CG1   1 
ATOM   439  C  CG2   . ILE A 1 73  ? -6.524  1.926   -1.917  1.00 22.88  ? 64  ILE A CG2   1 
ATOM   440  C  CD1   . ILE A 1 73  ? -6.324  4.899   -2.943  1.00 23.90  ? 64  ILE A CD1   1 
ATOM   441  N  N     . TRP A 1 74  ? -7.436  0.230   -4.890  1.00 21.95  ? 65  TRP A N     1 
ATOM   442  C  CA    . TRP A 1 74  ? -7.782  -1.165  -5.211  1.00 21.64  ? 65  TRP A CA    1 
ATOM   443  C  C     . TRP A 1 74  ? -7.166  -2.137  -4.210  1.00 21.15  ? 65  TRP A C     1 
ATOM   444  O  O     . TRP A 1 74  ? -6.115  -1.859  -3.622  1.00 20.87  ? 65  TRP A O     1 
ATOM   445  C  CB    . TRP A 1 74  ? -7.321  -1.517  -6.630  1.00 21.85  ? 65  TRP A CB    1 
ATOM   446  C  CG    . TRP A 1 74  ? -8.171  -0.891  -7.691  1.00 22.33  ? 65  TRP A CG    1 
ATOM   447  C  CD1   . TRP A 1 74  ? -8.408  0.442   -7.863  1.00 22.46  ? 65  TRP A CD1   1 
ATOM   448  C  CD2   . TRP A 1 74  ? -8.889  -1.562  -8.727  1.00 22.57  ? 65  TRP A CD2   1 
ATOM   449  N  NE1   . TRP A 1 74  ? -9.232  0.641   -8.937  1.00 22.37  ? 65  TRP A NE1   1 
ATOM   450  C  CE2   . TRP A 1 74  ? -9.546  -0.572  -9.490  1.00 22.81  ? 65  TRP A CE2   1 
ATOM   451  C  CE3   . TRP A 1 74  ? -9.040  -2.905  -9.089  1.00 22.34  ? 65  TRP A CE3   1 
ATOM   452  C  CZ2   . TRP A 1 74  ? -10.340 -0.878  -10.591 1.00 22.43  ? 65  TRP A CZ2   1 
ATOM   453  C  CZ3   . TRP A 1 74  ? -9.830  -3.214  -10.181 1.00 22.75  ? 65  TRP A CZ3   1 
ATOM   454  C  CH2   . TRP A 1 74  ? -10.476 -2.201  -10.920 1.00 22.71  ? 65  TRP A CH2   1 
ATOM   455  N  N     . ASP A 1 75  ? -7.809  -3.287  -4.036  1.00 20.81  ? 66  ASP A N     1 
ATOM   456  C  CA    . ASP A 1 75  ? -7.425  -4.237  -2.992  1.00 20.74  ? 66  ASP A CA    1 
ATOM   457  C  C     . ASP A 1 75  ? -7.753  -5.665  -3.423  1.00 20.51  ? 66  ASP A C     1 
ATOM   458  O  O     . ASP A 1 75  ? -8.736  -5.902  -4.132  1.00 20.57  ? 66  ASP A O     1 
ATOM   459  C  CB    . ASP A 1 75  ? -8.140  -3.854  -1.679  1.00 20.72  ? 66  ASP A CB    1 
ATOM   460  C  CG    . ASP A 1 75  ? -7.762  -4.733  -0.499  1.00 20.88  ? 66  ASP A CG    1 
ATOM   461  O  OD1   . ASP A 1 75  ? -6.595  -5.164  -0.391  1.00 20.35  ? 66  ASP A OD1   1 
ATOM   462  O  OD2   . ASP A 1 75  ? -8.650  -4.972  0.350   1.00 22.53  ? 66  ASP A OD2   1 
ATOM   463  N  N     . THR A 1 76  ? -6.889  -6.599  -3.038  1.00 20.37  ? 67  THR A N     1 
ATOM   464  C  CA    . THR A 1 76  ? -7.057  -8.008  -3.380  1.00 20.48  ? 67  THR A CA    1 
ATOM   465  C  C     . THR A 1 76  ? -6.186  -8.859  -2.444  1.00 20.21  ? 67  THR A C     1 
ATOM   466  O  O     . THR A 1 76  ? -5.332  -8.325  -1.733  1.00 19.97  ? 67  THR A O     1 
ATOM   467  C  CB    . THR A 1 76  ? -6.731  -8.256  -4.893  1.00 20.37  ? 67  THR A CB    1 
ATOM   468  O  OG1   . THR A 1 76  ? -7.327  -9.480  -5.325  1.00 21.55  ? 67  THR A OG1   1 
ATOM   469  C  CG2   . THR A 1 76  ? -5.236  -8.277  -5.155  1.00 20.33  ? 67  THR A CG2   1 
ATOM   470  N  N     . ALA A 1 77  ? -6.411  -10.172 -2.416  1.00 20.68  ? 68  ALA A N     1 
ATOM   471  C  CA    . ALA A 1 77  ? -5.677  -11.042 -1.486  1.00 20.68  ? 68  ALA A CA    1 
ATOM   472  C  C     . ALA A 1 77  ? -4.208  -11.121 -1.874  1.00 21.04  ? 68  ALA A C     1 
ATOM   473  O  O     . ALA A 1 77  ? -3.876  -11.158 -3.056  1.00 20.46  ? 68  ALA A O     1 
ATOM   474  C  CB    . ALA A 1 77  ? -6.287  -12.437 -1.446  1.00 20.78  ? 68  ALA A CB    1 
ATOM   475  N  N     . GLY A 1 78  ? -3.332  -11.141 -0.876  1.00 21.30  ? 69  GLY A N     1 
ATOM   476  C  CA    . GLY A 1 78  ? -1.902  -11.262 -1.108  1.00 22.03  ? 69  GLY A CA    1 
ATOM   477  C  C     . GLY A 1 78  ? -1.467  -12.627 -1.620  1.00 22.49  ? 69  GLY A C     1 
ATOM   478  O  O     . GLY A 1 78  ? -0.476  -12.723 -2.336  1.00 22.44  ? 69  GLY A O     1 
ATOM   479  N  N     . GLN A 1 79  ? -2.196  -13.685 -1.258  1.00 23.42  ? 70  GLN A N     1 
ATOM   480  C  CA    . GLN A 1 79  ? -1.823  -15.037 -1.676  1.00 23.73  ? 70  GLN A CA    1 
ATOM   481  C  C     . GLN A 1 79  ? -2.089  -15.247 -3.159  1.00 23.42  ? 70  GLN A C     1 
ATOM   482  O  O     . GLN A 1 79  ? -3.159  -14.908 -3.643  1.00 23.44  ? 70  GLN A O     1 
ATOM   483  C  CB    . GLN A 1 79  ? -2.572  -16.110 -0.878  1.00 24.05  ? 70  GLN A CB    1 
ATOM   484  C  CG    . GLN A 1 79  ? -2.114  -17.532 -1.255  1.00 25.39  ? 70  GLN A CG    1 
ATOM   485  C  CD    . GLN A 1 79  ? -2.474  -18.573 -0.218  1.00 26.63  ? 70  GLN A CD    1 
ATOM   486  O  OE1   . GLN A 1 79  ? -3.489  -18.458 0.481   1.00 31.92  ? 70  GLN A OE1   1 
ATOM   487  N  NE2   . GLN A 1 79  ? -1.647  -19.603 -0.117  1.00 31.75  ? 70  GLN A NE2   1 
ATOM   488  N  N     . GLU A 1 80  ? -1.115  -15.815 -3.867  1.00 23.52  ? 71  GLU A N     1 
ATOM   489  C  CA    . GLU A 1 80  ? -1.220  -16.024 -5.312  1.00 23.38  ? 71  GLU A CA    1 
ATOM   490  C  C     . GLU A 1 80  ? -0.852  -17.432 -5.774  1.00 23.81  ? 71  GLU A C     1 
ATOM   491  O  O     . GLU A 1 80  ? -0.370  -17.613 -6.898  1.00 25.28  ? 71  GLU A O     1 
ATOM   492  C  CB    . GLU A 1 80  ? -0.311  -15.056 -6.043  1.00 23.26  ? 71  GLU A CB    1 
ATOM   493  C  CG    . GLU A 1 80  ? -0.662  -13.616 -5.851  1.00 22.99  ? 71  GLU A CG    1 
ATOM   494  C  CD    . GLU A 1 80  ? 0.186   -12.748 -6.730  1.00 22.41  ? 71  GLU A CD    1 
ATOM   495  O  OE1   . GLU A 1 80  ? -0.047  -12.760 -7.956  1.00 20.85  ? 71  GLU A OE1   1 
ATOM   496  O  OE2   . GLU A 1 80  ? 1.099   -12.080 -6.196  1.00 21.47  ? 71  GLU A OE2   1 
ATOM   497  N  N     . ARG A 1 81  ? -1.109  -18.434 -4.953  1.00 23.57  ? 72  ARG A N     1 
ATOM   498  C  CA    . ARG A 1 81  ? -0.697  -19.795 -5.299  1.00 23.38  ? 72  ARG A CA    1 
ATOM   499  C  C     . ARG A 1 81  ? -1.419  -20.364 -6.536  1.00 22.43  ? 72  ARG A C     1 
ATOM   500  O  O     . ARG A 1 81  ? -0.766  -20.685 -7.537  1.00 21.38  ? 72  ARG A O     1 
ATOM   501  C  CB    . ARG A 1 81  ? -0.881  -20.721 -4.106  1.00 23.41  ? 72  ARG A CB    1 
ATOM   502  C  CG    . ARG A 1 81  ? -0.529  -22.154 -4.410  1.00 24.77  ? 72  ARG A CG    1 
ATOM   503  C  CD    . ARG A 1 81  ? -0.012  -22.856 -3.184  1.00 26.59  ? 72  ARG A CD    1 
ATOM   504  N  NE    . ARG A 1 81  ? -0.020  -24.300 -3.368  1.00 30.04  ? 72  ARG A NE    1 
ATOM   505  C  CZ    . ARG A 1 81  ? 0.828   -24.972 -4.145  1.00 31.73  ? 72  ARG A CZ    1 
ATOM   506  N  NH1   . ARG A 1 81  ? 1.771   -24.347 -4.838  1.00 32.98  ? 72  ARG A NH1   1 
ATOM   507  N  NH2   . ARG A 1 81  ? 0.718   -26.292 -4.222  1.00 33.74  ? 72  ARG A NH2   1 
ATOM   508  N  N     . TYR A 1 82  ? -2.744  -20.512 -6.448  1.00 21.96  ? 73  TYR A N     1 
ATOM   509  C  CA    . TYR A 1 82  ? -3.555  -21.056 -7.561  1.00 21.84  ? 73  TYR A CA    1 
ATOM   510  C  C     . TYR A 1 82  ? -4.075  -19.975 -8.498  1.00 21.42  ? 73  TYR A C     1 
ATOM   511  O  O     . TYR A 1 82  ? -4.452  -20.260 -9.645  1.00 20.52  ? 73  TYR A O     1 
ATOM   512  C  CB    . TYR A 1 82  ? -4.741  -21.865 -7.029  1.00 22.11  ? 73  TYR A CB    1 
ATOM   513  C  CG    . TYR A 1 82  ? -4.333  -22.978 -6.106  1.00 22.07  ? 73  TYR A CG    1 
ATOM   514  C  CD1   . TYR A 1 82  ? -4.594  -22.902 -4.745  1.00 22.49  ? 73  TYR A CD1   1 
ATOM   515  C  CD2   . TYR A 1 82  ? -3.659  -24.096 -6.586  1.00 21.64  ? 73  TYR A CD2   1 
ATOM   516  C  CE1   . TYR A 1 82  ? -4.210  -23.915 -3.883  1.00 23.05  ? 73  TYR A CE1   1 
ATOM   517  C  CE2   . TYR A 1 82  ? -3.260  -25.121 -5.725  1.00 22.55  ? 73  TYR A CE2   1 
ATOM   518  C  CZ    . TYR A 1 82  ? -3.543  -25.020 -4.374  1.00 23.54  ? 73  TYR A CZ    1 
ATOM   519  O  OH    . TYR A 1 82  ? -3.172  -26.012 -3.496  1.00 24.06  ? 73  TYR A OH    1 
ATOM   520  N  N     . ARG A 1 83  ? -4.092  -18.740 -8.005  1.00 21.15  ? 74  ARG A N     1 
ATOM   521  C  CA    . ARG A 1 83  ? -4.606  -17.596 -8.739  1.00 21.62  ? 74  ARG A CA    1 
ATOM   522  C  C     . ARG A 1 83  ? -3.647  -16.432 -8.644  1.00 21.52  ? 74  ARG A C     1 
ATOM   523  O  O     . ARG A 1 83  ? -3.494  -15.872 -7.561  1.00 22.72  ? 74  ARG A O     1 
ATOM   524  C  CB    . ARG A 1 83  ? -5.911  -17.139 -8.108  1.00 22.31  ? 74  ARG A CB    1 
ATOM   525  C  CG    . ARG A 1 83  ? -7.041  -18.064 -8.333  1.00 23.30  ? 74  ARG A CG    1 
ATOM   526  C  CD    . ARG A 1 83  ? -7.627  -17.774 -9.664  1.00 25.49  ? 74  ARG A CD    1 
ATOM   527  N  NE    . ARG A 1 83  ? -8.726  -18.660 -9.926  1.00 26.22  ? 74  ARG A NE    1 
ATOM   528  C  CZ    . ARG A 1 83  ? -9.604  -18.494 -10.902 1.00 25.40  ? 74  ARG A CZ    1 
ATOM   529  N  NH1   . ARG A 1 83  ? -9.535  -17.457 -11.733 1.00 25.02  ? 74  ARG A NH1   1 
ATOM   530  N  NH2   . ARG A 1 83  ? -10.559 -19.378 -11.040 1.00 24.09  ? 74  ARG A NH2   1 
ATOM   531  N  N     . ALA A 1 84  ? -3.040  -16.047 -9.765  1.00 20.51  ? 75  ALA A N     1 
ATOM   532  C  CA    . ALA A 1 84  ? -2.068  -14.957 -9.795  1.00 19.96  ? 75  ALA A CA    1 
ATOM   533  C  C     . ALA A 1 84  ? -2.724  -13.643 -10.201 1.00 19.41  ? 75  ALA A C     1 
ATOM   534  O  O     . ALA A 1 84  ? -3.595  -13.616 -11.070 1.00 19.80  ? 75  ALA A O     1 
ATOM   535  C  CB    . ALA A 1 84  ? -0.942  -15.295 -10.739 1.00 19.84  ? 75  ALA A CB    1 
ATOM   536  N  N     . ILE A 1 85  ? -2.289  -12.551 -9.574  1.00 18.68  ? 76  ILE A N     1 
ATOM   537  C  CA    . ILE A 1 85  ? -2.784  -11.216 -9.910  1.00 18.44  ? 76  ILE A CA    1 
ATOM   538  C  C     . ILE A 1 85  ? -2.289  -10.845 -11.308 1.00 18.05  ? 76  ILE A C     1 
ATOM   539  O  O     . ILE A 1 85  ? -1.094  -10.938 -11.599 1.00 18.24  ? 76  ILE A O     1 
ATOM   540  C  CB    . ILE A 1 85  ? -2.291  -10.152 -8.888  1.00 18.44  ? 76  ILE A CB    1 
ATOM   541  C  CG1   . ILE A 1 85  ? -2.800  -10.490 -7.482  1.00 17.80  ? 76  ILE A CG1   1 
ATOM   542  C  CG2   . ILE A 1 85  ? -2.767  -8.754  -9.292  1.00 18.30  ? 76  ILE A CG2   1 
ATOM   543  C  CD1   . ILE A 1 85  ? -2.046  -9.815  -6.361  1.00 18.70  ? 76  ILE A CD1   1 
ATOM   544  N  N     . THR A 1 86  ? -3.209  -10.422 -12.166 1.00 17.60  ? 77  THR A N     1 
ATOM   545  C  CA    . THR A 1 86  ? -2.889  -10.128 -13.567 1.00 17.53  ? 77  THR A CA    1 
ATOM   546  C  C     . THR A 1 86  ? -2.592  -8.645  -13.803 1.00 17.30  ? 77  THR A C     1 
ATOM   547  O  O     . THR A 1 86  ? -2.784  -7.803  -12.924 1.00 16.69  ? 77  THR A O     1 
ATOM   548  C  CB    . THR A 1 86  ? -4.052  -10.512 -14.493 1.00 17.56  ? 77  THR A CB    1 
ATOM   549  O  OG1   . THR A 1 86  ? -5.141  -9.616  -14.273 1.00 17.30  ? 77  THR A OG1   1 
ATOM   550  C  CG2   . THR A 1 86  ? -4.506  -11.979 -14.261 1.00 17.85  ? 77  THR A CG2   1 
ATOM   551  N  N     . SER A 1 87  ? -2.141  -8.333  -15.015 1.00 17.43  ? 78  SER A N     1 
ATOM   552  C  CA    . SER A 1 87  ? -1.924  -6.943  -15.423 1.00 17.43  ? 78  SER A CA    1 
ATOM   553  C  C     . SER A 1 87  ? -3.210  -6.110  -15.352 1.00 17.20  ? 78  SER A C     1 
ATOM   554  O  O     . SER A 1 87  ? -3.150  -4.886  -15.147 1.00 17.05  ? 78  SER A O     1 
ATOM   555  C  CB    . SER A 1 87  ? -1.303  -6.887  -16.830 1.00 17.49  ? 78  SER A CB    1 
ATOM   556  O  OG    . SER A 1 87  ? 0.029   -7.391  -16.815 1.00 17.94  ? 78  SER A OG    1 
ATOM   557  N  N     . ALA A 1 88  ? -4.370  -6.763  -15.485 1.00 16.97  ? 79  ALA A N     1 
ATOM   558  C  CA    . ALA A 1 88  ? -5.667  -6.075  -15.379 1.00 17.34  ? 79  ALA A CA    1 
ATOM   559  C  C     . ALA A 1 88  ? -5.885  -5.393  -14.029 1.00 17.39  ? 79  ALA A C     1 
ATOM   560  O  O     . ALA A 1 88  ? -6.461  -4.305  -13.965 1.00 17.50  ? 79  ALA A O     1 
ATOM   561  C  CB    . ALA A 1 88  ? -6.823  -7.036  -15.670 1.00 17.65  ? 79  ALA A CB    1 
ATOM   562  N  N     . TYR A 1 89  ? -5.431  -6.023  -12.948 1.00 17.42  ? 80  TYR A N     1 
ATOM   563  C  CA    . TYR A 1 89  ? -5.517  -5.415  -11.618 1.00 17.46  ? 80  TYR A CA    1 
ATOM   564  C  C     . TYR A 1 89  ? -4.746  -4.100  -11.591 1.00 17.45  ? 80  TYR A C     1 
ATOM   565  O  O     . TYR A 1 89  ? -5.221  -3.110  -11.053 1.00 17.70  ? 80  TYR A O     1 
ATOM   566  C  CB    . TYR A 1 89  ? -4.960  -6.371  -10.563 1.00 17.41  ? 80  TYR A CB    1 
ATOM   567  C  CG    . TYR A 1 89  ? -4.937  -5.836  -9.147  1.00 17.68  ? 80  TYR A CG    1 
ATOM   568  C  CD1   . TYR A 1 89  ? -6.113  -5.713  -8.407  1.00 17.83  ? 80  TYR A CD1   1 
ATOM   569  C  CD2   . TYR A 1 89  ? -3.732  -5.496  -8.532  1.00 17.30  ? 80  TYR A CD2   1 
ATOM   570  C  CE1   . TYR A 1 89  ? -6.102  -5.237  -7.103  1.00 17.78  ? 80  TYR A CE1   1 
ATOM   571  C  CE2   . TYR A 1 89  ? -3.708  -5.012  -7.213  1.00 17.75  ? 80  TYR A CE2   1 
ATOM   572  C  CZ    . TYR A 1 89  ? -4.896  -4.895  -6.507  1.00 18.44  ? 80  TYR A CZ    1 
ATOM   573  O  OH    . TYR A 1 89  ? -4.892  -4.441  -5.210  1.00 17.73  ? 80  TYR A OH    1 
ATOM   574  N  N     . TYR A 1 90  ? -3.557  -4.100  -12.185 1.00 17.87  ? 81  TYR A N     1 
ATOM   575  C  CA    . TYR A 1 90  ? -2.676  -2.930  -12.178 1.00 17.89  ? 81  TYR A CA    1 
ATOM   576  C  C     . TYR A 1 90  ? -3.002  -1.877  -13.237 1.00 18.37  ? 81  TYR A C     1 
ATOM   577  O  O     . TYR A 1 90  ? -2.469  -0.766  -13.168 1.00 18.51  ? 81  TYR A O     1 
ATOM   578  C  CB    . TYR A 1 90  ? -1.219  -3.363  -12.358 1.00 17.59  ? 81  TYR A CB    1 
ATOM   579  C  CG    . TYR A 1 90  ? -0.677  -4.234  -11.249 1.00 17.16  ? 81  TYR A CG    1 
ATOM   580  C  CD1   . TYR A 1 90  ? -0.604  -5.615  -11.394 1.00 17.10  ? 81  TYR A CD1   1 
ATOM   581  C  CD2   . TYR A 1 90  ? -0.223  -3.674  -10.059 1.00 16.76  ? 81  TYR A CD2   1 
ATOM   582  C  CE1   . TYR A 1 90  ? -0.086  -6.413  -10.383 1.00 17.33  ? 81  TYR A CE1   1 
ATOM   583  C  CE2   . TYR A 1 90  ? 0.294   -4.455  -9.042  1.00 16.71  ? 81  TYR A CE2   1 
ATOM   584  C  CZ    . TYR A 1 90  ? 0.356   -5.831  -9.208  1.00 17.58  ? 81  TYR A CZ    1 
ATOM   585  O  OH    . TYR A 1 90  ? 0.867   -6.608  -8.203  1.00 17.36  ? 81  TYR A OH    1 
ATOM   586  N  N     . ARG A 1 91  ? -3.862  -2.199  -14.207 1.00 18.62  ? 82  ARG A N     1 
ATOM   587  C  CA    . ARG A 1 91  ? -4.034  -1.330  -15.367 1.00 18.80  ? 82  ARG A CA    1 
ATOM   588  C  C     . ARG A 1 91  ? -4.530  0.046   -14.937 1.00 18.51  ? 82  ARG A C     1 
ATOM   589  O  O     . ARG A 1 91  ? -5.497  0.153   -14.192 1.00 18.62  ? 82  ARG A O     1 
ATOM   590  C  CB    . ARG A 1 91  ? -4.976  -1.936  -16.418 1.00 19.22  ? 82  ARG A CB    1 
ATOM   591  C  CG    . ARG A 1 91  ? -4.968  -1.146  -17.747 1.00 19.52  ? 82  ARG A CG    1 
ATOM   592  C  CD    . ARG A 1 91  ? -5.547  -1.951  -18.912 1.00 21.15  ? 82  ARG A CD    1 
ATOM   593  N  NE    . ARG A 1 91  ? -5.614  -1.191  -20.171 1.00 22.34  ? 82  ARG A NE    1 
ATOM   594  C  CZ    . ARG A 1 91  ? -4.602  -1.020  -21.030 1.00 23.51  ? 82  ARG A CZ    1 
ATOM   595  N  NH1   . ARG A 1 91  ? -3.398  -1.514  -20.778 1.00 23.58  ? 82  ARG A NH1   1 
ATOM   596  N  NH2   . ARG A 1 91  ? -4.791  -0.328  -22.146 1.00 23.82  ? 82  ARG A NH2   1 
ATOM   597  N  N     . GLY A 1 92  ? -3.833  1.087   -15.373 1.00 18.41  ? 83  GLY A N     1 
ATOM   598  C  CA    . GLY A 1 92  ? -4.206  2.457   -15.038 1.00 18.53  ? 83  GLY A CA    1 
ATOM   599  C  C     . GLY A 1 92  ? -3.687  2.934   -13.689 1.00 18.30  ? 83  GLY A C     1 
ATOM   600  O  O     . GLY A 1 92  ? -3.845  4.101   -13.360 1.00 18.81  ? 83  GLY A O     1 
ATOM   601  N  N     . ALA A 1 93  ? -3.060  2.051   -12.907 1.00 18.16  ? 84  ALA A N     1 
ATOM   602  C  CA    . ALA A 1 93  ? -2.590  2.420   -11.571 1.00 18.07  ? 84  ALA A CA    1 
ATOM   603  C  C     . ALA A 1 93  ? -1.390  3.339   -11.682 1.00 17.77  ? 84  ALA A C     1 
ATOM   604  O  O     . ALA A 1 93  ? -0.424  3.025   -12.384 1.00 16.99  ? 84  ALA A O     1 
ATOM   605  C  CB    . ALA A 1 93  ? -2.223  1.187   -10.768 1.00 18.35  ? 84  ALA A CB    1 
ATOM   606  N  N     . VAL A 1 94  ? -1.451  4.474   -10.990 1.00 17.79  ? 85  VAL A N     1 
ATOM   607  C  CA    . VAL A 1 94  ? -0.343  5.422   -10.999 1.00 17.78  ? 85  VAL A CA    1 
ATOM   608  C  C     . VAL A 1 94  ? 0.476   5.352   -9.708  1.00 17.49  ? 85  VAL A C     1 
ATOM   609  O  O     . VAL A 1 94  ? 1.547   5.950   -9.613  1.00 17.41  ? 85  VAL A O     1 
ATOM   610  C  CB    . VAL A 1 94  ? -0.830  6.864   -11.283 1.00 17.96  ? 85  VAL A CB    1 
ATOM   611  C  CG1   . VAL A 1 94  ? -1.209  6.994   -12.746 1.00 18.50  ? 85  VAL A CG1   1 
ATOM   612  C  CG2   . VAL A 1 94  ? -1.992  7.239   -10.394 1.00 18.43  ? 85  VAL A CG2   1 
ATOM   613  N  N     . GLY A 1 95  ? -0.034  4.613   -8.726  1.00 17.49  ? 86  GLY A N     1 
ATOM   614  C  CA    . GLY A 1 95  ? 0.690   4.336   -7.490  1.00 17.25  ? 86  GLY A CA    1 
ATOM   615  C  C     . GLY A 1 95  ? 0.456   2.922   -6.987  1.00 17.14  ? 86  GLY A C     1 
ATOM   616  O  O     . GLY A 1 95  ? -0.563  2.294   -7.300  1.00 16.80  ? 86  GLY A O     1 
ATOM   617  N  N     . ALA A 1 96  ? 1.411   2.422   -6.207  1.00 16.88  ? 87  ALA A N     1 
ATOM   618  C  CA    . ALA A 1 96  ? 1.236   1.181   -5.474  1.00 16.90  ? 87  ALA A CA    1 
ATOM   619  C  C     . ALA A 1 96  ? 1.735   1.352   -4.047  1.00 17.08  ? 87  ALA A C     1 
ATOM   620  O  O     . ALA A 1 96  ? 2.842   1.845   -3.808  1.00 17.06  ? 87  ALA A O     1 
ATOM   621  C  CB    . ALA A 1 96  ? 1.964   0.057   -6.146  1.00 17.04  ? 87  ALA A CB    1 
ATOM   622  N  N     . LEU A 1 97  ? 0.896   0.950   -3.106  1.00 17.05  ? 88  LEU A N     1 
ATOM   623  C  CA    . LEU A 1 97  ? 1.280   0.860   -1.712  1.00 17.43  ? 88  LEU A CA    1 
ATOM   624  C  C     . LEU A 1 97  ? 1.711   -0.575  -1.501  1.00 17.29  ? 88  LEU A C     1 
ATOM   625  O  O     . LEU A 1 97  ? 0.880   -1.479  -1.560  1.00 17.39  ? 88  LEU A O     1 
ATOM   626  C  CB    . LEU A 1 97  ? 0.082   1.227   -0.832  1.00 17.95  ? 88  LEU A CB    1 
ATOM   627  C  CG    . LEU A 1 97  ? -0.291  2.709   -0.976  1.00 19.25  ? 88  LEU A CG    1 
ATOM   628  C  CD1   . LEU A 1 97  ? -1.741  2.958   -0.628  1.00 21.87  ? 88  LEU A CD1   1 
ATOM   629  C  CD2   . LEU A 1 97  ? 0.618   3.549   -0.109  1.00 20.18  ? 88  LEU A CD2   1 
ATOM   630  N  N     . LEU A 1 98  ? 3.014   -0.784  -1.321  1.00 17.14  ? 89  LEU A N     1 
ATOM   631  C  CA    . LEU A 1 98  ? 3.579   -2.120  -1.152  1.00 17.39  ? 89  LEU A CA    1 
ATOM   632  C  C     . LEU A 1 98  ? 3.742   -2.349  0.345   1.00 17.55  ? 89  LEU A C     1 
ATOM   633  O  O     . LEU A 1 98  ? 4.670   -1.827  0.969   1.00 17.36  ? 89  LEU A O     1 
ATOM   634  C  CB    . LEU A 1 98  ? 4.920   -2.230  -1.880  1.00 17.53  ? 89  LEU A CB    1 
ATOM   635  C  CG    . LEU A 1 98  ? 5.420   -3.629  -2.258  1.00 17.19  ? 89  LEU A CG    1 
ATOM   636  C  CD1   . LEU A 1 98  ? 6.725   -3.540  -3.028  1.00 17.86  ? 89  LEU A CD1   1 
ATOM   637  C  CD2   . LEU A 1 98  ? 5.578   -4.527  -1.053  1.00 18.25  ? 89  LEU A CD2   1 
ATOM   638  N  N     . VAL A 1 99  ? 2.817   -3.109  0.922   1.00 17.76  ? 90  VAL A N     1 
ATOM   639  C  CA    . VAL A 1 99  ? 2.716   -3.209  2.382   1.00 17.99  ? 90  VAL A CA    1 
ATOM   640  C  C     . VAL A 1 99  ? 3.364   -4.491  2.912   1.00 18.37  ? 90  VAL A C     1 
ATOM   641  O  O     . VAL A 1 99  ? 3.198   -5.569  2.334   1.00 18.37  ? 90  VAL A O     1 
ATOM   642  C  CB    . VAL A 1 99  ? 1.238   -3.153  2.830   1.00 18.15  ? 90  VAL A CB    1 
ATOM   643  C  CG1   . VAL A 1 99  ? 1.126   -3.016  4.365   1.00 17.80  ? 90  VAL A CG1   1 
ATOM   644  C  CG2   . VAL A 1 99  ? 0.503   -2.002  2.125   1.00 18.62  ? 90  VAL A CG2   1 
ATOM   645  N  N     . TYR A 1 100 ? 4.105   -4.364  4.015   1.00 18.63  ? 91  TYR A N     1 
ATOM   646  C  CA    . TYR A 1 100 ? 4.557   -5.512  4.798   1.00 18.90  ? 91  TYR A CA    1 
ATOM   647  C  C     . TYR A 1 100 ? 4.152   -5.309  6.266   1.00 19.27  ? 91  TYR A C     1 
ATOM   648  O  O     . TYR A 1 100 ? 3.649   -4.246  6.645   1.00 18.64  ? 91  TYR A O     1 
ATOM   649  C  CB    . TYR A 1 100 ? 6.080   -5.742  4.651   1.00 19.07  ? 91  TYR A CB    1 
ATOM   650  C  CG    . TYR A 1 100 ? 6.950   -4.643  5.224   1.00 19.48  ? 91  TYR A CG    1 
ATOM   651  C  CD1   . TYR A 1 100 ? 7.484   -4.752  6.508   1.00 19.87  ? 91  TYR A CD1   1 
ATOM   652  C  CD2   . TYR A 1 100 ? 7.230   -3.493  4.490   1.00 18.82  ? 91  TYR A CD2   1 
ATOM   653  C  CE1   . TYR A 1 100 ? 8.270   -3.749  7.050   1.00 19.70  ? 91  TYR A CE1   1 
ATOM   654  C  CE2   . TYR A 1 100 ? 8.022   -2.475  5.022   1.00 18.57  ? 91  TYR A CE2   1 
ATOM   655  C  CZ    . TYR A 1 100 ? 8.535   -2.610  6.304   1.00 19.47  ? 91  TYR A CZ    1 
ATOM   656  O  OH    . TYR A 1 100 ? 9.319   -1.618  6.846   1.00 19.95  ? 91  TYR A OH    1 
ATOM   657  N  N     . ASP A 1 101 ? 4.357   -6.350  7.068   1.00 19.58  ? 92  ASP A N     1 
ATOM   658  C  CA    . ASP A 1 101 ? 4.024   -6.347  8.494   1.00 20.16  ? 92  ASP A CA    1 
ATOM   659  C  C     . ASP A 1 101 ? 5.335   -6.209  9.256   1.00 20.47  ? 92  ASP A C     1 
ATOM   660  O  O     . ASP A 1 101 ? 6.178   -7.087  9.159   1.00 20.76  ? 92  ASP A O     1 
ATOM   661  C  CB    . ASP A 1 101 ? 3.320   -7.670  8.834   1.00 20.37  ? 92  ASP A CB    1 
ATOM   662  C  CG    . ASP A 1 101 ? 2.937   -7.799  10.301  1.00 20.22  ? 92  ASP A CG    1 
ATOM   663  O  OD1   . ASP A 1 101 ? 3.418   -7.027  11.156  1.00 21.52  ? 92  ASP A OD1   1 
ATOM   664  O  OD2   . ASP A 1 101 ? 2.126   -8.693  10.591  1.00 21.67  ? 92  ASP A OD2   1 
ATOM   665  N  N     . ILE A 1 102 ? 5.508   -5.117  10.006  1.00 21.14  ? 93  ILE A N     1 
ATOM   666  C  CA    . ILE A 1 102 ? 6.773   -4.863  10.719  1.00 21.71  ? 93  ILE A CA    1 
ATOM   667  C  C     . ILE A 1 102 ? 7.119   -5.972  11.724  1.00 22.23  ? 93  ILE A C     1 
ATOM   668  O  O     . ILE A 1 102 ? 8.294   -6.163  12.078  1.00 22.09  ? 93  ILE A O     1 
ATOM   669  C  CB    . ILE A 1 102 ? 6.811   -3.451  11.419  1.00 22.12  ? 93  ILE A CB    1 
ATOM   670  C  CG1   . ILE A 1 102 ? 5.758   -3.307  12.531  1.00 22.78  ? 93  ILE A CG1   1 
ATOM   671  C  CG2   . ILE A 1 102 ? 6.646   -2.332  10.396  1.00 21.62  ? 93  ILE A CG2   1 
ATOM   672  C  CD1   . ILE A 1 102 ? 6.354   -3.237  13.922  1.00 24.57  ? 93  ILE A CD1   1 
ATOM   673  N  N     . ALA A 1 103 ? 6.099   -6.719  12.142  1.00 22.52  ? 94  ALA A N     1 
ATOM   674  C  CA    . ALA A 1 103 ? 6.261   -7.802  13.100  1.00 22.77  ? 94  ALA A CA    1 
ATOM   675  C  C     . ALA A 1 103 ? 6.441   -9.179  12.453  1.00 23.08  ? 94  ALA A C     1 
ATOM   676  O  O     . ALA A 1 103 ? 6.524   -10.178 13.165  1.00 23.12  ? 94  ALA A O     1 
ATOM   677  C  CB    . ALA A 1 103 ? 5.063   -7.817  14.053  1.00 22.91  ? 94  ALA A CB    1 
ATOM   678  N  N     . LYS A 1 104 ? 6.484   -9.241  11.120  1.00 23.21  ? 95  LYS A N     1 
ATOM   679  C  CA    . LYS A 1 104 ? 6.755   -10.494 10.410  1.00 23.45  ? 95  LYS A CA    1 
ATOM   680  C  C     . LYS A 1 104 ? 7.788   -10.279 9.306   1.00 23.29  ? 95  LYS A C     1 
ATOM   681  O  O     . LYS A 1 104 ? 7.488   -9.707  8.257   1.00 23.18  ? 95  LYS A O     1 
ATOM   682  C  CB    . LYS A 1 104 ? 5.469   -11.094 9.845   1.00 23.51  ? 95  LYS A CB    1 
ATOM   683  C  CG    . LYS A 1 104 ? 4.480   -11.531 10.938  1.00 24.64  ? 95  LYS A CG    1 
ATOM   684  C  CD    . LYS A 1 104 ? 3.585   -12.653 10.460  1.00 24.99  ? 95  LYS A CD    1 
ATOM   685  C  CE    . LYS A 1 104 ? 2.523   -13.002 11.486  1.00 25.92  ? 95  LYS A CE    1 
ATOM   686  N  NZ    . LYS A 1 104 ? 1.628   -14.046 10.927  1.00 28.10  ? 95  LYS A NZ    1 
ATOM   687  N  N     . HIS A 1 105 ? 9.009   -10.740 9.559   1.00 23.06  ? 96  HIS A N     1 
ATOM   688  C  CA    . HIS A 1 105 ? 10.132  -10.503 8.646   1.00 22.74  ? 96  HIS A CA    1 
ATOM   689  C  C     . HIS A 1 105 ? 9.945   -11.101 7.250   1.00 22.37  ? 96  HIS A C     1 
ATOM   690  O  O     . HIS A 1 105 ? 10.449  -10.548 6.278   1.00 22.02  ? 96  HIS A O     1 
ATOM   691  C  CB    . HIS A 1 105 ? 11.434  -11.032 9.244   1.00 22.69  ? 96  HIS A CB    1 
ATOM   692  C  CG    . HIS A 1 105 ? 12.657  -10.536 8.539   1.00 23.19  ? 96  HIS A CG    1 
ATOM   693  N  ND1   . HIS A 1 105 ? 13.240  -9.320  8.828   1.00 24.71  ? 96  HIS A ND1   1 
ATOM   694  C  CD2   . HIS A 1 105 ? 13.410  -11.092 7.563   1.00 22.69  ? 96  HIS A CD2   1 
ATOM   695  C  CE1   . HIS A 1 105 ? 14.297  -9.149  8.055   1.00 24.01  ? 96  HIS A CE1   1 
ATOM   696  N  NE2   . HIS A 1 105 ? 14.427  -10.213 7.281   1.00 23.98  ? 96  HIS A NE2   1 
ATOM   697  N  N     . LEU A 1 106 ? 9.243   -12.232 7.154   1.00 22.04  ? 97  LEU A N     1 
ATOM   698  C  CA    . LEU A 1 106 ? 9.003   -12.867 5.853   1.00 21.75  ? 97  LEU A CA    1 
ATOM   699  C  C     . LEU A 1 106 ? 8.285   -11.918 4.903   1.00 21.33  ? 97  LEU A C     1 
ATOM   700  O  O     . LEU A 1 106 ? 8.628   -11.841 3.723   1.00 20.80  ? 97  LEU A O     1 
ATOM   701  C  CB    . LEU A 1 106 ? 8.197   -14.160 6.006   1.00 21.89  ? 97  LEU A CB    1 
ATOM   702  C  CG    . LEU A 1 106 ? 7.862   -14.905 4.706   1.00 21.55  ? 97  LEU A CG    1 
ATOM   703  C  CD1   . LEU A 1 106 ? 9.111   -15.254 3.928   1.00 22.52  ? 97  LEU A CD1   1 
ATOM   704  C  CD2   . LEU A 1 106 ? 7.069   -16.151 5.025   1.00 21.95  ? 97  LEU A CD2   1 
ATOM   705  N  N     . THR A 1 107 ? 7.298   -11.186 5.422   1.00 21.19  ? 98  THR A N     1 
ATOM   706  C  CA    . THR A 1 107 ? 6.531   -10.236 4.607   1.00 20.97  ? 98  THR A CA    1 
ATOM   707  C  C     . THR A 1 107 ? 7.418   -9.119  4.035   1.00 21.33  ? 98  THR A C     1 
ATOM   708  O  O     . THR A 1 107 ? 7.141   -8.585  2.959   1.00 20.85  ? 98  THR A O     1 
ATOM   709  C  CB    . THR A 1 107 ? 5.337   -9.621  5.390   1.00 20.87  ? 98  THR A CB    1 
ATOM   710  O  OG1   . THR A 1 107 ? 5.810   -8.734  6.412   1.00 18.72  ? 98  THR A OG1   1 
ATOM   711  C  CG2   . THR A 1 107 ? 4.466   -10.723 6.007   1.00 20.79  ? 98  THR A CG2   1 
ATOM   712  N  N     . TYR A 1 108 ? 8.475   -8.777  4.769   1.00 21.72  ? 99  TYR A N     1 
ATOM   713  C  CA    . TYR A 1 108 ? 9.481   -7.834  4.294   1.00 21.88  ? 99  TYR A CA    1 
ATOM   714  C  C     . TYR A 1 108 ? 10.449  -8.505  3.306   1.00 21.93  ? 99  TYR A C     1 
ATOM   715  O  O     . TYR A 1 108 ? 10.828  -7.900  2.305   1.00 21.64  ? 99  TYR A O     1 
ATOM   716  C  CB    . TYR A 1 108 ? 10.231  -7.227  5.480   1.00 22.59  ? 99  TYR A CB    1 
ATOM   717  C  CG    . TYR A 1 108 ? 11.360  -6.306  5.094   1.00 22.28  ? 99  TYR A CG    1 
ATOM   718  C  CD1   . TYR A 1 108 ? 11.105  -5.041  4.583   1.00 22.68  ? 99  TYR A CD1   1 
ATOM   719  C  CD2   . TYR A 1 108 ? 12.685  -6.697  5.255   1.00 23.01  ? 99  TYR A CD2   1 
ATOM   720  C  CE1   . TYR A 1 108 ? 12.138  -4.185  4.238   1.00 23.33  ? 99  TYR A CE1   1 
ATOM   721  C  CE2   . TYR A 1 108 ? 13.731  -5.848  4.910   1.00 22.83  ? 99  TYR A CE2   1 
ATOM   722  C  CZ    . TYR A 1 108 ? 13.452  -4.597  4.399   1.00 23.08  ? 99  TYR A CZ    1 
ATOM   723  O  OH    . TYR A 1 108 ? 14.482  -3.751  4.054   1.00 23.58  ? 99  TYR A OH    1 
ATOM   724  N  N     . GLU A 1 109 ? 10.838  -9.751  3.579   1.00 22.00  ? 100 GLU A N     1 
ATOM   725  C  CA    . GLU A 1 109 ? 11.661  -10.533 2.644   1.00 22.14  ? 100 GLU A CA    1 
ATOM   726  C  C     . GLU A 1 109 ? 10.988  -10.663 1.276   1.00 21.62  ? 100 GLU A C     1 
ATOM   727  O  O     . GLU A 1 109 ? 11.656  -10.675 0.240   1.00 21.24  ? 100 GLU A O     1 
ATOM   728  C  CB    . GLU A 1 109 ? 11.909  -11.948 3.166   1.00 22.51  ? 100 GLU A CB    1 
ATOM   729  C  CG    . GLU A 1 109 ? 12.802  -12.066 4.378   1.00 23.76  ? 100 GLU A CG    1 
ATOM   730  C  CD    . GLU A 1 109 ? 12.741  -13.470 4.979   1.00 24.00  ? 100 GLU A CD    1 
ATOM   731  O  OE1   . GLU A 1 109 ? 12.957  -14.432 4.213   1.00 25.73  ? 100 GLU A OE1   1 
ATOM   732  O  OE2   . GLU A 1 109 ? 12.455  -13.608 6.197   1.00 26.00  ? 100 GLU A OE2   1 
ATOM   733  N  N     . ASN A 1 110 ? 9.665   -10.777 1.281   1.00 21.15  ? 101 ASN A N     1 
ATOM   734  C  CA    . ASN A 1 110 ? 8.901   -10.908 0.045   1.00 21.02  ? 101 ASN A CA    1 
ATOM   735  C  C     . ASN A 1 110 ? 8.711   -9.599  -0.739  1.00 21.05  ? 101 ASN A C     1 
ATOM   736  O  O     . ASN A 1 110 ? 8.168   -9.618  -1.850  1.00 20.76  ? 101 ASN A O     1 
ATOM   737  C  CB    . ASN A 1 110 ? 7.548   -11.569 0.338   1.00 20.46  ? 101 ASN A CB    1 
ATOM   738  C  CG    . ASN A 1 110 ? 7.677   -13.057 0.578   1.00 20.64  ? 101 ASN A CG    1 
ATOM   739  O  OD1   . ASN A 1 110 ? 8.636   -13.678 0.117   1.00 20.10  ? 101 ASN A OD1   1 
ATOM   740  N  ND2   . ASN A 1 110 ? 6.723   -13.639 1.302   1.00 18.09  ? 101 ASN A ND2   1 
ATOM   741  N  N     . VAL A 1 111 ? 9.167   -8.474  -0.186  1.00 21.08  ? 102 VAL A N     1 
ATOM   742  C  CA    . VAL A 1 111 ? 9.055   -7.189  -0.884  1.00 21.21  ? 102 VAL A CA    1 
ATOM   743  C  C     . VAL A 1 111 ? 9.686   -7.276  -2.278  1.00 21.37  ? 102 VAL A C     1 
ATOM   744  O  O     . VAL A 1 111 ? 9.114   -6.780  -3.239  1.00 21.16  ? 102 VAL A O     1 
ATOM   745  C  CB    . VAL A 1 111 ? 9.670   -6.019  -0.068  1.00 21.16  ? 102 VAL A CB    1 
ATOM   746  C  CG1   . VAL A 1 111 ? 9.834   -4.756  -0.932  1.00 21.31  ? 102 VAL A CG1   1 
ATOM   747  C  CG2   . VAL A 1 111 ? 8.799   -5.705  1.126   1.00 22.01  ? 102 VAL A CG2   1 
ATOM   748  N  N     . GLU A 1 112 ? 10.851  -7.918  -2.378  1.00 21.53  ? 103 GLU A N     1 
ATOM   749  C  CA    . GLU A 1 112 ? 11.551  -8.086  -3.661  1.00 21.94  ? 103 GLU A CA    1 
ATOM   750  C  C     . GLU A 1 112 ? 10.671  -8.768  -4.708  1.00 22.02  ? 103 GLU A C     1 
ATOM   751  O  O     . GLU A 1 112 ? 10.653  -8.378  -5.879  1.00 21.72  ? 103 GLU A O     1 
ATOM   752  C  CB    . GLU A 1 112 ? 12.829  -8.882  -3.461  1.00 22.21  ? 103 GLU A CB    1 
ATOM   753  N  N     . ARG A 1 113 ? 9.939   -9.781  -4.265  1.00 22.37  ? 104 ARG A N     1 
ATOM   754  C  CA    . ARG A 1 113 ? 8.996   -10.501 -5.103  1.00 22.55  ? 104 ARG A CA    1 
ATOM   755  C  C     . ARG A 1 113 ? 7.857   -9.601  -5.601  1.00 21.73  ? 104 ARG A C     1 
ATOM   756  O  O     . ARG A 1 113 ? 7.444   -9.682  -6.765  1.00 21.05  ? 104 ARG A O     1 
ATOM   757  C  CB    . ARG A 1 113 ? 8.433   -11.669 -4.307  1.00 22.68  ? 104 ARG A CB    1 
ATOM   758  C  CG    . ARG A 1 113 ? 7.534   -12.560 -5.077  1.00 24.76  ? 104 ARG A CG    1 
ATOM   759  C  CD    . ARG A 1 113 ? 6.828   -13.537 -4.137  1.00 27.23  ? 104 ARG A CD    1 
ATOM   760  N  NE    . ARG A 1 113 ? 5.661   -14.094 -4.797  1.00 31.64  ? 104 ARG A NE    1 
ATOM   761  C  CZ    . ARG A 1 113 ? 4.525   -13.433 -5.012  1.00 33.70  ? 104 ARG A CZ    1 
ATOM   762  N  NH1   . ARG A 1 113 ? 4.366   -12.171 -4.606  1.00 35.03  ? 104 ARG A NH1   1 
ATOM   763  N  NH2   . ARG A 1 113 ? 3.537   -14.055 -5.642  1.00 34.06  ? 104 ARG A NH2   1 
ATOM   764  N  N     . TRP A 1 114 ? 7.332   -8.764  -4.714  1.00 20.95  ? 105 TRP A N     1 
ATOM   765  C  CA    . TRP A 1 114 ? 6.305   -7.801  -5.103  1.00 20.45  ? 105 TRP A CA    1 
ATOM   766  C  C     . TRP A 1 114 ? 6.830   -6.746  -6.088  1.00 20.06  ? 105 TRP A C     1 
ATOM   767  O  O     . TRP A 1 114 ? 6.114   -6.345  -7.007  1.00 19.51  ? 105 TRP A O     1 
ATOM   768  C  CB    . TRP A 1 114 ? 5.688   -7.141  -3.875  1.00 19.73  ? 105 TRP A CB    1 
ATOM   769  C  CG    . TRP A 1 114 ? 4.799   -8.075  -3.117  1.00 19.30  ? 105 TRP A CG    1 
ATOM   770  C  CD1   . TRP A 1 114 ? 5.044   -8.624  -1.901  1.00 18.55  ? 105 TRP A CD1   1 
ATOM   771  C  CD2   . TRP A 1 114 ? 3.524   -8.580  -3.542  1.00 17.31  ? 105 TRP A CD2   1 
ATOM   772  N  NE1   . TRP A 1 114 ? 3.996   -9.437  -1.530  1.00 19.07  ? 105 TRP A NE1   1 
ATOM   773  C  CE2   . TRP A 1 114 ? 3.050   -9.424  -2.520  1.00 18.44  ? 105 TRP A CE2   1 
ATOM   774  C  CE3   . TRP A 1 114 ? 2.736   -8.396  -4.685  1.00 19.17  ? 105 TRP A CE3   1 
ATOM   775  C  CZ2   . TRP A 1 114 ? 1.828   -10.090 -2.608  1.00 18.82  ? 105 TRP A CZ2   1 
ATOM   776  C  CZ3   . TRP A 1 114 ? 1.520   -9.055  -4.770  1.00 18.46  ? 105 TRP A CZ3   1 
ATOM   777  C  CH2   . TRP A 1 114 ? 1.079   -9.893  -3.737  1.00 19.32  ? 105 TRP A CH2   1 
ATOM   778  N  N     . LEU A 1 115 ? 8.073   -6.310  -5.897  1.00 19.95  ? 106 LEU A N     1 
ATOM   779  C  CA    . LEU A 1 115 ? 8.718   -5.392  -6.844  1.00 20.04  ? 106 LEU A CA    1 
ATOM   780  C  C     . LEU A 1 115 ? 8.834   -6.037  -8.237  1.00 19.66  ? 106 LEU A C     1 
ATOM   781  O  O     . LEU A 1 115 ? 8.600   -5.377  -9.247  1.00 19.14  ? 106 LEU A O     1 
ATOM   782  C  CB    . LEU A 1 115 ? 10.091  -4.949  -6.325  1.00 20.01  ? 106 LEU A CB    1 
ATOM   783  C  CG    . LEU A 1 115 ? 10.089  -4.065  -5.066  1.00 20.58  ? 106 LEU A CG    1 
ATOM   784  C  CD1   . LEU A 1 115 ? 11.505  -3.836  -4.568  1.00 20.94  ? 106 LEU A CD1   1 
ATOM   785  C  CD2   . LEU A 1 115 ? 9.385   -2.737  -5.313  1.00 20.86  ? 106 LEU A CD2   1 
ATOM   786  N  N     . LYS A 1 116 ? 9.163   -7.327  -8.281  1.00 19.84  ? 107 LYS A N     1 
ATOM   787  C  CA    . LYS A 1 116 ? 9.197   -8.079  -9.550  1.00 20.09  ? 107 LYS A CA    1 
ATOM   788  C  C     . LYS A 1 116 ? 7.817   -8.136  -10.200 1.00 19.58  ? 107 LYS A C     1 
ATOM   789  O  O     . LYS A 1 116 ? 7.687   -7.998  -11.418 1.00 19.15  ? 107 LYS A O     1 
ATOM   790  C  CB    . LYS A 1 116 ? 9.705   -9.511  -9.335  1.00 20.48  ? 107 LYS A CB    1 
ATOM   791  C  CG    . LYS A 1 116 ? 9.786   -10.345 -10.614 1.00 21.23  ? 107 LYS A CG    1 
ATOM   792  C  CD    . LYS A 1 116 ? 10.316  -11.744 -10.326 1.00 22.59  ? 107 LYS A CD    1 
ATOM   793  C  CE    . LYS A 1 116 ? 10.510  -12.567 -11.603 1.00 24.20  ? 107 LYS A CE    1 
ATOM   794  N  NZ    . LYS A 1 116 ? 9.248   -12.697 -12.396 1.00 26.38  ? 107 LYS A NZ    1 
ATOM   795  N  N     . GLU A 1 117 ? 6.787   -8.350  -9.386  1.00 18.93  ? 108 GLU A N     1 
ATOM   796  C  CA    . GLU A 1 117 ? 5.425   -8.381  -9.903  1.00 18.90  ? 108 GLU A CA    1 
ATOM   797  C  C     . GLU A 1 117 ? 5.052   -7.030  -10.507 1.00 18.53  ? 108 GLU A C     1 
ATOM   798  O  O     . GLU A 1 117 ? 4.462   -6.969  -11.591 1.00 18.22  ? 108 GLU A O     1 
ATOM   799  C  CB    . GLU A 1 117 ? 4.434   -8.784  -8.815  1.00 18.53  ? 108 GLU A CB    1 
ATOM   800  C  CG    . GLU A 1 117 ? 3.031   -9.009  -9.351  1.00 18.96  ? 108 GLU A CG    1 
ATOM   801  C  CD    . GLU A 1 117 ? 2.129   -9.679  -8.352  1.00 19.72  ? 108 GLU A CD    1 
ATOM   802  O  OE1   . GLU A 1 117 ? 2.543   -10.725 -7.790  1.00 19.49  ? 108 GLU A OE1   1 
ATOM   803  O  OE2   . GLU A 1 117 ? 1.013   -9.156  -8.132  1.00 19.81  ? 108 GLU A OE2   1 
ATOM   804  N  N     . LEU A 1 118 ? 5.418   -5.952  -9.820  1.00 18.41  ? 109 LEU A N     1 
ATOM   805  C  CA    . LEU A 1 118 ? 5.203   -4.607  -10.342 1.00 18.57  ? 109 LEU A CA    1 
ATOM   806  C  C     . LEU A 1 118 ? 5.940   -4.402  -11.667 1.00 18.67  ? 109 LEU A C     1 
ATOM   807  O  O     . LEU A 1 118 ? 5.381   -3.834  -12.602 1.00 18.44  ? 109 LEU A O     1 
ATOM   808  C  CB    . LEU A 1 118 ? 5.644   -3.546  -9.334  1.00 18.16  ? 109 LEU A CB    1 
ATOM   809  C  CG    . LEU A 1 118 ? 4.743   -3.322  -8.120  1.00 19.21  ? 109 LEU A CG    1 
ATOM   810  C  CD1   . LEU A 1 118 ? 5.416   -2.419  -7.092  1.00 20.21  ? 109 LEU A CD1   1 
ATOM   811  C  CD2   . LEU A 1 118 ? 3.422   -2.732  -8.540  1.00 19.65  ? 109 LEU A CD2   1 
ATOM   812  N  N     . ARG A 1 119 ? 7.189   -4.859  -11.751 1.00 18.89  ? 110 ARG A N     1 
ATOM   813  C  CA    . ARG A 1 119 ? 7.934   -4.759  -13.013 1.00 19.39  ? 110 ARG A CA    1 
ATOM   814  C  C     . ARG A 1 119 ? 7.274   -5.559  -14.129 1.00 19.26  ? 110 ARG A C     1 
ATOM   815  O  O     . ARG A 1 119 ? 7.266   -5.132  -15.287 1.00 18.95  ? 110 ARG A O     1 
ATOM   816  C  CB    . ARG A 1 119 ? 9.388   -5.212  -12.837 1.00 19.64  ? 110 ARG A CB    1 
ATOM   817  C  CG    . ARG A 1 119 ? 10.218  -4.244  -12.017 1.00 20.89  ? 110 ARG A CG    1 
ATOM   818  C  CD    . ARG A 1 119 ? 11.709  -4.457  -12.217 1.00 21.41  ? 110 ARG A CD    1 
ATOM   819  N  NE    . ARG A 1 119 ? 12.100  -5.834  -11.938 1.00 23.90  ? 110 ARG A NE    1 
ATOM   820  C  CZ    . ARG A 1 119 ? 12.288  -6.344  -10.720 1.00 24.28  ? 110 ARG A CZ    1 
ATOM   821  N  NH1   . ARG A 1 119 ? 12.131  -5.603  -9.635  1.00 24.93  ? 110 ARG A NH1   1 
ATOM   822  N  NH2   . ARG A 1 119 ? 12.642  -7.614  -10.594 1.00 26.26  ? 110 ARG A NH2   1 
ATOM   823  N  N     . ASP A 1 120 ? 6.726   -6.719  -13.777 1.00 19.20  ? 111 ASP A N     1 
ATOM   824  C  CA    . ASP A 1 120 ? 6.124   -7.616  -14.752 1.00 19.42  ? 111 ASP A CA    1 
ATOM   825  C  C     . ASP A 1 120 ? 4.751   -7.117  -15.213 1.00 19.08  ? 111 ASP A C     1 
ATOM   826  O  O     . ASP A 1 120 ? 4.421   -7.223  -16.392 1.00 18.48  ? 111 ASP A O     1 
ATOM   827  C  CB    . ASP A 1 120 ? 5.979   -9.032  -14.168 1.00 19.54  ? 111 ASP A CB    1 
ATOM   828  C  CG    . ASP A 1 120 ? 7.308   -9.786  -14.069 1.00 21.34  ? 111 ASP A CG    1 
ATOM   829  O  OD1   . ASP A 1 120 ? 8.331   -9.304  -14.587 1.00 22.97  ? 111 ASP A OD1   1 
ATOM   830  O  OD2   . ASP A 1 120 ? 7.322   -10.880 -13.457 1.00 23.81  ? 111 ASP A OD2   1 
ATOM   831  N  N     . HIS A 1 121 ? 3.963   -6.567  -14.286 1.00 19.04  ? 112 HIS A N     1 
ATOM   832  C  CA    . HIS A 1 121 ? 2.541   -6.301  -14.526 1.00 18.95  ? 112 HIS A CA    1 
ATOM   833  C  C     . HIS A 1 121 ? 2.065   -4.847  -14.361 1.00 19.20  ? 112 HIS A C     1 
ATOM   834  O  O     . HIS A 1 121 ? 0.898   -4.559  -14.633 1.00 18.91  ? 112 HIS A O     1 
ATOM   835  C  CB    . HIS A 1 121 ? 1.716   -7.196  -13.603 1.00 18.94  ? 112 HIS A CB    1 
ATOM   836  C  CG    . HIS A 1 121 ? 1.855   -8.654  -13.903 1.00 18.97  ? 112 HIS A CG    1 
ATOM   837  N  ND1   . HIS A 1 121 ? 1.296   -9.238  -15.018 1.00 18.02  ? 112 HIS A ND1   1 
ATOM   838  C  CD2   . HIS A 1 121 ? 2.480   -9.651  -13.228 1.00 19.07  ? 112 HIS A CD2   1 
ATOM   839  C  CE1   . HIS A 1 121 ? 1.576   -10.529 -15.024 1.00 18.56  ? 112 HIS A CE1   1 
ATOM   840  N  NE2   . HIS A 1 121 ? 2.296   -10.805 -13.951 1.00 18.74  ? 112 HIS A NE2   1 
ATOM   841  N  N     . ALA A 1 122 ? 2.937   -3.941  -13.919 1.00 19.18  ? 113 ALA A N     1 
ATOM   842  C  CA    . ALA A 1 122 ? 2.527   -2.552  -13.656 1.00 19.26  ? 113 ALA A CA    1 
ATOM   843  C  C     . ALA A 1 122 ? 3.340   -1.546  -14.452 1.00 19.37  ? 113 ALA A C     1 
ATOM   844  O  O     . ALA A 1 122 ? 4.392   -1.875  -14.999 1.00 19.14  ? 113 ALA A O     1 
ATOM   845  C  CB    . ALA A 1 122 ? 2.604   -2.237  -12.169 1.00 19.06  ? 113 ALA A CB    1 
ATOM   846  N  N     . ASP A 1 123 ? 2.854   -0.306  -14.506 1.00 19.68  ? 114 ASP A N     1 
ATOM   847  C  CA    . ASP A 1 123 ? 3.492   0.714   -15.335 1.00 19.94  ? 114 ASP A CA    1 
ATOM   848  C  C     . ASP A 1 123 ? 4.933   0.996   -14.887 1.00 20.13  ? 114 ASP A C     1 
ATOM   849  O  O     . ASP A 1 123 ? 5.250   0.945   -13.692 1.00 20.03  ? 114 ASP A O     1 
ATOM   850  C  CB    . ASP A 1 123 ? 2.668   2.005   -15.349 1.00 20.10  ? 114 ASP A CB    1 
ATOM   851  C  CG    . ASP A 1 123 ? 1.396   1.891   -16.186 1.00 21.16  ? 114 ASP A CG    1 
ATOM   852  O  OD1   . ASP A 1 123 ? 0.655   2.888   -16.244 1.00 23.42  ? 114 ASP A OD1   1 
ATOM   853  O  OD2   . ASP A 1 123 ? 1.127   0.826   -16.787 1.00 21.66  ? 114 ASP A OD2   1 
ATOM   854  N  N     . SER A 1 124 ? 5.788   1.277   -15.868 1.00 20.09  ? 115 SER A N     1 
ATOM   855  C  CA    . SER A 1 124 ? 7.212   1.575   -15.663 1.00 20.66  ? 115 SER A CA    1 
ATOM   856  C  C     . SER A 1 124 ? 7.458   2.636   -14.607 1.00 20.65  ? 115 SER A C     1 
ATOM   857  O  O     . SER A 1 124 ? 8.360   2.495   -13.788 1.00 20.69  ? 115 SER A O     1 
ATOM   858  C  CB    . SER A 1 124 ? 7.851   2.070   -16.967 1.00 20.26  ? 115 SER A CB    1 
ATOM   859  O  OG    . SER A 1 124 ? 7.678   1.138   -18.011 1.00 22.55  ? 115 SER A OG    1 
ATOM   860  N  N     . ASN A 1 125 ? 6.659   3.699   -14.641 1.00 21.03  ? 116 ASN A N     1 
ATOM   861  C  CA    . ASN A 1 125 ? 6.838   4.835   -13.741 1.00 21.58  ? 116 ASN A CA    1 
ATOM   862  C  C     . ASN A 1 125 ? 5.810   4.875   -12.603 1.00 21.23  ? 116 ASN A C     1 
ATOM   863  O  O     . ASN A 1 125 ? 5.546   5.937   -12.047 1.00 21.47  ? 116 ASN A O     1 
ATOM   864  C  CB    . ASN A 1 125 ? 6.778   6.149   -14.527 1.00 22.55  ? 116 ASN A CB    1 
ATOM   865  C  CG    . ASN A 1 125 ? 7.874   6.261   -15.572 1.00 26.40  ? 116 ASN A CG    1 
ATOM   866  O  OD1   . ASN A 1 125 ? 9.036   5.881   -15.334 1.00 32.42  ? 116 ASN A OD1   1 
ATOM   867  N  ND2   . ASN A 1 125 ? 7.522   6.806   -16.734 1.00 30.58  ? 116 ASN A ND2   1 
ATOM   868  N  N     . ILE A 1 126 ? 5.225   3.730   -12.262 1.00 20.53  ? 117 ILE A N     1 
ATOM   869  C  CA    . ILE A 1 126 ? 4.318   3.664   -11.125 1.00 20.02  ? 117 ILE A CA    1 
ATOM   870  C  C     . ILE A 1 126 ? 5.070   4.141   -9.880  1.00 19.60  ? 117 ILE A C     1 
ATOM   871  O  O     . ILE A 1 126 ? 6.212   3.744   -9.643  1.00 19.13  ? 117 ILE A O     1 
ATOM   872  C  CB    . ILE A 1 126 ? 3.716   2.234   -10.935 1.00 19.97  ? 117 ILE A CB    1 
ATOM   873  C  CG1   . ILE A 1 126 ? 2.562   2.268   -9.920  1.00 19.26  ? 117 ILE A CG1   1 
ATOM   874  C  CG2   . ILE A 1 126 ? 4.792   1.219   -10.526 1.00 19.09  ? 117 ILE A CG2   1 
ATOM   875  C  CD1   . ILE A 1 126 ? 1.733   0.988   -9.876  1.00 19.75  ? 117 ILE A CD1   1 
ATOM   876  N  N     . VAL A 1 127 ? 4.458   5.044   -9.123  1.00 19.81  ? 118 VAL A N     1 
ATOM   877  C  CA    . VAL A 1 127 ? 5.060   5.520   -7.875  1.00 20.33  ? 118 VAL A CA    1 
ATOM   878  C  C     . VAL A 1 127 ? 4.837   4.449   -6.816  1.00 20.26  ? 118 VAL A C     1 
ATOM   879  O  O     . VAL A 1 127 ? 3.707   4.015   -6.611  1.00 19.81  ? 118 VAL A O     1 
ATOM   880  C  CB    . VAL A 1 127 ? 4.447   6.854   -7.405  1.00 20.09  ? 118 VAL A CB    1 
ATOM   881  C  CG1   . VAL A 1 127 ? 4.951   7.219   -6.007  1.00 20.52  ? 118 VAL A CG1   1 
ATOM   882  C  CG2   . VAL A 1 127 ? 4.791   7.954   -8.390  1.00 20.37  ? 118 VAL A CG2   1 
ATOM   883  N  N     . ILE A 1 128 ? 5.911   4.032   -6.152  1.00 20.78  ? 119 ILE A N     1 
ATOM   884  C  CA    . ILE A 1 128 ? 5.833   2.970   -5.156  1.00 21.48  ? 119 ILE A CA    1 
ATOM   885  C  C     . ILE A 1 128 ? 6.173   3.509   -3.772  1.00 22.08  ? 119 ILE A C     1 
ATOM   886  O  O     . ILE A 1 128 ? 7.224   4.134   -3.576  1.00 22.31  ? 119 ILE A O     1 
ATOM   887  C  CB    . ILE A 1 128 ? 6.783   1.793   -5.480  1.00 21.49  ? 119 ILE A CB    1 
ATOM   888  C  CG1   . ILE A 1 128 ? 6.546   1.274   -6.907  1.00 21.75  ? 119 ILE A CG1   1 
ATOM   889  C  CG2   . ILE A 1 128 ? 6.623   0.669   -4.430  1.00 21.40  ? 119 ILE A CG2   1 
ATOM   890  C  CD1   . ILE A 1 128 ? 7.643   0.357   -7.417  1.00 21.72  ? 119 ILE A CD1   1 
ATOM   891  N  N     . MET A 1 129 ? 5.273   3.267   -2.828  1.00 22.69  ? 120 MET A N     1 
ATOM   892  C  CA    . MET A 1 129 ? 5.514   3.563   -1.422  1.00 23.45  ? 120 MET A CA    1 
ATOM   893  C  C     . MET A 1 129 ? 5.587   2.256   -0.631  1.00 22.78  ? 120 MET A C     1 
ATOM   894  O  O     . MET A 1 129 ? 4.613   1.497   -0.569  1.00 22.48  ? 120 MET A O     1 
ATOM   895  C  CB    . MET A 1 129 ? 4.414   4.454   -0.870  1.00 23.50  ? 120 MET A CB    1 
ATOM   896  C  CG    . MET A 1 129 ? 4.608   4.814   0.603   1.00 24.63  ? 120 MET A CG    1 
ATOM   897  S  SD    . MET A 1 129 ? 3.401   6.011   1.096   1.00 29.94  ? 120 MET A SD    1 
ATOM   898  C  CE    . MET A 1 129 ? 4.260   7.517   0.628   1.00 29.72  ? 120 MET A CE    1 
ATOM   899  N  N     . LEU A 1 130 ? 6.757   1.990   -0.059  1.00 22.33  ? 121 LEU A N     1 
ATOM   900  C  CA    . LEU A 1 130 ? 6.943   0.850   0.822   1.00 22.31  ? 121 LEU A CA    1 
ATOM   901  C  C     . LEU A 1 130 ? 6.318   1.189   2.171   1.00 22.20  ? 121 LEU A C     1 
ATOM   902  O  O     . LEU A 1 130 ? 6.694   2.187   2.799   1.00 22.69  ? 121 LEU A O     1 
ATOM   903  C  CB    . LEU A 1 130 ? 8.429   0.545   0.982   1.00 22.14  ? 121 LEU A CB    1 
ATOM   904  C  CG    . LEU A 1 130 ? 8.796   -0.672  1.825   1.00 22.16  ? 121 LEU A CG    1 
ATOM   905  C  CD1   . LEU A 1 130 ? 8.112   -1.937  1.312   1.00 21.51  ? 121 LEU A CD1   1 
ATOM   906  C  CD2   . LEU A 1 130 ? 10.301  -0.850  1.852   1.00 22.13  ? 121 LEU A CD2   1 
ATOM   907  N  N     . VAL A 1 131 ? 5.362   0.374   2.606   1.00 21.82  ? 122 VAL A N     1 
ATOM   908  C  CA    . VAL A 1 131 ? 4.601   0.635   3.834   1.00 21.75  ? 122 VAL A CA    1 
ATOM   909  C  C     . VAL A 1 131 ? 4.833   -0.464  4.866   1.00 21.77  ? 122 VAL A C     1 
ATOM   910  O  O     . VAL A 1 131 ? 4.432   -1.613  4.657   1.00 21.29  ? 122 VAL A O     1 
ATOM   911  C  CB    . VAL A 1 131 ? 3.080   0.728   3.549   1.00 21.54  ? 122 VAL A CB    1 
ATOM   912  C  CG1   . VAL A 1 131 ? 2.293   0.955   4.842   1.00 22.13  ? 122 VAL A CG1   1 
ATOM   913  C  CG2   . VAL A 1 131 ? 2.790   1.841   2.556   1.00 21.60  ? 122 VAL A CG2   1 
ATOM   914  N  N     . GLY A 1 132 ? 5.484   -0.111  5.973   1.00 21.44  ? 123 GLY A N     1 
ATOM   915  C  CA    . GLY A 1 132 ? 5.575   -0.998  7.128   1.00 21.71  ? 123 GLY A CA    1 
ATOM   916  C  C     . GLY A 1 132 ? 4.370   -0.796  8.036   1.00 21.75  ? 123 GLY A C     1 
ATOM   917  O  O     . GLY A 1 132 ? 4.326   0.155   8.820   1.00 21.42  ? 123 GLY A O     1 
ATOM   918  N  N     . ASN A 1 133 ? 3.388   -1.685  7.928   1.00 21.85  ? 124 ASN A N     1 
ATOM   919  C  CA    . ASN A 1 133 ? 2.150   -1.573  8.706   1.00 22.08  ? 124 ASN A CA    1 
ATOM   920  C  C     . ASN A 1 133 ? 2.287   -2.273  10.069  1.00 22.24  ? 124 ASN A C     1 
ATOM   921  O  O     . ASN A 1 133 ? 3.222   -3.036  10.290  1.00 22.10  ? 124 ASN A O     1 
ATOM   922  C  CB    . ASN A 1 133 ? 0.977   -2.138  7.895   1.00 21.89  ? 124 ASN A CB    1 
ATOM   923  C  CG    . ASN A 1 133 ? -0.392  -1.833  8.512   1.00 22.20  ? 124 ASN A CG    1 
ATOM   924  O  OD1   . ASN A 1 133 ? -1.249  -2.717  8.609   1.00 22.94  ? 124 ASN A OD1   1 
ATOM   925  N  ND2   . ASN A 1 133 ? -0.610  -0.586  8.901   1.00 19.99  ? 124 ASN A ND2   1 
ATOM   926  N  N     . LYS A 1 134 ? 1.351   -1.990  10.973  1.00 22.70  ? 125 LYS A N     1 
ATOM   927  C  CA    . LYS A 1 134 ? 1.302   -2.580  12.315  1.00 23.19  ? 125 LYS A CA    1 
ATOM   928  C  C     . LYS A 1 134 ? 2.405   -2.025  13.216  1.00 23.73  ? 125 LYS A C     1 
ATOM   929  O  O     . LYS A 1 134 ? 2.968   -2.741  14.048  1.00 24.29  ? 125 LYS A O     1 
ATOM   930  C  CB    . LYS A 1 134 ? 1.326   -4.125  12.281  1.00 22.90  ? 125 LYS A CB    1 
ATOM   931  C  CG    . LYS A 1 134 ? 0.381   -4.758  11.251  1.00 22.40  ? 125 LYS A CG    1 
ATOM   932  C  CD    . LYS A 1 134 ? 0.012   -6.197  11.629  1.00 22.45  ? 125 LYS A CD    1 
ATOM   933  C  CE    . LYS A 1 134 ? -0.825  -6.874  10.563  1.00 21.87  ? 125 LYS A CE    1 
ATOM   934  N  NZ    . LYS A 1 134 ? -1.026  -8.337  10.826  1.00 21.33  ? 125 LYS A NZ    1 
ATOM   935  N  N     . SER A 1 135 ? 2.687   -0.730  13.075  1.00 24.80  ? 126 SER A N     1 
ATOM   936  C  CA    . SER A 1 135 ? 3.733   -0.085  13.870  1.00 25.19  ? 126 SER A CA    1 
ATOM   937  C  C     . SER A 1 135 ? 3.360   -0.039  15.350  1.00 25.95  ? 126 SER A C     1 
ATOM   938  O  O     . SER A 1 135 ? 4.232   0.137   16.198  1.00 26.06  ? 126 SER A O     1 
ATOM   939  C  CB    . SER A 1 135 ? 4.027   1.324   13.357  1.00 25.12  ? 126 SER A CB    1 
ATOM   940  O  OG    . SER A 1 135 ? 2.873   2.132   13.401  1.00 24.44  ? 126 SER A OG    1 
ATOM   941  N  N     . ASP A 1 136 ? 2.071   -0.189  15.652  1.00 27.02  ? 127 ASP A N     1 
ATOM   942  C  CA    . ASP A 1 136 ? 1.609   -0.344  17.040  1.00 27.57  ? 127 ASP A CA    1 
ATOM   943  C  C     . ASP A 1 136 ? 2.119   -1.625  17.702  1.00 28.09  ? 127 ASP A C     1 
ATOM   944  O  O     . ASP A 1 136 ? 2.073   -1.735  18.927  1.00 28.59  ? 127 ASP A O     1 
ATOM   945  C  CB    . ASP A 1 136 ? 0.081   -0.312  17.125  1.00 27.82  ? 127 ASP A CB    1 
ATOM   946  C  CG    . ASP A 1 136 ? -0.571  -1.405  16.301  1.00 28.75  ? 127 ASP A CG    1 
ATOM   947  O  OD1   . ASP A 1 136 ? -1.139  -2.354  16.889  1.00 28.22  ? 127 ASP A OD1   1 
ATOM   948  O  OD2   . ASP A 1 136 ? -0.497  -1.309  15.055  1.00 28.47  ? 127 ASP A OD2   1 
ATOM   949  N  N     . LEU A 1 137 ? 2.583   -2.590  16.908  1.00 28.11  ? 128 LEU A N     1 
ATOM   950  C  CA    . LEU A 1 137 ? 3.195   -3.805  17.442  1.00 28.43  ? 128 LEU A CA    1 
ATOM   951  C  C     . LEU A 1 137 ? 4.706   -3.643  17.541  1.00 28.59  ? 128 LEU A C     1 
ATOM   952  O  O     . LEU A 1 137 ? 5.446   -4.594  17.340  1.00 28.42  ? 128 LEU A O     1 
ATOM   953  C  CB    . LEU A 1 137 ? 2.854   -5.019  16.568  1.00 28.22  ? 128 LEU A CB    1 
ATOM   954  C  CG    . LEU A 1 137 ? 1.376   -5.331  16.348  1.00 28.00  ? 128 LEU A CG    1 
ATOM   955  C  CD1   . LEU A 1 137 ? 1.236   -6.564  15.465  1.00 27.37  ? 128 LEU A CD1   1 
ATOM   956  C  CD2   . LEU A 1 137 ? 0.654   -5.539  17.673  1.00 27.67  ? 128 LEU A CD2   1 
ATOM   957  N  N     . ARG A 1 138 ? 5.156   -2.434  17.869  1.00 29.52  ? 129 ARG A N     1 
ATOM   958  C  CA    . ARG A 1 138 ? 6.587   -2.118  17.978  1.00 30.01  ? 129 ARG A CA    1 
ATOM   959  C  C     . ARG A 1 138 ? 7.335   -3.096  18.878  1.00 30.34  ? 129 ARG A C     1 
ATOM   960  O  O     . ARG A 1 138 ? 8.486   -3.440  18.613  1.00 30.46  ? 129 ARG A O     1 
ATOM   961  C  CB    . ARG A 1 138 ? 6.768   -0.684  18.497  1.00 30.43  ? 129 ARG A CB    1 
ATOM   962  N  N     . HIS A 1 139 ? 6.673   -3.553  19.936  1.00 30.77  ? 130 HIS A N     1 
ATOM   963  C  CA    . HIS A 1 139 ? 7.284   -4.496  20.867  1.00 30.72  ? 130 HIS A CA    1 
ATOM   964  C  C     . HIS A 1 139 ? 7.513   -5.886  20.245  1.00 30.76  ? 130 HIS A C     1 
ATOM   965  O  O     . HIS A 1 139 ? 8.287   -6.677  20.782  1.00 30.52  ? 130 HIS A O     1 
ATOM   966  C  CB    . HIS A 1 139 ? 6.447   -4.602  22.146  1.00 31.40  ? 130 HIS A CB    1 
ATOM   967  C  CG    . HIS A 1 139 ? 5.095   -5.209  21.939  1.00 32.00  ? 130 HIS A CG    1 
ATOM   968  N  ND1   . HIS A 1 139 ? 4.029   -4.496  21.431  1.00 33.14  ? 130 HIS A ND1   1 
ATOM   969  C  CD2   . HIS A 1 139 ? 4.632   -6.458  22.179  1.00 32.97  ? 130 HIS A CD2   1 
ATOM   970  C  CE1   . HIS A 1 139 ? 2.969   -5.283  21.364  1.00 33.12  ? 130 HIS A CE1   1 
ATOM   971  N  NE2   . HIS A 1 139 ? 3.309   -6.478  21.812  1.00 33.33  ? 130 HIS A NE2   1 
ATOM   972  N  N     . LEU A 1 140 ? 6.840   -6.174  19.124  1.00 30.36  ? 131 LEU A N     1 
ATOM   973  C  CA    . LEU A 1 140 ? 7.036   -7.423  18.375  1.00 30.10  ? 131 LEU A CA    1 
ATOM   974  C  C     . LEU A 1 140 ? 7.797   -7.204  17.057  1.00 29.67  ? 131 LEU A C     1 
ATOM   975  O  O     . LEU A 1 140 ? 7.804   -8.081  16.193  1.00 29.35  ? 131 LEU A O     1 
ATOM   976  C  CB    . LEU A 1 140 ? 5.677   -8.068  18.060  1.00 30.43  ? 131 LEU A CB    1 
ATOM   977  C  CG    . LEU A 1 140 ? 4.715   -8.300  19.229  1.00 31.17  ? 131 LEU A CG    1 
ATOM   978  C  CD1   . LEU A 1 140 ? 3.334   -8.714  18.725  1.00 32.10  ? 131 LEU A CD1   1 
ATOM   979  C  CD2   . LEU A 1 140 ? 5.274   -9.346  20.182  1.00 32.21  ? 131 LEU A CD2   1 
ATOM   980  N  N     . ARG A 1 141 ? 8.424   -6.038  16.899  1.00 29.16  ? 132 ARG A N     1 
ATOM   981  C  CA    . ARG A 1 141 ? 9.076   -5.665  15.640  1.00 28.86  ? 132 ARG A CA    1 
ATOM   982  C  C     . ARG A 1 141 ? 10.115  -6.685  15.203  1.00 28.79  ? 132 ARG A C     1 
ATOM   983  O  O     . ARG A 1 141 ? 10.931  -7.126  16.012  1.00 28.83  ? 132 ARG A O     1 
ATOM   984  C  CB    . ARG A 1 141 ? 9.746   -4.297  15.768  1.00 28.94  ? 132 ARG A CB    1 
ATOM   985  C  CG    . ARG A 1 141 ? 10.475  -3.836  14.513  1.00 28.69  ? 132 ARG A CG    1 
ATOM   986  C  CD    . ARG A 1 141 ? 11.189  -2.515  14.736  1.00 28.34  ? 132 ARG A CD    1 
ATOM   987  N  NE    . ARG A 1 141 ? 10.266  -1.412  15.005  1.00 26.94  ? 132 ARG A NE    1 
ATOM   988  C  CZ    . ARG A 1 141 ? 9.550   -0.785  14.076  1.00 28.23  ? 132 ARG A CZ    1 
ATOM   989  N  NH1   . ARG A 1 141 ? 9.601   -1.165  12.808  1.00 28.14  ? 132 ARG A NH1   1 
ATOM   990  N  NH2   . ARG A 1 141 ? 8.752   0.214   14.423  1.00 28.48  ? 132 ARG A NH2   1 
ATOM   991  N  N     . ALA A 1 142 ? 10.071  -7.053  13.922  1.00 28.21  ? 133 ALA A N     1 
ATOM   992  C  CA    . ALA A 1 142 ? 11.069  -7.934  13.312  1.00 28.13  ? 133 ALA A CA    1 
ATOM   993  C  C     . ALA A 1 142 ? 11.822  -7.265  12.159  1.00 28.00  ? 133 ALA A C     1 
ATOM   994  O  O     . ALA A 1 142 ? 12.813  -7.809  11.680  1.00 27.89  ? 133 ALA A O     1 
ATOM   995  C  CB    . ALA A 1 142 ? 10.408  -9.217  12.826  1.00 28.09  ? 133 ALA A CB    1 
ATOM   996  N  N     . VAL A 1 143 ? 11.355  -6.096  11.722  1.00 27.97  ? 134 VAL A N     1 
ATOM   997  C  CA    . VAL A 1 143 ? 11.997  -5.336  10.647  1.00 28.12  ? 134 VAL A CA    1 
ATOM   998  C  C     . VAL A 1 143 ? 12.379  -3.943  11.159  1.00 28.28  ? 134 VAL A C     1 
ATOM   999  O  O     . VAL A 1 143 ? 11.500  -3.107  11.383  1.00 27.97  ? 134 VAL A O     1 
ATOM   1000 C  CB    . VAL A 1 143 ? 11.053  -5.176  9.426   1.00 27.96  ? 134 VAL A CB    1 
ATOM   1001 C  CG1   . VAL A 1 143 ? 11.781  -4.499  8.265   1.00 27.72  ? 134 VAL A CG1   1 
ATOM   1002 C  CG2   . VAL A 1 143 ? 10.499  -6.533  8.999   1.00 27.66  ? 134 VAL A CG2   1 
ATOM   1003 N  N     . PRO A 1 144 ? 13.686  -3.694  11.370  1.00 28.77  ? 135 PRO A N     1 
ATOM   1004 C  CA    . PRO A 1 144 ? 14.173  -2.368  11.756  1.00 29.09  ? 135 PRO A CA    1 
ATOM   1005 C  C     . PRO A 1 144 ? 13.765  -1.254  10.788  1.00 29.43  ? 135 PRO A C     1 
ATOM   1006 O  O     . PRO A 1 144 ? 13.922  -1.403  9.574   1.00 29.46  ? 135 PRO A O     1 
ATOM   1007 C  CB    . PRO A 1 144 ? 15.695  -2.544  11.750  1.00 29.02  ? 135 PRO A CB    1 
ATOM   1008 C  CG    . PRO A 1 144 ? 15.906  -3.977  12.018  1.00 29.19  ? 135 PRO A CG    1 
ATOM   1009 C  CD    . PRO A 1 144 ? 14.785  -4.675  11.313  1.00 28.88  ? 135 PRO A CD    1 
ATOM   1010 N  N     . THR A 1 145 ? 13.253  -0.153  11.334  1.00 29.94  ? 136 THR A N     1 
ATOM   1011 C  CA    . THR A 1 145 ? 12.836  1.002   10.536  1.00 30.32  ? 136 THR A CA    1 
ATOM   1012 C  C     . THR A 1 145 ? 13.962  1.527   9.640   1.00 30.83  ? 136 THR A C     1 
ATOM   1013 O  O     . THR A 1 145 ? 13.735  1.837   8.464   1.00 30.63  ? 136 THR A O     1 
ATOM   1014 C  CB    . THR A 1 145 ? 12.329  2.152   11.434  1.00 30.35  ? 136 THR A CB    1 
ATOM   1015 O  OG1   . THR A 1 145 ? 11.336  1.660   12.342  1.00 29.95  ? 136 THR A OG1   1 
ATOM   1016 C  CG2   . THR A 1 145 ? 11.729  3.282   10.598  1.00 29.98  ? 136 THR A CG2   1 
ATOM   1017 N  N     . ASP A 1 146 ? 15.172  1.618   10.195  1.00 31.38  ? 137 ASP A N     1 
ATOM   1018 C  CA    . ASP A 1 146 ? 16.338  2.104   9.444   1.00 31.87  ? 137 ASP A CA    1 
ATOM   1019 C  C     . ASP A 1 146 ? 16.698  1.225   8.250   1.00 31.78  ? 137 ASP A C     1 
ATOM   1020 O  O     . ASP A 1 146 ? 17.033  1.738   7.186   1.00 31.86  ? 137 ASP A O     1 
ATOM   1021 C  CB    . ASP A 1 146 ? 17.568  2.244   10.355  1.00 32.48  ? 137 ASP A CB    1 
ATOM   1022 C  CG    . ASP A 1 146 ? 17.433  3.377   11.357  1.00 34.74  ? 137 ASP A CG    1 
ATOM   1023 O  OD1   . ASP A 1 146 ? 16.642  4.318   11.107  1.00 37.82  ? 137 ASP A OD1   1 
ATOM   1024 O  OD2   . ASP A 1 146 ? 18.132  3.331   12.397  1.00 38.17  ? 137 ASP A OD2   1 
ATOM   1025 N  N     . GLU A 1 147 ? 16.637  -0.091  8.427   1.00 31.86  ? 138 GLU A N     1 
ATOM   1026 C  CA    . GLU A 1 147 ? 16.927  -1.019  7.334   1.00 31.93  ? 138 GLU A CA    1 
ATOM   1027 C  C     . GLU A 1 147 ? 15.926  -0.860  6.182   1.00 31.84  ? 138 GLU A C     1 
ATOM   1028 O  O     . GLU A 1 147 ? 16.317  -0.792  5.013   1.00 31.68  ? 138 GLU A O     1 
ATOM   1029 C  CB    . GLU A 1 147 ? 16.912  -2.462  7.833   1.00 31.88  ? 138 GLU A CB    1 
ATOM   1030 C  CG    . GLU A 1 147 ? 17.384  -3.477  6.797   1.00 32.09  ? 138 GLU A CG    1 
ATOM   1031 C  CD    . GLU A 1 147 ? 17.235  -4.916  7.259   1.00 32.60  ? 138 GLU A CD    1 
ATOM   1032 O  OE1   . GLU A 1 147 ? 17.041  -5.138  8.477   1.00 33.34  ? 138 GLU A OE1   1 
ATOM   1033 O  OE2   . GLU A 1 147 ? 17.320  -5.823  6.398   1.00 33.67  ? 138 GLU A OE2   1 
ATOM   1034 N  N     . ALA A 1 148 ? 14.642  -0.793  6.522   1.00 31.88  ? 139 ALA A N     1 
ATOM   1035 C  CA    . ALA A 1 148 ? 13.578  -0.635  5.522   1.00 31.77  ? 139 ALA A CA    1 
ATOM   1036 C  C     . ALA A 1 148 ? 13.684  0.704   4.798   1.00 31.76  ? 139 ALA A C     1 
ATOM   1037 O  O     . ALA A 1 148 ? 13.564  0.766   3.569   1.00 31.43  ? 139 ALA A O     1 
ATOM   1038 C  CB    . ALA A 1 148 ? 12.221  -0.767  6.172   1.00 31.68  ? 139 ALA A CB    1 
ATOM   1039 N  N     . ARG A 1 149 ? 13.901  1.773   5.561   1.00 32.03  ? 140 ARG A N     1 
ATOM   1040 C  CA    . ARG A 1 149 ? 14.071  3.105   4.980   1.00 32.18  ? 140 ARG A CA    1 
ATOM   1041 C  C     . ARG A 1 149 ? 15.257  3.130   4.013   1.00 31.83  ? 140 ARG A C     1 
ATOM   1042 O  O     . ARG A 1 149 ? 15.155  3.677   2.917   1.00 31.50  ? 140 ARG A O     1 
ATOM   1043 C  CB    . ARG A 1 149 ? 14.264  4.157   6.073   1.00 32.27  ? 140 ARG A CB    1 
ATOM   1044 C  CG    . ARG A 1 149 ? 14.409  5.580   5.534   1.00 32.98  ? 140 ARG A CG    1 
ATOM   1045 C  CD    . ARG A 1 149 ? 14.360  6.625   6.648   1.00 34.28  ? 140 ARG A CD    1 
ATOM   1046 N  NE    . ARG A 1 149 ? 13.009  6.786   7.194   1.00 36.98  ? 140 ARG A NE    1 
ATOM   1047 C  CZ    . ARG A 1 149 ? 12.642  6.562   8.459   1.00 37.63  ? 140 ARG A CZ    1 
ATOM   1048 N  NH1   . ARG A 1 149 ? 13.520  6.166   9.381   1.00 38.46  ? 140 ARG A NH1   1 
ATOM   1049 N  NH2   . ARG A 1 149 ? 11.372  6.752   8.813   1.00 37.93  ? 140 ARG A NH2   1 
ATOM   1050 N  N     . ALA A 1 150 ? 16.369  2.534   4.430   1.00 31.71  ? 141 ALA A N     1 
ATOM   1051 C  CA    . ALA A 1 150 ? 17.568  2.443   3.594   1.00 31.61  ? 141 ALA A CA    1 
ATOM   1052 C  C     . ALA A 1 150 ? 17.288  1.664   2.311   1.00 31.34  ? 141 ALA A C     1 
ATOM   1053 O  O     . ALA A 1 150 ? 17.660  2.106   1.220   1.00 31.32  ? 141 ALA A O     1 
ATOM   1054 C  CB    . ALA A 1 150 ? 18.705  1.794   4.368   1.00 31.63  ? 141 ALA A CB    1 
ATOM   1055 N  N     . PHE A 1 151 ? 16.619  0.520   2.446   1.00 30.87  ? 142 PHE A N     1 
ATOM   1056 C  CA    . PHE A 1 151 ? 16.224  -0.291  1.290   1.00 30.71  ? 142 PHE A CA    1 
ATOM   1057 C  C     . PHE A 1 151 ? 15.350  0.507   0.319   1.00 30.45  ? 142 PHE A C     1 
ATOM   1058 O  O     . PHE A 1 151 ? 15.565  0.466   -0.893  1.00 30.21  ? 142 PHE A O     1 
ATOM   1059 C  CB    . PHE A 1 151 ? 15.472  -1.557  1.725   1.00 30.49  ? 142 PHE A CB    1 
ATOM   1060 C  CG    . PHE A 1 151 ? 14.984  -2.391  0.568   1.00 30.51  ? 142 PHE A CG    1 
ATOM   1061 C  CD1   . PHE A 1 151 ? 15.819  -3.325  -0.032  1.00 30.46  ? 142 PHE A CD1   1 
ATOM   1062 C  CD2   . PHE A 1 151 ? 13.701  -2.217  0.060   1.00 29.96  ? 142 PHE A CD2   1 
ATOM   1063 C  CE1   . PHE A 1 151 ? 15.375  -4.087  -1.113  1.00 30.69  ? 142 PHE A CE1   1 
ATOM   1064 C  CE2   . PHE A 1 151 ? 13.253  -2.964  -1.018  1.00 29.75  ? 142 PHE A CE2   1 
ATOM   1065 C  CZ    . PHE A 1 151 ? 14.089  -3.903  -1.606  1.00 30.21  ? 142 PHE A CZ    1 
ATOM   1066 N  N     . ALA A 1 152 ? 14.362  1.218   0.852   1.00 30.30  ? 143 ALA A N     1 
ATOM   1067 C  CA    . ALA A 1 152 ? 13.495  2.053   0.024   1.00 30.49  ? 143 ALA A CA    1 
ATOM   1068 C  C     . ALA A 1 152 ? 14.338  3.077   -0.721  1.00 30.61  ? 143 ALA A C     1 
ATOM   1069 O  O     . ALA A 1 152 ? 14.241  3.202   -1.942  1.00 30.27  ? 143 ALA A O     1 
ATOM   1070 C  CB    . ALA A 1 152 ? 12.442  2.749   0.871   1.00 30.45  ? 143 ALA A CB    1 
ATOM   1071 N  N     . GLU A 1 153 ? 15.174  3.796   0.024   1.00 30.79  ? 144 GLU A N     1 
ATOM   1072 C  CA    . GLU A 1 153 ? 16.041  4.826   -0.551  1.00 31.17  ? 144 GLU A CA    1 
ATOM   1073 C  C     . GLU A 1 153 ? 16.904  4.286   -1.687  1.00 31.46  ? 144 GLU A C     1 
ATOM   1074 O  O     . GLU A 1 153 ? 17.045  4.931   -2.728  1.00 31.96  ? 144 GLU A O     1 
ATOM   1075 C  CB    . GLU A 1 153 ? 16.919  5.431   0.531   1.00 31.33  ? 144 GLU A CB    1 
ATOM   1076 N  N     . LYS A 1 154 ? 17.456  3.091   -1.489  1.00 31.56  ? 145 LYS A N     1 
ATOM   1077 C  CA    . LYS A 1 154 ? 18.347  2.471   -2.468  1.00 31.49  ? 145 LYS A CA    1 
ATOM   1078 C  C     . LYS A 1 154 ? 17.622  1.924   -3.695  1.00 31.49  ? 145 LYS A C     1 
ATOM   1079 O  O     . LYS A 1 154 ? 18.256  1.670   -4.717  1.00 31.59  ? 145 LYS A O     1 
ATOM   1080 C  CB    . LYS A 1 154 ? 19.149  1.358   -1.808  1.00 31.56  ? 145 LYS A CB    1 
ATOM   1081 N  N     . ASN A 1 155 ? 16.311  1.718   -3.588  1.00 31.41  ? 146 ASN A N     1 
ATOM   1082 C  CA    . ASN A 1 155 ? 15.527  1.129   -4.672  1.00 31.12  ? 146 ASN A CA    1 
ATOM   1083 C  C     . ASN A 1 155 ? 14.511  2.106   -5.266  1.00 30.54  ? 146 ASN A C     1 
ATOM   1084 O  O     . ASN A 1 155 ? 13.610  1.705   -6.000  1.00 30.68  ? 146 ASN A O     1 
ATOM   1085 C  CB    . ASN A 1 155 ? 14.837  -0.149  -4.186  1.00 31.45  ? 146 ASN A CB    1 
ATOM   1086 C  CG    . ASN A 1 155 ? 15.823  -1.251  -3.848  1.00 33.04  ? 146 ASN A CG    1 
ATOM   1087 O  OD1   . ASN A 1 155 ? 16.084  -2.138  -4.663  1.00 36.46  ? 146 ASN A OD1   1 
ATOM   1088 N  ND2   . ASN A 1 155 ? 16.381  -1.204  -2.645  1.00 34.26  ? 146 ASN A ND2   1 
ATOM   1089 N  N     . GLY A 1 156 ? 14.674  3.387   -4.959  1.00 29.92  ? 147 GLY A N     1 
ATOM   1090 C  CA    . GLY A 1 156 ? 13.829  4.433   -5.521  1.00 29.57  ? 147 GLY A CA    1 
ATOM   1091 C  C     . GLY A 1 156 ? 12.377  4.363   -5.093  1.00 29.15  ? 147 GLY A C     1 
ATOM   1092 O  O     . GLY A 1 156 ? 11.476  4.695   -5.877  1.00 29.19  ? 147 GLY A O     1 
ATOM   1093 N  N     . LEU A 1 157 ? 12.145  3.925   -3.855  1.00 28.11  ? 148 LEU A N     1 
ATOM   1094 C  CA    . LEU A 1 157 ? 10.793  3.836   -3.303  1.00 27.54  ? 148 LEU A CA    1 
ATOM   1095 C  C     . LEU A 1 157 ? 10.647  4.843   -2.179  1.00 27.04  ? 148 LEU A C     1 
ATOM   1096 O  O     . LEU A 1 157 ? 11.615  5.159   -1.490  1.00 26.98  ? 148 LEU A O     1 
ATOM   1097 C  CB    . LEU A 1 157 ? 10.510  2.438   -2.733  1.00 27.32  ? 148 LEU A CB    1 
ATOM   1098 C  CG    . LEU A 1 157 ? 11.114  1.205   -3.413  1.00 26.58  ? 148 LEU A CG    1 
ATOM   1099 C  CD1   . LEU A 1 157 ? 10.848  -0.020  -2.560  1.00 26.27  ? 148 LEU A CD1   1 
ATOM   1100 C  CD2   . LEU A 1 157 ? 10.573  1.006   -4.827  1.00 26.13  ? 148 LEU A CD2   1 
ATOM   1101 N  N     . SER A 1 158 ? 9.430   5.337   -1.989  1.00 26.37  ? 149 SER A N     1 
ATOM   1102 C  CA    . SER A 1 158 ? 9.095   6.082   -0.783  1.00 26.54  ? 149 SER A CA    1 
ATOM   1103 C  C     . SER A 1 158 ? 8.884   5.099   0.370   1.00 26.05  ? 149 SER A C     1 
ATOM   1104 O  O     . SER A 1 158 ? 8.699   3.899   0.146   1.00 25.44  ? 149 SER A O     1 
ATOM   1105 C  CB    . SER A 1 158 ? 7.845   6.919   -1.004  1.00 26.38  ? 149 SER A CB    1 
ATOM   1106 O  OG    . SER A 1 158 ? 8.099   7.879   -2.003  1.00 27.47  ? 149 SER A OG    1 
ATOM   1107 N  N     . PHE A 1 159 ? 8.928   5.610   1.599   1.00 26.04  ? 150 PHE A N     1 
ATOM   1108 C  CA    . PHE A 1 159 ? 8.824   4.756   2.788   1.00 25.91  ? 150 PHE A CA    1 
ATOM   1109 C  C     . PHE A 1 159 ? 8.073   5.427   3.933   1.00 25.86  ? 150 PHE A C     1 
ATOM   1110 O  O     . PHE A 1 159 ? 8.284   6.611   4.233   1.00 25.13  ? 150 PHE A O     1 
ATOM   1111 C  CB    . PHE A 1 159 ? 10.213  4.319   3.270   1.00 26.31  ? 150 PHE A CB    1 
ATOM   1112 C  CG    . PHE A 1 159 ? 10.185  3.571   4.577   1.00 26.22  ? 150 PHE A CG    1 
ATOM   1113 C  CD1   . PHE A 1 159 ? 9.757   2.250   4.621   1.00 26.04  ? 150 PHE A CD1   1 
ATOM   1114 C  CD2   . PHE A 1 159 ? 10.555  4.193   5.763   1.00 26.65  ? 150 PHE A CD2   1 
ATOM   1115 C  CE1   . PHE A 1 159 ? 9.710   1.563   5.823   1.00 26.35  ? 150 PHE A CE1   1 
ATOM   1116 C  CE2   . PHE A 1 159 ? 10.509  3.507   6.972   1.00 26.83  ? 150 PHE A CE2   1 
ATOM   1117 C  CZ    . PHE A 1 159 ? 10.085  2.192   6.999   1.00 26.68  ? 150 PHE A CZ    1 
ATOM   1118 N  N     . ILE A 1 160 ? 7.188   4.658   4.568   1.00 25.51  ? 151 ILE A N     1 
ATOM   1119 C  CA    . ILE A 1 160 ? 6.487   5.116   5.763   1.00 25.35  ? 151 ILE A CA    1 
ATOM   1120 C  C     . ILE A 1 160 ? 6.065   3.910   6.589   1.00 25.21  ? 151 ILE A C     1 
ATOM   1121 O  O     . ILE A 1 160 ? 5.883   2.819   6.046   1.00 25.25  ? 151 ILE A O     1 
ATOM   1122 C  CB    . ILE A 1 160 ? 5.269   6.003   5.405   1.00 25.37  ? 151 ILE A CB    1 
ATOM   1123 C  CG1   . ILE A 1 160 ? 4.775   6.783   6.627   1.00 25.86  ? 151 ILE A CG1   1 
ATOM   1124 C  CG2   . ILE A 1 160 ? 4.129   5.185   4.780   1.00 25.60  ? 151 ILE A CG2   1 
ATOM   1125 C  CD1   . ILE A 1 160 ? 3.779   7.871   6.272   1.00 25.71  ? 151 ILE A CD1   1 
ATOM   1126 N  N     . GLU A 1 161 ? 5.968   4.093   7.903   1.00 24.83  ? 152 GLU A N     1 
ATOM   1127 C  CA    . GLU A 1 161 ? 5.361   3.085   8.769   1.00 24.56  ? 152 GLU A CA    1 
ATOM   1128 C  C     . GLU A 1 161 ? 3.999   3.573   9.217   1.00 24.45  ? 152 GLU A C     1 
ATOM   1129 O  O     . GLU A 1 161 ? 3.819   4.760   9.516   1.00 24.46  ? 152 GLU A O     1 
ATOM   1130 C  CB    . GLU A 1 161 ? 6.234   2.765   9.971   1.00 24.56  ? 152 GLU A CB    1 
ATOM   1131 C  CG    . GLU A 1 161 ? 7.467   1.951   9.633   1.00 24.37  ? 152 GLU A CG    1 
ATOM   1132 C  CD    . GLU A 1 161 ? 8.198   1.471   10.862  1.00 24.24  ? 152 GLU A CD    1 
ATOM   1133 O  OE1   . GLU A 1 161 ? 9.248   0.824   10.703  1.00 23.41  ? 152 GLU A OE1   1 
ATOM   1134 O  OE2   . GLU A 1 161 ? 7.725   1.747   11.985  1.00 24.46  ? 152 GLU A OE2   1 
ATOM   1135 N  N     . THR A 1 162 ? 3.046   2.651   9.253   1.00 23.93  ? 153 THR A N     1 
ATOM   1136 C  CA    . THR A 1 162 ? 1.661   2.966   9.555   1.00 24.29  ? 153 THR A CA    1 
ATOM   1137 C  C     . THR A 1 162 ? 1.093   2.025   10.605  1.00 24.23  ? 153 THR A C     1 
ATOM   1138 O  O     . THR A 1 162 ? 1.663   0.971   10.892  1.00 23.61  ? 153 THR A O     1 
ATOM   1139 C  CB    . THR A 1 162 ? 0.770   2.839   8.297   1.00 24.24  ? 153 THR A CB    1 
ATOM   1140 O  OG1   . THR A 1 162 ? 0.856   1.503   7.775   1.00 23.50  ? 153 THR A OG1   1 
ATOM   1141 C  CG2   . THR A 1 162 ? 1.207   3.821   7.222   1.00 24.32  ? 153 THR A CG2   1 
ATOM   1142 N  N     . SER A 1 163 ? -0.040  2.428   11.171  1.00 24.76  ? 154 SER A N     1 
ATOM   1143 C  CA    . SER A 1 163 ? -0.883  1.524   11.943  1.00 25.15  ? 154 SER A CA    1 
ATOM   1144 C  C     . SER A 1 163 ? -2.333  1.793   11.586  1.00 25.49  ? 154 SER A C     1 
ATOM   1145 O  O     . SER A 1 163 ? -2.898  2.813   11.971  1.00 25.78  ? 154 SER A O     1 
ATOM   1146 C  CB    . SER A 1 163 ? -0.656  1.698   13.448  1.00 25.26  ? 154 SER A CB    1 
ATOM   1147 O  OG    . SER A 1 163 ? -1.546  0.883   14.198  1.00 25.22  ? 154 SER A OG    1 
ATOM   1148 N  N     . ALA A 1 164 ? -2.922  0.885   10.820  1.00 25.79  ? 155 ALA A N     1 
ATOM   1149 C  CA    . ALA A 1 164 ? -4.350  0.915   10.552  1.00 26.44  ? 155 ALA A CA    1 
ATOM   1150 C  C     . ALA A 1 164 ? -5.147  0.885   11.863  1.00 26.77  ? 155 ALA A C     1 
ATOM   1151 O  O     . ALA A 1 164 ? -6.214  1.486   11.946  1.00 26.80  ? 155 ALA A O     1 
ATOM   1152 C  CB    . ALA A 1 164 ? -4.754  -0.257  9.666   1.00 26.09  ? 155 ALA A CB    1 
ATOM   1153 N  N     . LEU A 1 165 ? -4.613  0.196   12.873  1.00 27.49  ? 156 LEU A N     1 
ATOM   1154 C  CA    . LEU A 1 165 ? -5.290  0.046   14.167  1.00 28.12  ? 156 LEU A CA    1 
ATOM   1155 C  C     . LEU A 1 165 ? -5.446  1.370   14.908  1.00 28.62  ? 156 LEU A C     1 
ATOM   1156 O  O     . LEU A 1 165 ? -6.564  1.772   15.202  1.00 29.25  ? 156 LEU A O     1 
ATOM   1157 C  CB    . LEU A 1 165 ? -4.565  -0.975  15.045  1.00 27.91  ? 156 LEU A CB    1 
ATOM   1158 C  CG    . LEU A 1 165 ? -5.312  -1.417  16.319  1.00 27.76  ? 156 LEU A CG    1 
ATOM   1159 C  CD1   . LEU A 1 165 ? -4.914  -2.832  16.718  1.00 27.19  ? 156 LEU A CD1   1 
ATOM   1160 C  CD2   . LEU A 1 165 ? -5.077  -0.443  17.465  1.00 27.76  ? 156 LEU A CD2   1 
ATOM   1161 N  N     . ASP A 1 166 ? -4.335  2.043   15.199  1.00 29.56  ? 157 ASP A N     1 
ATOM   1162 C  CA    . ASP A 1 166 ? -4.382  3.329   15.914  1.00 30.05  ? 157 ASP A CA    1 
ATOM   1163 C  C     . ASP A 1 166 ? -4.343  4.566   14.996  1.00 30.44  ? 157 ASP A C     1 
ATOM   1164 O  O     . ASP A 1 166 ? -4.261  5.702   15.482  1.00 30.42  ? 157 ASP A O     1 
ATOM   1165 C  CB    . ASP A 1 166 ? -3.296  3.390   17.001  1.00 30.49  ? 157 ASP A CB    1 
ATOM   1166 C  CG    . ASP A 1 166 ? -1.897  3.495   16.447  1.00 31.87  ? 157 ASP A CG    1 
ATOM   1167 O  OD1   . ASP A 1 166 ? -0.962  2.991   17.112  1.00 33.93  ? 157 ASP A OD1   1 
ATOM   1168 O  OD2   . ASP A 1 166 ? -1.715  4.103   15.374  1.00 34.62  ? 157 ASP A OD2   1 
ATOM   1169 N  N     . SER A 1 167 ? -4.401  4.332   13.681  1.00 30.28  ? 158 SER A N     1 
ATOM   1170 C  CA    . SER A 1 167 ? -4.499  5.386   12.652  1.00 30.30  ? 158 SER A CA    1 
ATOM   1171 C  C     . SER A 1 167 ? -3.199  6.108   12.297  1.00 30.20  ? 158 SER A C     1 
ATOM   1172 O  O     . SER A 1 167 ? -3.185  6.899   11.350  1.00 30.89  ? 158 SER A O     1 
ATOM   1173 C  CB    . SER A 1 167 ? -5.567  6.426   13.009  1.00 30.48  ? 158 SER A CB    1 
ATOM   1174 O  OG    . SER A 1 167 ? -6.815  5.803   13.221  1.00 31.74  ? 158 SER A OG    1 
ATOM   1175 N  N     . THR A 1 168 ? -2.114  5.827   13.011  1.00 29.67  ? 159 THR A N     1 
ATOM   1176 C  CA    . THR A 1 168 ? -0.864  6.555   12.817  1.00 29.37  ? 159 THR A CA    1 
ATOM   1177 C  C     . THR A 1 168 ? -0.357  6.464   11.373  1.00 29.05  ? 159 THR A C     1 
ATOM   1178 O  O     . THR A 1 168 ? -0.167  5.366   10.843  1.00 28.81  ? 159 THR A O     1 
ATOM   1179 C  CB    . THR A 1 168 ? 0.223   6.042   13.774  1.00 29.33  ? 159 THR A CB    1 
ATOM   1180 O  OG1   . THR A 1 168 ? -0.269  6.110   15.119  1.00 29.90  ? 159 THR A OG1   1 
ATOM   1181 C  CG2   . THR A 1 168 ? 1.492   6.868   13.672  1.00 29.82  ? 159 THR A CG2   1 
ATOM   1182 N  N     . ASN A 1 169 ? -0.160  7.631   10.757  1.00 28.61  ? 160 ASN A N     1 
ATOM   1183 C  CA    . ASN A 1 169 ? 0.425   7.770   9.413   1.00 28.21  ? 160 ASN A CA    1 
ATOM   1184 C  C     . ASN A 1 169 ? -0.381  7.190   8.239   1.00 27.94  ? 160 ASN A C     1 
ATOM   1185 O  O     . ASN A 1 169 ? 0.131   7.125   7.120   1.00 27.83  ? 160 ASN A O     1 
ATOM   1186 C  CB    . ASN A 1 169 ? 1.857   7.207   9.387   1.00 27.87  ? 160 ASN A CB    1 
ATOM   1187 C  CG    . ASN A 1 169 ? 2.870   8.131   10.041  1.00 28.46  ? 160 ASN A CG    1 
ATOM   1188 O  OD1   . ASN A 1 169 ? 2.603   9.315   10.271  1.00 27.89  ? 160 ASN A OD1   1 
ATOM   1189 N  ND2   . ASN A 1 169 ? 4.053   7.593   10.327  1.00 26.92  ? 160 ASN A ND2   1 
ATOM   1190 N  N     . VAL A 1 170 ? -1.635  6.799   8.470   1.00 27.55  ? 161 VAL A N     1 
ATOM   1191 C  CA    . VAL A 1 170 ? -2.450  6.238   7.392   1.00 27.16  ? 161 VAL A CA    1 
ATOM   1192 C  C     . VAL A 1 170 ? -2.838  7.341   6.397   1.00 26.93  ? 161 VAL A C     1 
ATOM   1193 O  O     . VAL A 1 170 ? -2.634  7.194   5.192   1.00 26.16  ? 161 VAL A O     1 
ATOM   1194 C  CB    . VAL A 1 170 ? -3.704  5.511   7.920   1.00 26.97  ? 161 VAL A CB    1 
ATOM   1195 C  CG1   . VAL A 1 170 ? -4.593  5.055   6.759   1.00 26.51  ? 161 VAL A CG1   1 
ATOM   1196 C  CG2   . VAL A 1 170 ? -3.303  4.322   8.782   1.00 27.14  ? 161 VAL A CG2   1 
ATOM   1197 N  N     . GLU A 1 171 ? -3.371  8.449   6.906   1.00 26.70  ? 162 GLU A N     1 
ATOM   1198 C  CA    . GLU A 1 171 ? -3.701  9.593   6.050   1.00 26.52  ? 162 GLU A CA    1 
ATOM   1199 C  C     . GLU A 1 171 ? -2.445  10.123  5.356   1.00 26.22  ? 162 GLU A C     1 
ATOM   1200 O  O     . GLU A 1 171 ? -2.471  10.416  4.168   1.00 26.12  ? 162 GLU A O     1 
ATOM   1201 C  CB    . GLU A 1 171 ? -4.377  10.703  6.861   1.00 26.89  ? 162 GLU A CB    1 
ATOM   1202 N  N     . ALA A 1 172 ? -1.351  10.224  6.107   1.00 26.07  ? 163 ALA A N     1 
ATOM   1203 C  CA    . ALA A 1 172 ? -0.062  10.673  5.579   1.00 25.98  ? 163 ALA A CA    1 
ATOM   1204 C  C     . ALA A 1 172 ? 0.473   9.763   4.476   1.00 25.84  ? 163 ALA A C     1 
ATOM   1205 O  O     . ALA A 1 172 ? 1.069   10.245  3.515   1.00 25.45  ? 163 ALA A O     1 
ATOM   1206 C  CB    . ALA A 1 172 ? 0.958   10.763  6.697   1.00 26.05  ? 163 ALA A CB    1 
ATOM   1207 N  N     . ALA A 1 173 ? 0.289   8.452   4.625   1.00 25.73  ? 164 ALA A N     1 
ATOM   1208 C  CA    . ALA A 1 173 ? 0.757   7.500   3.613   1.00 25.73  ? 164 ALA A CA    1 
ATOM   1209 C  C     . ALA A 1 173 ? 0.078   7.748   2.271   1.00 25.62  ? 164 ALA A C     1 
ATOM   1210 O  O     . ALA A 1 173 ? 0.754   7.836   1.234   1.00 25.70  ? 164 ALA A O     1 
ATOM   1211 C  CB    . ALA A 1 173 ? 0.529   6.059   4.071   1.00 25.59  ? 164 ALA A CB    1 
ATOM   1212 N  N     . PHE A 1 174 ? -1.252  7.863   2.294   1.00 25.53  ? 165 PHE A N     1 
ATOM   1213 C  CA    . PHE A 1 174 ? -2.032  8.074   1.074   1.00 25.58  ? 165 PHE A CA    1 
ATOM   1214 C  C     . PHE A 1 174 ? -1.817  9.488   0.527   1.00 25.65  ? 165 PHE A C     1 
ATOM   1215 O  O     . PHE A 1 174 ? -1.647  9.683   -0.675  1.00 25.05  ? 165 PHE A O     1 
ATOM   1216 C  CB    . PHE A 1 174 ? -3.527  7.821   1.327   1.00 25.69  ? 165 PHE A CB    1 
ATOM   1217 C  CG    . PHE A 1 174 ? -3.900  6.360   1.398   1.00 25.54  ? 165 PHE A CG    1 
ATOM   1218 C  CD1   . PHE A 1 174 ? -3.918  5.686   2.614   1.00 26.26  ? 165 PHE A CD1   1 
ATOM   1219 C  CD2   . PHE A 1 174 ? -4.245  5.668   0.249   1.00 25.66  ? 165 PHE A CD2   1 
ATOM   1220 C  CE1   . PHE A 1 174 ? -4.268  4.335   2.684   1.00 26.39  ? 165 PHE A CE1   1 
ATOM   1221 C  CE2   . PHE A 1 174 ? -4.595  4.320   0.303   1.00 26.37  ? 165 PHE A CE2   1 
ATOM   1222 C  CZ    . PHE A 1 174 ? -4.608  3.649   1.526   1.00 25.79  ? 165 PHE A CZ    1 
ATOM   1223 N  N     . GLN A 1 175 ? -1.815  10.475  1.418   1.00 25.77  ? 166 GLN A N     1 
ATOM   1224 C  CA    . GLN A 1 175 ? -1.599  11.863  1.016   1.00 26.14  ? 166 GLN A CA    1 
ATOM   1225 C  C     . GLN A 1 175 ? -0.217  12.013  0.353   1.00 25.76  ? 166 GLN A C     1 
ATOM   1226 O  O     . GLN A 1 175 ? -0.099  12.639  -0.699  1.00 26.00  ? 166 GLN A O     1 
ATOM   1227 C  CB    . GLN A 1 175 ? -1.759  12.793  2.229   1.00 27.02  ? 166 GLN A CB    1 
ATOM   1228 C  CG    . GLN A 1 175 ? -2.501  14.106  1.957   1.00 29.85  ? 166 GLN A CG    1 
ATOM   1229 C  CD    . GLN A 1 175 ? -1.636  15.128  1.274   1.00 33.07  ? 166 GLN A CD    1 
ATOM   1230 O  OE1   . GLN A 1 175 ? -0.414  15.129  1.441   1.00 36.82  ? 166 GLN A OE1   1 
ATOM   1231 N  NE2   . GLN A 1 175 ? -2.258  16.013  0.504   1.00 34.39  ? 166 GLN A NE2   1 
ATOM   1232 N  N     . THR A 1 176 ? 0.809   11.390  0.936   1.00 25.32  ? 167 THR A N     1 
ATOM   1233 C  CA    . THR A 1 176 ? 2.169   11.466  0.402   1.00 25.21  ? 167 THR A CA    1 
ATOM   1234 C  C     . THR A 1 176 ? 2.340   10.802  -0.984  1.00 24.60  ? 167 THR A C     1 
ATOM   1235 O  O     . THR A 1 176 ? 2.979   11.372  -1.867  1.00 23.74  ? 167 THR A O     1 
ATOM   1236 C  CB    . THR A 1 176 ? 3.194   10.865  1.396   1.00 25.34  ? 167 THR A CB    1 
ATOM   1237 O  OG1   . THR A 1 176 ? 3.170   11.619  2.617   1.00 26.58  ? 167 THR A OG1   1 
ATOM   1238 C  CG2   . THR A 1 176 ? 4.599   10.903  0.831   1.00 25.75  ? 167 THR A CG2   1 
ATOM   1239 N  N     . ILE A 1 177 ? 1.797   9.601   -1.168  1.00 24.05  ? 168 ILE A N     1 
ATOM   1240 C  CA    . ILE A 1 177 ? 1.922   8.916   -2.460  1.00 23.95  ? 168 ILE A CA    1 
ATOM   1241 C  C     . ILE A 1 177 ? 1.136   9.654   -3.547  1.00 23.59  ? 168 ILE A C     1 
ATOM   1242 O  O     . ILE A 1 177 ? 1.612   9.767   -4.668  1.00 23.65  ? 168 ILE A O     1 
ATOM   1243 C  CB    . ILE A 1 177 ? 1.500   7.414   -2.398  1.00 23.68  ? 168 ILE A CB    1 
ATOM   1244 C  CG1   . ILE A 1 177 ? 2.010   6.669   -3.638  1.00 23.66  ? 168 ILE A CG1   1 
ATOM   1245 C  CG2   . ILE A 1 177 ? -0.001  7.263   -2.263  1.00 23.04  ? 168 ILE A CG2   1 
ATOM   1246 C  CD1   . ILE A 1 177 ? 1.757   5.178   -3.610  1.00 23.54  ? 168 ILE A CD1   1 
ATOM   1247 N  N     . LEU A 1 178 ? -0.050  10.160  -3.206  1.00 23.55  ? 169 LEU A N     1 
ATOM   1248 C  CA    . LEU A 1 178 ? -0.871  10.922  -4.149  1.00 23.96  ? 169 LEU A CA    1 
ATOM   1249 C  C     . LEU A 1 178 ? -0.200  12.250  -4.526  1.00 24.19  ? 169 LEU A C     1 
ATOM   1250 O  O     . LEU A 1 178 ? -0.306  12.706  -5.668  1.00 24.04  ? 169 LEU A O     1 
ATOM   1251 C  CB    . LEU A 1 178 ? -2.273  11.163  -3.586  1.00 24.00  ? 169 LEU A CB    1 
ATOM   1252 C  CG    . LEU A 1 178 ? -3.165  9.919   -3.445  1.00 24.54  ? 169 LEU A CG    1 
ATOM   1253 C  CD1   . LEU A 1 178 ? -4.371  10.218  -2.584  1.00 24.97  ? 169 LEU A CD1   1 
ATOM   1254 C  CD2   . LEU A 1 178 ? -3.604  9.385   -4.794  1.00 24.22  ? 169 LEU A CD2   1 
ATOM   1255 N  N     . THR A 1 179 ? 0.504   12.844  -3.569  1.00 24.28  ? 170 THR A N     1 
ATOM   1256 C  CA    . THR A 1 179 ? 1.316   14.035  -3.821  1.00 24.36  ? 170 THR A CA    1 
ATOM   1257 C  C     . THR A 1 179 ? 2.477   13.730  -4.771  1.00 24.73  ? 170 THR A C     1 
ATOM   1258 O  O     . THR A 1 179 ? 2.717   14.477  -5.719  1.00 24.02  ? 170 THR A O     1 
ATOM   1259 C  CB    . THR A 1 179 ? 1.837   14.630  -2.490  1.00 24.29  ? 170 THR A CB    1 
ATOM   1260 O  OG1   . THR A 1 179 ? 0.720   15.091  -1.725  1.00 22.90  ? 170 THR A OG1   1 
ATOM   1261 C  CG2   . THR A 1 179 ? 2.784   15.792  -2.728  1.00 24.59  ? 170 THR A CG2   1 
ATOM   1262 N  N     . GLU A 1 180 ? 3.191   12.634  -4.521  1.00 24.98  ? 171 GLU A N     1 
ATOM   1263 C  CA    . GLU A 1 180 ? 4.313   12.255  -5.375  1.00 25.68  ? 171 GLU A CA    1 
ATOM   1264 C  C     . GLU A 1 180 ? 3.847   11.990  -6.816  1.00 25.30  ? 171 GLU A C     1 
ATOM   1265 O  O     . GLU A 1 180 ? 4.503   12.412  -7.765  1.00 24.96  ? 171 GLU A O     1 
ATOM   1266 C  CB    . GLU A 1 180 ? 5.076   11.057  -4.784  1.00 25.83  ? 171 GLU A CB    1 
ATOM   1267 C  CG    . GLU A 1 180 ? 6.029   11.458  -3.640  1.00 27.90  ? 171 GLU A CG    1 
ATOM   1268 C  CD    . GLU A 1 180 ? 6.422   10.306  -2.713  1.00 29.20  ? 171 GLU A CD    1 
ATOM   1269 O  OE1   . GLU A 1 180 ? 6.093   9.132   -3.023  1.00 33.26  ? 171 GLU A OE1   1 
ATOM   1270 O  OE2   . GLU A 1 180 ? 7.077   10.581  -1.667  1.00 33.52  ? 171 GLU A OE2   1 
ATOM   1271 N  N     . ILE A 1 181 ? 2.697   11.337  -6.964  1.00 25.31  ? 172 ILE A N     1 
ATOM   1272 C  CA    . ILE A 1 181 ? 2.104   11.080  -8.279  1.00 25.75  ? 172 ILE A CA    1 
ATOM   1273 C  C     . ILE A 1 181 ? 1.759   12.401  -8.981  1.00 26.15  ? 172 ILE A C     1 
ATOM   1274 O  O     . ILE A 1 181 ? 2.162   12.638  -10.117 1.00 25.52  ? 172 ILE A O     1 
ATOM   1275 C  CB    . ILE A 1 181 ? 0.833   10.212  -8.165  1.00 25.22  ? 172 ILE A CB    1 
ATOM   1276 C  CG1   . ILE A 1 181 ? 1.188   8.798   -7.680  1.00 25.39  ? 172 ILE A CG1   1 
ATOM   1277 C  CG2   . ILE A 1 181 ? 0.107   10.128  -9.507  1.00 25.07  ? 172 ILE A CG2   1 
ATOM   1278 C  CD1   . ILE A 1 181 ? 0.022   8.068   -7.044  1.00 25.01  ? 172 ILE A CD1   1 
ATOM   1279 N  N     . TYR A 1 182 ? 1.001   13.244  -8.292  1.00 27.07  ? 173 TYR A N     1 
ATOM   1280 C  CA    . TYR A 1 182 ? 0.643   14.564  -8.812  1.00 27.85  ? 173 TYR A CA    1 
ATOM   1281 C  C     . TYR A 1 182 ? 1.862   15.363  -9.299  1.00 28.43  ? 173 TYR A C     1 
ATOM   1282 O  O     . TYR A 1 182 ? 1.802   16.024  -10.339 1.00 28.07  ? 173 TYR A O     1 
ATOM   1283 C  CB    . TYR A 1 182 ? -0.123  15.360  -7.750  1.00 28.02  ? 173 TYR A CB    1 
ATOM   1284 C  CG    . TYR A 1 182 ? -0.588  16.706  -8.250  1.00 27.85  ? 173 TYR A CG    1 
ATOM   1285 C  CD1   . TYR A 1 182 ? -1.723  16.816  -9.037  1.00 27.76  ? 173 TYR A CD1   1 
ATOM   1286 C  CD2   . TYR A 1 182 ? 0.121   17.868  -7.952  1.00 28.02  ? 173 TYR A CD2   1 
ATOM   1287 C  CE1   . TYR A 1 182 ? -2.143  18.047  -9.515  1.00 28.89  ? 173 TYR A CE1   1 
ATOM   1288 C  CE2   . TYR A 1 182 ? -0.295  19.102  -8.422  1.00 28.22  ? 173 TYR A CE2   1 
ATOM   1289 C  CZ    . TYR A 1 182 ? -1.426  19.185  -9.194  1.00 28.52  ? 173 TYR A CZ    1 
ATOM   1290 O  OH    . TYR A 1 182 ? -1.845  20.404  -9.665  1.00 29.32  ? 173 TYR A OH    1 
ATOM   1291 N  N     . ARG A 1 183 ? 2.964   15.279  -8.559  1.00 29.37  ? 174 ARG A N     1 
ATOM   1292 C  CA    . ARG A 1 183 ? 4.154   16.079  -8.848  1.00 30.27  ? 174 ARG A CA    1 
ATOM   1293 C  C     . ARG A 1 183 ? 5.118   15.477  -9.873  1.00 31.21  ? 174 ARG A C     1 
ATOM   1294 O  O     . ARG A 1 183 ? 6.114   16.114  -10.213 1.00 31.81  ? 174 ARG A O     1 
ATOM   1295 C  CB    . ARG A 1 183 ? 4.909   16.369  -7.552  1.00 30.24  ? 174 ARG A CB    1 
ATOM   1296 C  CG    . ARG A 1 183 ? 4.152   17.284  -6.610  1.00 30.15  ? 174 ARG A CG    1 
ATOM   1297 C  CD    . ARG A 1 183 ? 4.902   17.472  -5.308  1.00 30.13  ? 174 ARG A CD    1 
ATOM   1298 N  NE    . ARG A 1 183 ? 4.118   18.232  -4.337  1.00 30.49  ? 174 ARG A NE    1 
ATOM   1299 C  CZ    . ARG A 1 183 ? 4.521   18.502  -3.098  1.00 30.38  ? 174 ARG A CZ    1 
ATOM   1300 N  NH1   . ARG A 1 183 ? 5.693   18.068  -2.656  1.00 31.17  ? 174 ARG A NH1   1 
ATOM   1301 N  NH2   . ARG A 1 183 ? 3.735   19.193  -2.289  1.00 30.65  ? 174 ARG A NH2   1 
ATOM   1302 N  N     . ILE A 1 184 ? 4.846   14.268  -10.365 1.00 32.04  ? 175 ILE A N     1 
ATOM   1303 C  CA    . ILE A 1 184 ? 5.674   13.684  -11.432 1.00 32.43  ? 175 ILE A CA    1 
ATOM   1304 C  C     . ILE A 1 184 ? 5.777   14.643  -12.622 1.00 32.98  ? 175 ILE A C     1 
ATOM   1305 O  O     . ILE A 1 184 ? 4.756   15.134  -13.118 1.00 33.47  ? 175 ILE A O     1 
ATOM   1306 C  CB    . ILE A 1 184 ? 5.111   12.347  -11.947 1.00 32.76  ? 175 ILE A CB    1 
ATOM   1307 C  CG1   . ILE A 1 184 ? 5.293   11.253  -10.899 1.00 32.95  ? 175 ILE A CG1   1 
ATOM   1308 C  CG2   . ILE A 1 184 ? 5.802   11.945  -13.284 1.00 32.88  ? 175 ILE A CG2   1 
ATOM   1309 C  CD1   . ILE A 1 184 ? 4.745   9.890   -11.328 1.00 33.33  ? 175 ILE A CD1   1 
HETATM 1310 MG MG    . MG  B 2 .   ? -7.382  -8.190  2.458   1.00 19.59  ? 201 MG  A MG    1 
HETATM 1311 P  PG    . GNP C 3 .   ? -5.387  -10.511 2.596   1.00 21.47  ? 200 GNP A PG    1 
HETATM 1312 O  O1G   . GNP C 3 .   ? -5.400  -11.997 2.843   1.00 20.10  ? 200 GNP A O1G   1 
HETATM 1313 O  O2G   . GNP C 3 .   ? -6.724  -9.972  2.132   1.00 18.78  ? 200 GNP A O2G   1 
HETATM 1314 O  O3G   . GNP C 3 .   ? -4.277  -10.306 1.600   1.00 19.89  ? 200 GNP A O3G   1 
HETATM 1315 N  N3B   . GNP C 3 .   ? -5.019  -9.805  4.015   1.00 18.53  ? 200 GNP A N3B   1 
HETATM 1316 P  PB    . GNP C 3 .   ? -4.847  -8.225  4.340   1.00 19.00  ? 200 GNP A PB    1 
HETATM 1317 O  O1B   . GNP C 3 .   ? -3.502  -7.748  3.969   1.00 17.27  ? 200 GNP A O1B   1 
HETATM 1318 O  O2B   . GNP C 3 .   ? -5.992  -7.507  3.720   1.00 17.85  ? 200 GNP A O2B   1 
HETATM 1319 O  O3A   . GNP C 3 .   ? -4.929  -8.029  5.872   1.00 17.91  ? 200 GNP A O3A   1 
HETATM 1320 P  PA    . GNP C 3 .   ? -6.126  -7.511  6.736   1.00 20.08  ? 200 GNP A PA    1 
HETATM 1321 O  O1A   . GNP C 3 .   ? -6.361  -6.060  6.548   1.00 18.54  ? 200 GNP A O1A   1 
HETATM 1322 O  O2A   . GNP C 3 .   ? -7.287  -8.416  6.576   1.00 19.50  ? 200 GNP A O2A   1 
HETATM 1323 O  "O5'" . GNP C 3 .   ? -5.565  -7.609  8.206   1.00 20.13  ? 200 GNP A "O5'" 1 
HETATM 1324 C  "C5'" . GNP C 3 .   ? -5.112  -8.880  8.703   1.00 21.53  ? 200 GNP A "C5'" 1 
HETATM 1325 C  "C4'" . GNP C 3 .   ? -5.095  -8.903  10.219  1.00 22.09  ? 200 GNP A "C4'" 1 
HETATM 1326 O  "O4'" . GNP C 3 .   ? -4.171  -7.901  10.707  1.00 22.63  ? 200 GNP A "O4'" 1 
HETATM 1327 C  "C3'" . GNP C 3 .   ? -6.427  -8.569  10.869  1.00 23.11  ? 200 GNP A "C3'" 1 
HETATM 1328 O  "O3'" . GNP C 3 .   ? -6.558  -9.270  12.084  1.00 23.48  ? 200 GNP A "O3'" 1 
HETATM 1329 C  "C2'" . GNP C 3 .   ? -6.328  -7.071  11.112  1.00 23.38  ? 200 GNP A "C2'" 1 
HETATM 1330 O  "O2'" . GNP C 3 .   ? -7.181  -6.604  12.143  1.00 24.65  ? 200 GNP A "O2'" 1 
HETATM 1331 C  "C1'" . GNP C 3 .   ? -4.864  -6.961  11.511  1.00 23.31  ? 200 GNP A "C1'" 1 
HETATM 1332 N  N9    . GNP C 3 .   ? -4.272  -5.645  11.311  1.00 23.03  ? 200 GNP A N9    1 
HETATM 1333 C  C8    . GNP C 3 .   ? -4.327  -4.862  10.173  1.00 23.59  ? 200 GNP A C8    1 
HETATM 1334 N  N7    . GNP C 3 .   ? -3.698  -3.722  10.292  1.00 23.12  ? 200 GNP A N7    1 
HETATM 1335 C  C5    . GNP C 3 .   ? -3.195  -3.759  11.593  1.00 23.28  ? 200 GNP A C5    1 
HETATM 1336 C  C6    . GNP C 3 .   ? -2.434  -2.805  12.304  1.00 23.14  ? 200 GNP A C6    1 
HETATM 1337 O  O6    . GNP C 3 .   ? -2.022  -1.702  11.913  1.00 23.63  ? 200 GNP A O6    1 
HETATM 1338 N  N1    . GNP C 3 .   ? -2.123  -3.231  13.594  1.00 24.13  ? 200 GNP A N1    1 
HETATM 1339 C  C2    . GNP C 3 .   ? -2.528  -4.419  14.155  1.00 24.02  ? 200 GNP A C2    1 
HETATM 1340 N  N2    . GNP C 3 .   ? -2.121  -4.636  15.416  1.00 23.35  ? 200 GNP A N2    1 
HETATM 1341 N  N3    . GNP C 3 .   ? -3.246  -5.329  13.503  1.00 24.04  ? 200 GNP A N3    1 
HETATM 1342 C  C4    . GNP C 3 .   ? -3.543  -4.931  12.233  1.00 23.26  ? 200 GNP A C4    1 
HETATM 1343 O  O     . HOH D 4 .   ? 0.330   0.485   -13.441 1.00 16.23  ? 202 HOH A O     1 
HETATM 1344 O  O     . HOH D 4 .   ? -4.488  -18.658 -4.525  1.00 15.03  ? 203 HOH A O     1 
HETATM 1345 O  O     . HOH D 4 .   ? -1.361  -10.604 -16.995 1.00 16.80  ? 204 HOH A O     1 
HETATM 1346 O  O     . HOH D 4 .   ? 4.452   -8.110  2.028   1.00 17.76  ? 205 HOH A O     1 
HETATM 1347 O  O     . HOH D 4 .   ? 9.525   -12.521 11.934  1.00 19.65  ? 206 HOH A O     1 
HETATM 1348 O  O     . HOH D 4 .   ? 0.992   -14.187 0.891   1.00 20.74  ? 207 HOH A O     1 
HETATM 1349 O  O     . HOH D 4 .   ? 12.755  -7.866  0.064   1.00 26.87  ? 208 HOH A O     1 
HETATM 1350 O  O     . HOH D 4 .   ? 10.029  -1.567  9.316   1.00 23.52  ? 209 HOH A O     1 
HETATM 1351 O  O     . HOH D 4 .   ? 2.734   7.190   -11.759 1.00 22.92  ? 210 HOH A O     1 
HETATM 1352 O  O     . HOH D 4 .   ? 6.553   -1.250  -12.808 1.00 19.36  ? 211 HOH A O     1 
HETATM 1353 O  O     . HOH D 4 .   ? -5.020  6.398   -12.375 1.00 20.17  ? 212 HOH A O     1 
HETATM 1354 O  O     . HOH D 4 .   ? -2.441  -0.666  -24.312 1.00 18.90  ? 213 HOH A O     1 
HETATM 1355 O  O     . HOH D 4 .   ? -8.568  -11.727 -3.576  1.00 24.01  ? 214 HOH A O     1 
HETATM 1356 O  O     . HOH D 4 .   ? 8.512   5.086   -6.756  1.00 21.98  ? 215 HOH A O     1 
HETATM 1357 O  O     . HOH D 4 .   ? -6.375  -7.531  0.735   1.00 18.36  ? 216 HOH A O     1 
HETATM 1358 O  O     . HOH D 4 .   ? 10.059  8.419   1.639   1.00 27.11  ? 217 HOH A O     1 
HETATM 1359 O  O     . HOH D 4 .   ? -4.399  -13.887 1.036   1.00 30.71  ? 218 HOH A O     1 
HETATM 1360 O  O     . HOH D 4 .   ? 1.082   -11.934 -10.398 1.00 22.63  ? 219 HOH A O     1 
HETATM 1361 O  O     . HOH D 4 .   ? 8.144   -13.646 9.444   1.00 20.81  ? 220 HOH A O     1 
HETATM 1362 O  O     . HOH D 4 .   ? -11.440 -7.384  2.034   1.00 24.40  ? 221 HOH A O     1 
HETATM 1363 O  O     . HOH D 4 .   ? -1.063  -3.115  -16.228 1.00 27.36  ? 222 HOH A O     1 
HETATM 1364 O  O     . HOH D 4 .   ? 13.601  -0.003  14.453  1.00 26.30  ? 223 HOH A O     1 
HETATM 1365 O  O     . HOH D 4 .   ? 15.526  1.356   13.311  1.00 26.96  ? 224 HOH A O     1 
HETATM 1366 O  O     . HOH D 4 .   ? -16.346 -0.787  -5.344  1.00 27.19  ? 225 HOH A O     1 
HETATM 1367 O  O     . HOH D 4 .   ? 8.129   -2.871  -16.677 1.00 26.61  ? 226 HOH A O     1 
HETATM 1368 O  O     . HOH D 4 .   ? 1.068   -10.522 8.595   1.00 31.40  ? 227 HOH A O     1 
HETATM 1369 O  O     . HOH D 4 .   ? -12.762 -5.514  15.386  1.00 32.60  ? 228 HOH A O     1 
HETATM 1370 O  O     . HOH D 4 .   ? -13.621 -9.768  0.629   1.00 27.47  ? 229 HOH A O     1 
HETATM 1371 O  O     . HOH D 4 .   ? 1.409   -1.753  -16.817 1.00 26.86  ? 230 HOH A O     1 
HETATM 1372 O  O     . HOH D 4 .   ? -8.515  -8.776  4.206   1.00 18.08  ? 231 HOH A O     1 
HETATM 1373 O  O     . HOH D 4 .   ? 8.274   2.200   -10.676 1.00 25.40  ? 232 HOH A O     1 
HETATM 1374 O  O     . HOH D 4 .   ? -0.673  10.099  12.262  1.00 31.94  ? 233 HOH A O     1 
HETATM 1375 O  O     . HOH D 4 .   ? -1.389  10.518  9.207   1.00 29.74  ? 234 HOH A O     1 
HETATM 1376 O  O     . HOH D 4 .   ? -4.292  -5.272  -18.539 1.00 24.17  ? 235 HOH A O     1 
HETATM 1377 O  O     . HOH D 4 .   ? 3.319   4.450   12.335  1.00 31.64  ? 236 HOH A O     1 
HETATM 1378 O  O     . HOH D 4 .   ? 1.584   -12.529 7.097   1.00 41.46  ? 237 HOH A O     1 
HETATM 1379 O  O     . HOH D 4 .   ? 4.454   -13.341 -1.351  1.00 33.39  ? 238 HOH A O     1 
HETATM 1380 O  O     . HOH D 4 .   ? 4.213   -14.113 6.831   1.00 23.97  ? 239 HOH A O     1 
HETATM 1381 O  O     . HOH D 4 .   ? 9.210   -2.633  -9.098  1.00 25.93  ? 240 HOH A O     1 
HETATM 1382 O  O     . HOH D 4 .   ? 5.073   -10.979 -16.800 1.00 40.53  ? 241 HOH A O     1 
HETATM 1383 O  O     . HOH D 4 .   ? 12.239  -2.484  -9.114  1.00 30.35  ? 242 HOH A O     1 
HETATM 1384 O  O     . HOH D 4 .   ? -3.862  21.538  -0.770  1.00 36.49  ? 243 HOH A O     1 
HETATM 1385 O  O     . HOH D 4 .   ? 13.858  -5.229  14.825  1.00 36.33  ? 244 HOH A O     1 
HETATM 1386 O  O     . HOH D 4 .   ? -11.656 -3.203  7.743   1.00 30.05  ? 245 HOH A O     1 
HETATM 1387 O  O     . HOH D 4 .   ? 14.598  -2.627  15.578  1.00 30.12  ? 246 HOH A O     1 
HETATM 1388 O  O     . HOH D 4 .   ? 3.997   -14.244 4.175   1.00 24.78  ? 247 HOH A O     1 
HETATM 1389 O  O     . HOH D 4 .   ? 9.727   -7.604  -15.607 1.00 21.35  ? 248 HOH A O     1 
HETATM 1390 O  O     . HOH D 4 .   ? 14.923  -7.228  1.297   1.00 49.19  ? 249 HOH A O     1 
HETATM 1391 O  O     . HOH D 4 .   ? 1.707   -13.989 -1.530  1.00 37.19  ? 250 HOH A O     1 
HETATM 1392 O  O     . HOH D 4 .   ? -9.273  -15.589 6.165   1.00 28.92  ? 251 HOH A O     1 
HETATM 1393 O  O     . HOH D 4 .   ? 17.262  7.050   3.119   1.00 44.11  ? 252 HOH A O     1 
HETATM 1394 O  O     . HOH D 4 .   ? -11.123 -4.514  0.934   1.00 29.99  ? 253 HOH A O     1 
HETATM 1395 O  O     . HOH D 4 .   ? -15.139 -9.106  -2.370  1.00 31.31  ? 254 HOH A O     1 
HETATM 1396 O  O     . HOH D 4 .   ? -6.618  -5.171  -19.257 1.00 33.71  ? 255 HOH A O     1 
HETATM 1397 O  O     . HOH D 4 .   ? 16.929  -4.796  3.843   1.00 30.93  ? 256 HOH A O     1 
HETATM 1398 O  O     . HOH D 4 .   ? -7.768  16.809  2.107   1.00 33.77  ? 257 HOH A O     1 
HETATM 1399 O  O     . HOH D 4 .   ? -3.537  -6.483  17.045  1.00 31.59  ? 258 HOH A O     1 
HETATM 1400 O  O     . HOH D 4 .   ? -4.242  -9.147  -17.658 1.00 31.14  ? 259 HOH A O     1 
HETATM 1401 O  O     . HOH D 4 .   ? 1.610   -16.348 -2.843  1.00 28.52  ? 260 HOH A O     1 
HETATM 1402 O  O     . HOH D 4 .   ? -11.352 -2.940  3.107   1.00 27.52  ? 261 HOH A O     1 
HETATM 1403 O  O     . HOH D 4 .   ? -8.879  -14.797 -0.244  1.00 34.00  ? 262 HOH A O     1 
HETATM 1404 O  O     . HOH D 4 .   ? 4.887   -3.406  -16.734 1.00 36.27  ? 263 HOH A O     1 
HETATM 1405 O  O     . HOH D 4 .   ? 6.839   3.876   13.535  1.00 36.19  ? 264 HOH A O     1 
HETATM 1406 O  O     . HOH D 4 .   ? 16.288  -7.339  9.487   1.00 41.25  ? 265 HOH A O     1 
HETATM 1407 O  O     . HOH D 4 .   ? -1.246  22.397  -8.080  1.00 29.37  ? 266 HOH A O     1 
HETATM 1408 O  O     . HOH D 4 .   ? 12.742  -7.651  -7.270  1.00 30.14  ? 267 HOH A O     1 
HETATM 1409 O  O     . HOH D 4 .   ? 2.076   -26.796 -6.645  1.00 42.81  ? 268 HOH A O     1 
HETATM 1410 O  O     . HOH D 4 .   ? -2.169  -8.424  13.363  1.00 30.02  ? 269 HOH A O     1 
HETATM 1411 O  O     . HOH D 4 .   ? 2.705   20.454  -7.696  1.00 31.59  ? 270 HOH A O     1 
HETATM 1412 O  O     . HOH D 4 .   ? 1.821   -20.583 -8.085  1.00 34.80  ? 271 HOH A O     1 
HETATM 1413 O  O     . HOH D 4 .   ? -9.526  -11.836 20.245  1.00 29.14  ? 272 HOH A O     1 
HETATM 1414 O  O     . HOH D 4 .   ? -6.552  -11.336 6.189   1.00 23.09  ? 273 HOH A O     1 
HETATM 1415 O  O     . HOH D 4 .   ? -8.327  -3.194  -15.393 1.00 31.73  ? 274 HOH A O     1 
HETATM 1416 O  O     . HOH D 4 .   ? 12.294  -7.823  -14.108 1.00 33.36  ? 275 HOH A O     1 
HETATM 1417 O  O     . HOH D 4 .   ? -4.238  8.602   9.892   1.00 29.90  ? 276 HOH A O     1 
HETATM 1418 O  O     . HOH D 4 .   ? -11.599 3.856   15.427  1.00 49.35  ? 277 HOH A O     1 
HETATM 1419 O  O     . HOH D 4 .   ? -15.848 4.117   -1.980  1.00 30.63  ? 278 HOH A O     1 
HETATM 1420 O  O     . HOH D 4 .   ? 2.815   -13.163 -11.945 1.00 47.10  ? 279 HOH A O     1 
HETATM 1421 O  O     . HOH D 4 .   ? -7.817  -14.266 -4.256  1.00 38.22  ? 280 HOH A O     1 
HETATM 1422 O  O     . HOH D 4 .   ? 5.258   5.806   13.671  1.00 50.94  ? 281 HOH A O     1 
HETATM 1423 O  O     . HOH D 4 .   ? -10.886 -14.832 -3.981  1.00 29.61  ? 282 HOH A O     1 
HETATM 1424 O  O     . HOH D 4 .   ? -1.928  -27.931 -4.476  1.00 38.96  ? 283 HOH A O     1 
HETATM 1425 O  O     . HOH D 4 .   ? -14.914 5.015   -8.661  1.00 33.62  ? 284 HOH A O     1 
HETATM 1426 O  O     . HOH D 4 .   ? 5.204   -11.574 -11.610 1.00 38.49  ? 285 HOH A O     1 
HETATM 1427 O  O     . HOH D 4 .   ? -9.819  -9.912  17.984  1.00 31.69  ? 286 HOH A O     1 
HETATM 1428 O  O     . HOH D 4 .   ? -6.572  22.776  -0.999  1.00 36.89  ? 287 HOH A O     1 
HETATM 1429 O  O     . HOH D 4 .   ? -8.910  0.001   -13.636 1.00 37.95  ? 288 HOH A O     1 
HETATM 1430 O  O     . HOH D 4 .   ? -11.304 17.053  -0.747  1.00 40.14  ? 289 HOH A O     1 
HETATM 1431 O  O     . HOH D 4 .   ? 1.221   -14.250 4.637   1.00 32.89  ? 290 HOH A O     1 
HETATM 1432 O  O     . HOH D 4 .   ? -15.643 -3.183  -5.304  1.00 33.22  ? 291 HOH A O     1 
HETATM 1433 O  O     . HOH D 4 .   ? 15.290  -7.233  14.571  1.00 60.98  ? 292 HOH A O     1 
HETATM 1434 O  O     . HOH D 4 .   ? 2.630   19.320  -10.304 1.00 40.58  ? 293 HOH A O     1 
HETATM 1435 O  O     . HOH D 4 .   ? 4.783   4.548   -16.550 1.00 41.55  ? 294 HOH A O     1 
HETATM 1436 O  O     . HOH D 4 .   ? -14.558 10.324  -3.657  1.00 34.64  ? 295 HOH A O     1 
HETATM 1437 O  O     . HOH D 4 .   ? -1.537  -2.346  19.402  1.00 31.76  ? 296 HOH A O     1 
HETATM 1438 O  O     . HOH D 4 .   ? -11.769 -14.639 16.995  1.00 43.63  ? 297 HOH A O     1 
HETATM 1439 O  O     . HOH D 4 .   ? -9.518  3.325   -12.716 1.00 40.51  ? 298 HOH A O     1 
HETATM 1440 O  O     . HOH D 4 .   ? 18.745  -2.171  3.985   1.00 39.83  ? 299 HOH A O     1 
HETATM 1441 O  O     . HOH D 4 .   ? -14.316 11.681  -0.015  1.00 28.73  ? 300 HOH A O     1 
HETATM 1442 O  O     . HOH D 4 .   ? -11.501 -7.709  4.637   1.00 53.23  ? 301 HOH A O     1 
HETATM 1443 O  O     . HOH D 4 .   ? 8.274   10.069  1.022   1.00 47.31  ? 302 HOH A O     1 
HETATM 1444 O  O     . HOH D 4 .   ? -6.853  -16.320 -0.755  1.00 45.55  ? 303 HOH A O     1 
HETATM 1445 O  O     . HOH D 4 .   ? 13.911  -9.943  -12.636 1.00 54.38  ? 304 HOH A O     1 
HETATM 1446 O  O     . HOH D 4 .   ? -5.010  -13.265 5.511   1.00 48.12  ? 305 HOH A O     1 
HETATM 1447 O  O     . HOH D 4 .   ? -7.436  5.232   -13.858 1.00 49.61  ? 306 HOH A O     1 
HETATM 1448 O  O     . HOH D 4 .   ? -5.044  3.849   19.548  1.00 43.93  ? 307 HOH A O     1 
HETATM 1449 O  O     . HOH D 4 .   ? -13.120 2.155   14.223  1.00 50.59  ? 308 HOH A O     1 
HETATM 1450 O  O     . HOH D 4 .   ? 11.547  -15.500 7.827   1.00 44.65  ? 309 HOH A O     1 
HETATM 1451 O  O     . HOH D 4 .   ? 6.974   8.837   3.121   1.00 43.41  ? 310 HOH A O     1 
HETATM 1452 O  O     . HOH D 4 .   ? 12.216  -15.547 2.122   1.00 47.55  ? 311 HOH A O     1 
HETATM 1453 O  O     . HOH D 4 .   ? 14.057  -9.945  12.460  1.00 42.07  ? 312 HOH A O     1 
HETATM 1454 O  O     . HOH D 4 .   ? 4.348   19.337  0.930   1.00 40.94  ? 313 HOH A O     1 
HETATM 1455 O  O     . HOH D 4 .   ? -9.332  8.393   7.733   1.00 41.43  ? 314 HOH A O     1 
HETATM 1456 O  O     . HOH D 4 .   ? 3.551   -22.223 -5.510  1.00 47.42  ? 315 HOH A O     1 
HETATM 1457 O  O     . HOH D 4 .   ? 1.759   -5.228  -17.415 1.00 121.71 ? 316 HOH A O     1 
HETATM 1458 O  O     . HOH D 4 .   ? -14.644 16.449  -6.095  1.00 62.56  ? 317 HOH A O     1 
HETATM 1459 O  O     . HOH D 4 .   ? 1.642   3.282   16.103  1.00 42.05  ? 318 HOH A O     1 
HETATM 1460 O  O     . HOH D 4 .   ? -0.715  -13.298 -13.765 1.00 38.38  ? 319 HOH A O     1 
HETATM 1461 O  O     . HOH D 4 .   ? -11.981 -5.248  6.162   1.00 53.99  ? 320 HOH A O     1 
HETATM 1462 O  O     . HOH D 4 .   ? -7.013  7.749   9.731   1.00 47.82  ? 321 HOH A O     1 
HETATM 1463 O  O     . HOH D 4 .   ? -12.069 -15.097 2.995   1.00 31.57  ? 322 HOH A O     1 
HETATM 1464 O  O     . HOH D 4 .   ? 20.495  -1.332  6.415   1.00 49.05  ? 323 HOH A O     1 
HETATM 1465 O  O     . HOH D 4 .   ? -16.650 7.180   -6.092  1.00 47.93  ? 324 HOH A O     1 
HETATM 1466 O  O     . HOH D 4 .   ? 7.328   -10.408 15.812  1.00 46.78  ? 325 HOH A O     1 
HETATM 1467 O  O     . HOH D 4 .   ? -7.099  -11.994 8.863   1.00 47.02  ? 326 HOH A O     1 
HETATM 1468 O  O     . HOH D 4 .   ? 9.992   3.298   -8.314  1.00 45.65  ? 327 HOH A O     1 
HETATM 1469 O  O     . HOH D 4 .   ? 5.719   10.597  4.581   1.00 52.86  ? 328 HOH A O     1 
HETATM 1470 O  O     . HOH D 4 .   ? 12.444  8.200   3.955   1.00 41.59  ? 329 HOH A O     1 
HETATM 1471 O  O     . HOH D 4 .   ? 8.424   6.756   -4.649  1.00 34.45  ? 330 HOH A O     1 
HETATM 1472 O  O     . HOH D 4 .   ? 8.240   16.627  -3.870  1.00 47.20  ? 331 HOH A O     1 
HETATM 1473 O  O     . HOH D 4 .   ? 7.959   13.833  -14.848 1.00 98.62  ? 332 HOH A O     1 
HETATM 1474 O  O     . HOH D 4 .   ? 13.862  -10.038 -8.503  1.00 56.77  ? 333 HOH A O     1 
HETATM 1475 O  O     . HOH D 4 .   ? -15.294 7.391   -11.015 1.00 66.23  ? 334 HOH A O     1 
HETATM 1476 O  O     . HOH D 4 .   ? -1.665  -13.061 -16.255 1.00 48.51  ? 335 HOH A O     1 
HETATM 1477 O  O     . HOH D 4 .   ? -8.918  7.375   12.400  1.00 48.10  ? 336 HOH A O     1 
HETATM 1478 O  O     . HOH D 4 .   ? 7.815   9.234   -5.159  1.00 45.97  ? 337 HOH A O     1 
HETATM 1479 O  O     . HOH D 4 .   ? 0.438   4.566   -14.584 1.00 56.21  ? 338 HOH A O     1 
HETATM 1480 O  O     . HOH D 4 .   ? 2.767   5.820   -14.847 1.00 56.93  ? 339 HOH A O     1 
HETATM 1481 O  O     . HOH D 4 .   ? -1.419  19.568  -0.406  1.00 62.17  ? 340 HOH A O     1 
HETATM 1482 O  O     . HOH D 4 .   ? 0.154   17.682  -1.105  1.00 38.94  ? 341 HOH A O     1 
HETATM 1483 O  O     . HOH D 4 .   ? 14.308  -10.709 -0.353  1.00 35.53  ? 342 HOH A O     1 
HETATM 1484 O  O     . HOH D 4 .   ? 10.899  -1.235  18.065  1.00 45.47  ? 343 HOH A O     1 
HETATM 1485 O  O     . HOH D 4 .   ? 1.858   -13.108 -3.623  1.00 47.67  ? 344 HOH A O     1 
HETATM 1486 O  O     . HOH D 4 .   ? 5.251   13.694  -1.322  1.00 47.56  ? 345 HOH A O     1 
HETATM 1487 O  O     . HOH D 4 .   ? -5.136  11.353  -13.875 1.00 45.18  ? 346 HOH A O     1 
HETATM 1488 O  O     . HOH D 4 .   ? 4.918   -12.963 -14.999 1.00 67.04  ? 347 HOH A O     1 
HETATM 1489 O  O     . HOH D 4 .   ? 6.627   -16.705 1.299   1.00 39.27  ? 348 HOH A O     1 
HETATM 1490 O  O     . HOH D 4 .   ? -8.739  18.904  -14.267 1.00 58.89  ? 349 HOH A O     1 
HETATM 1491 O  O     . HOH D 4 .   ? 5.216   14.995  0.836   1.00 47.44  ? 350 HOH A O     1 
HETATM 1492 O  O     . HOH D 4 .   ? -4.645  8.756   -13.507 1.00 45.27  ? 351 HOH A O     1 
HETATM 1493 O  O     . HOH D 4 .   ? -14.560 7.882   1.344   1.00 38.11  ? 352 HOH A O     1 
HETATM 1494 O  O     . HOH D 4 .   ? 1.659   -17.202 -8.408  1.00 38.43  ? 353 HOH A O     1 
HETATM 1495 O  O     . HOH D 4 .   ? 5.664   -15.714 -1.423  1.00 40.65  ? 354 HOH A O     1 
HETATM 1496 O  O     . HOH D 4 .   ? 6.420   14.672  -3.541  1.00 53.61  ? 355 HOH A O     1 
HETATM 1497 O  O     . HOH D 4 .   ? 7.131   13.221  -7.636  1.00 41.11  ? 356 HOH A O     1 
HETATM 1498 O  O     . HOH D 4 .   ? -5.038  6.137   18.096  1.00 48.72  ? 357 HOH A O     1 
HETATM 1499 O  O     . HOH D 4 .   ? -5.192  -16.329 1.414   1.00 52.22  ? 358 HOH A O     1 
HETATM 1500 O  O     . HOH D 4 .   ? -3.257  -20.928 2.329   1.00 40.51  ? 359 HOH A O     1 
HETATM 1501 O  O     . HOH D 4 .   ? 1.898   8.765   -13.825 1.00 41.38  ? 360 HOH A O     1 
HETATM 1502 O  O     . HOH D 4 .   ? -7.685  20.994  -12.972 1.00 58.15  ? 361 HOH A O     1 
HETATM 1503 O  O     . HOH D 4 .   ? -4.996  -8.551  15.841  1.00 47.97  ? 362 HOH A O     1 
HETATM 1504 O  O     . HOH D 4 .   ? -7.927  1.131   -16.523 1.00 48.65  ? 363 HOH A O     1 
HETATM 1505 O  O     . HOH D 4 .   ? 16.693  -8.279  6.285   1.00 40.70  ? 364 HOH A O     1 
HETATM 1506 O  O     . HOH D 4 .   ? -16.005 5.781   0.375   1.00 44.32  ? 365 HOH A O     1 
HETATM 1507 O  O     . HOH D 4 .   ? 10.637  -10.476 -13.858 1.00 48.90  ? 366 HOH A O     1 
HETATM 1508 O  O     . HOH D 4 .   ? 12.170  -11.967 -7.128  1.00 46.94  ? 367 HOH A O     1 
HETATM 1509 O  O     . HOH D 4 .   ? 8.133   14.169  -5.331  1.00 56.44  ? 368 HOH A O     1 
HETATM 1510 O  O     . HOH D 4 .   ? 17.110  -8.116  11.569  1.00 46.97  ? 369 HOH A O     1 
HETATM 1511 O  O     . HOH D 4 .   ? 15.951  -9.562  4.138   1.00 41.65  ? 370 HOH A O     1 
HETATM 1512 O  O     . HOH D 4 .   ? 6.969   -11.885 -8.438  1.00 32.79  ? 371 HOH A O     1 
HETATM 1513 O  O     . HOH D 4 .   ? -6.752  -10.056 17.202  1.00 49.35  ? 372 HOH A O     1 
HETATM 1514 O  O     . HOH D 4 .   ? 17.978  4.299   7.056   1.00 43.18  ? 373 HOH A O     1 
HETATM 1515 O  O     . HOH D 4 .   ? 18.718  5.625   4.842   1.00 49.83  ? 374 HOH A O     1 
HETATM 1516 O  O     . HOH D 4 .   ? -0.776  3.265   3.153   1.00 140.15 ? 375 HOH A O     1 
HETATM 1517 O  O     . HOH D 4 .   ? -7.607  6.435   -11.598 1.00 205.64 ? 376 HOH A O     1 
HETATM 1518 O  O     . HOH D 4 .   ? -13.942 -1.826  0.341   1.00 48.55  ? 377 HOH A O     1 
HETATM 1519 O  O     . HOH D 4 .   ? -5.656  -15.739 -3.100  1.00 47.08  ? 378 HOH A O     1 
HETATM 1520 O  O     . HOH D 4 .   ? -15.364 -13.128 13.286  1.00 39.48  ? 379 HOH A O     1 
HETATM 1521 O  O     . HOH D 4 .   ? 16.868  5.585   8.782   1.00 52.08  ? 380 HOH A O     1 
HETATM 1522 O  O     . HOH D 4 .   ? -0.866  2.255   19.513  1.00 51.95  ? 381 HOH A O     1 
HETATM 1523 O  O     . HOH D 4 .   ? -3.764  -13.108 -17.837 1.00 54.97  ? 382 HOH A O     1 
HETATM 1524 O  O     . HOH D 4 .   ? 7.519   6.480   9.316   1.00 26.94  ? 383 HOH A O     1 
HETATM 1525 O  O     . HOH D 4 .   ? 8.521   -12.219 14.636  1.00 59.40  ? 384 HOH A O     1 
HETATM 1526 O  O     . HOH D 4 .   ? 1.484   1.443   20.420  1.00 49.78  ? 385 HOH A O     1 
HETATM 1527 O  O     . HOH D 4 .   ? 4.314   -16.358 2.499   1.00 43.20  ? 386 HOH A O     1 
HETATM 1528 O  O     . HOH D 4 .   ? 10.483  -5.599  22.845  1.00 47.53  ? 387 HOH A O     1 
HETATM 1529 O  O     . HOH D 4 .   ? -14.169 -12.893 10.290  1.00 49.06  ? 388 HOH A O     1 
HETATM 1530 O  O     . HOH D 4 .   ? -8.238  -0.707  -2.036  1.00 274.14 ? 389 HOH A O     1 
HETATM 1531 O  O     . HOH D 4 .   ? -16.307 -10.576 13.934  1.00 47.75  ? 390 HOH A O     1 
HETATM 1532 O  O     . HOH D 4 .   ? 19.036  -3.025  -1.975  1.00 55.86  ? 391 HOH A O     1 
HETATM 1533 O  O     . HOH D 4 .   ? 12.560  -0.316  -7.746  1.00 56.36  ? 392 HOH A O     1 
HETATM 1534 O  O     . HOH D 4 .   ? -15.081 -14.381 3.822   1.00 42.69  ? 393 HOH A O     1 
HETATM 1535 O  O     . HOH D 4 .   ? -1.713  -11.377 10.719  1.00 54.11  ? 394 HOH A O     1 
HETATM 1536 O  O     . HOH D 4 .   ? -7.359  11.229  7.427   1.00 58.48  ? 395 HOH A O     1 
HETATM 1537 O  O     . HOH D 4 .   ? -14.501 0.538   12.724  1.00 45.67  ? 396 HOH A O     1 
HETATM 1538 O  O     . HOH D 4 .   ? 8.382   10.072  -7.477  1.00 64.63  ? 397 HOH A O     1 
HETATM 1539 O  O     . HOH D 4 .   ? 19.061  -1.413  11.235  1.00 47.41  ? 398 HOH A O     1 
HETATM 1540 O  O     . HOH D 4 .   ? -6.211  -11.719 11.831  1.00 61.72  ? 399 HOH A O     1 
HETATM 1541 O  O     . HOH D 4 .   ? 12.305  1.342   -10.201 1.00 63.61  ? 400 HOH A O     1 
HETATM 1542 O  O     . HOH D 4 .   ? 19.624  -1.833  1.466   1.00 43.97  ? 401 HOH A O     1 
HETATM 1543 O  O     . HOH D 4 .   ? -16.156 -8.941  11.837  1.00 52.80  ? 402 HOH A O     1 
HETATM 1544 O  O     . HOH D 4 .   ? -13.810 -9.314  6.322   1.00 38.28  ? 403 HOH A O     1 
HETATM 1545 O  O     . HOH D 4 .   ? -8.001  12.307  -14.276 1.00 27.53  ? 404 HOH A O     1 
HETATM 1546 O  O     . HOH D 4 .   ? 18.935  -4.169  10.117  1.00 53.90  ? 405 HOH A O     1 
HETATM 1547 O  O     . HOH D 4 .   ? 17.189  -2.697  15.036  1.00 49.93  ? 406 HOH A O     1 
HETATM 1548 O  O     . HOH D 4 .   ? 2.969   -17.083 -4.980  1.00 61.72  ? 407 HOH A O     1 
HETATM 1549 O  O     . HOH D 4 .   ? 3.501   2.647   18.471  1.00 41.12  ? 408 HOH A O     1 
HETATM 1550 O  O     . HOH D 4 .   ? -7.870  24.303  -8.072  1.00 55.16  ? 409 HOH A O     1 
HETATM 1551 O  O     . HOH D 4 .   ? 9.910   5.993   -12.748 1.00 61.49  ? 410 HOH A O     1 
HETATM 1552 O  O     . HOH D 4 .   ? 6.634   18.856  -9.764  1.00 48.43  ? 411 HOH A O     1 
HETATM 1553 O  O     . HOH D 4 .   ? 0.337   -20.221 2.424   1.00 56.07  ? 412 HOH A O     1 
HETATM 1554 O  O     . HOH D 4 .   ? -10.236 22.653  -7.927  1.00 46.47  ? 413 HOH A O     1 
HETATM 1555 O  O     . HOH D 4 .   ? 6.758   -0.558  -19.598 1.00 47.16  ? 414 HOH A O     1 
HETATM 1556 O  O     . HOH D 4 .   ? -7.404  4.711   15.684  1.00 48.58  ? 415 HOH A O     1 
HETATM 1557 O  O     . HOH D 4 .   ? -8.979  -11.425 11.538  1.00 52.29  ? 416 HOH A O     1 
HETATM 1558 O  O     . HOH D 4 .   ? 17.933  0.178   13.135  1.00 80.09  ? 417 HOH A O     1 
HETATM 1559 O  O     . HOH D 4 .   ? 5.766   -17.088 -3.934  1.00 76.69  ? 418 HOH A O     1 
HETATM 1560 O  O     . HOH D 4 .   ? -3.466  19.723  1.590   1.00 69.14  ? 419 HOH A O     1 
HETATM 1561 O  O     . HOH D 4 .   ? 10.842  3.454   14.341  1.00 39.30  ? 420 HOH A O     1 
# 
